data_1HKS
# 
_entry.id   1HKS 
# 
_audit_conform.dict_name       mmcif_pdbx.dic 
_audit_conform.dict_version    5.392 
_audit_conform.dict_location   http://mmcif.pdb.org/dictionaries/ascii/mmcif_pdbx.dic 
# 
loop_
_database_2.database_id 
_database_2.database_code 
_database_2.pdbx_database_accession 
_database_2.pdbx_DOI 
PDB   1HKS         pdb_00001hks 10.2210/pdb1hks/pdb 
WWPDB D_1000173889 ?            ?                   
# 
loop_
_pdbx_audit_revision_history.ordinal 
_pdbx_audit_revision_history.data_content_type 
_pdbx_audit_revision_history.major_revision 
_pdbx_audit_revision_history.minor_revision 
_pdbx_audit_revision_history.revision_date 
1 'Structure model' 1 0 1994-09-30 
2 'Structure model' 1 1 2008-03-24 
3 'Structure model' 1 2 2011-07-13 
4 'Structure model' 1 3 2022-02-23 
5 'Structure model' 1 4 2024-05-22 
# 
_pdbx_audit_revision_details.ordinal             1 
_pdbx_audit_revision_details.revision_ordinal    1 
_pdbx_audit_revision_details.data_content_type   'Structure model' 
_pdbx_audit_revision_details.provider            repository 
_pdbx_audit_revision_details.type                'Initial release' 
_pdbx_audit_revision_details.description         ? 
_pdbx_audit_revision_details.details             ? 
# 
loop_
_pdbx_audit_revision_group.ordinal 
_pdbx_audit_revision_group.revision_ordinal 
_pdbx_audit_revision_group.data_content_type 
_pdbx_audit_revision_group.group 
1 2 'Structure model' 'Version format compliance' 
2 3 'Structure model' 'Version format compliance' 
3 4 'Structure model' 'Database references'       
4 4 'Structure model' 'Derived calculations'      
5 4 'Structure model' Other                       
6 5 'Structure model' 'Data collection'           
# 
loop_
_pdbx_audit_revision_category.ordinal 
_pdbx_audit_revision_category.revision_ordinal 
_pdbx_audit_revision_category.data_content_type 
_pdbx_audit_revision_category.category 
1 4 'Structure model' database_2            
2 4 'Structure model' pdbx_database_status  
3 4 'Structure model' pdbx_struct_assembly  
4 4 'Structure model' pdbx_struct_oper_list 
5 5 'Structure model' chem_comp_atom        
6 5 'Structure model' chem_comp_bond        
# 
loop_
_pdbx_audit_revision_item.ordinal 
_pdbx_audit_revision_item.revision_ordinal 
_pdbx_audit_revision_item.data_content_type 
_pdbx_audit_revision_item.item 
1 4 'Structure model' '_database_2.pdbx_DOI'                
2 4 'Structure model' '_database_2.pdbx_database_accession' 
3 4 'Structure model' '_pdbx_database_status.process_site'  
# 
_pdbx_database_status.status_code                     REL 
_pdbx_database_status.entry_id                        1HKS 
_pdbx_database_status.recvd_initial_deposition_date   1994-07-18 
_pdbx_database_status.deposit_site                    ? 
_pdbx_database_status.process_site                    BNL 
_pdbx_database_status.status_code_sf                  ? 
_pdbx_database_status.status_code_mr                  REL 
_pdbx_database_status.SG_entry                        ? 
_pdbx_database_status.pdb_format_compatible           Y 
_pdbx_database_status.status_code_cs                  ? 
_pdbx_database_status.status_code_nmr_data            ? 
_pdbx_database_status.methods_development_category    ? 
# 
_pdbx_database_related.db_name        PDB 
_pdbx_database_related.db_id          1HKT 
_pdbx_database_related.details        . 
_pdbx_database_related.content_type   ensemble 
# 
loop_
_audit_author.name 
_audit_author.pdbx_ordinal 
'Vuister, G.W.'   1 
'Kim, S.-J.'      2 
'Orosz, A.'       3 
'Marquardt, J.L.' 4 
'Wu, C.'          5 
'Bax, A.'         6 
# 
loop_
_citation.id 
_citation.title 
_citation.journal_abbrev 
_citation.journal_volume 
_citation.page_first 
_citation.page_last 
_citation.year 
_citation.journal_id_ASTM 
_citation.country 
_citation.journal_id_ISSN 
_citation.journal_id_CSD 
_citation.book_publisher 
_citation.pdbx_database_id_PubMed 
_citation.pdbx_database_id_DOI 
primary 'Solution structure of the DNA-binding domain of Drosophila heat shock transcription factor.' Nat.Struct.Biol. 1  605 614 
1994 NSBIEW US 1072-8368 2024 ? 7634100 10.1038/nsb0994-605 
1       
;NMR Evidence for Similarities between the DNA-Binding Regions of Drosophila Melanogaster Heat Shock Factor and the Helix-Turn-Helix and HNF-3(Slash)Forkhead Families of Transcription Factors
;
Biochemistry     33 10  ?   1994 BICHAW US 0006-2960 0033 ? ?       ?                   
# 
loop_
_citation_author.citation_id 
_citation_author.name 
_citation_author.ordinal 
_citation_author.identifier_ORCID 
primary 'Vuister, G.W.' 1  ? 
primary 'Kim, S.J.'     2  ? 
primary 'Orosz, A.'     3  ? 
primary 'Marquardt, J.' 4  ? 
primary 'Wu, C.'        5  ? 
primary 'Bax, A.'       6  ? 
1       'Vuister, G.W.' 7  ? 
1       'Kim, S.-J.'    8  ? 
1       'Wu, C.'        9  ? 
1       'Bax, A.'       10 ? 
# 
_entity.id                         1 
_entity.type                       polymer 
_entity.src_method                 man 
_entity.pdbx_description           'HEAT-SHOCK TRANSCRIPTION FACTOR' 
_entity.formula_weight             12409.178 
_entity.pdbx_number_of_molecules   1 
_entity.pdbx_ec                    ? 
_entity.pdbx_mutation              ? 
_entity.pdbx_fragment              ? 
_entity.details                    ? 
# 
_entity_poly.entity_id                      1 
_entity_poly.type                           'polypeptide(L)' 
_entity_poly.nstd_linkage                   no 
_entity_poly.nstd_monomer                   no 
_entity_poly.pdbx_seq_one_letter_code       
;GSGVPAFLAKLWRLVDDADTNRLICWTKDGQSFVIQNQAQFAKELLPLNYKHNNMASFIRQLNMYGFHKITSIDNGGLRF
DRDEIEFSHPFFKRNSPFLLDQIKRK
;
_entity_poly.pdbx_seq_one_letter_code_can   
;GSGVPAFLAKLWRLVDDADTNRLICWTKDGQSFVIQNQAQFAKELLPLNYKHNNMASFIRQLNMYGFHKITSIDNGGLRF
DRDEIEFSHPFFKRNSPFLLDQIKRK
;
_entity_poly.pdbx_strand_id                 A 
_entity_poly.pdbx_target_identifier         ? 
# 
loop_
_entity_poly_seq.entity_id 
_entity_poly_seq.num 
_entity_poly_seq.mon_id 
_entity_poly_seq.hetero 
1 1   GLY n 
1 2   SER n 
1 3   GLY n 
1 4   VAL n 
1 5   PRO n 
1 6   ALA n 
1 7   PHE n 
1 8   LEU n 
1 9   ALA n 
1 10  LYS n 
1 11  LEU n 
1 12  TRP n 
1 13  ARG n 
1 14  LEU n 
1 15  VAL n 
1 16  ASP n 
1 17  ASP n 
1 18  ALA n 
1 19  ASP n 
1 20  THR n 
1 21  ASN n 
1 22  ARG n 
1 23  LEU n 
1 24  ILE n 
1 25  CYS n 
1 26  TRP n 
1 27  THR n 
1 28  LYS n 
1 29  ASP n 
1 30  GLY n 
1 31  GLN n 
1 32  SER n 
1 33  PHE n 
1 34  VAL n 
1 35  ILE n 
1 36  GLN n 
1 37  ASN n 
1 38  GLN n 
1 39  ALA n 
1 40  GLN n 
1 41  PHE n 
1 42  ALA n 
1 43  LYS n 
1 44  GLU n 
1 45  LEU n 
1 46  LEU n 
1 47  PRO n 
1 48  LEU n 
1 49  ASN n 
1 50  TYR n 
1 51  LYS n 
1 52  HIS n 
1 53  ASN n 
1 54  ASN n 
1 55  MET n 
1 56  ALA n 
1 57  SER n 
1 58  PHE n 
1 59  ILE n 
1 60  ARG n 
1 61  GLN n 
1 62  LEU n 
1 63  ASN n 
1 64  MET n 
1 65  TYR n 
1 66  GLY n 
1 67  PHE n 
1 68  HIS n 
1 69  LYS n 
1 70  ILE n 
1 71  THR n 
1 72  SER n 
1 73  ILE n 
1 74  ASP n 
1 75  ASN n 
1 76  GLY n 
1 77  GLY n 
1 78  LEU n 
1 79  ARG n 
1 80  PHE n 
1 81  ASP n 
1 82  ARG n 
1 83  ASP n 
1 84  GLU n 
1 85  ILE n 
1 86  GLU n 
1 87  PHE n 
1 88  SER n 
1 89  HIS n 
1 90  PRO n 
1 91  PHE n 
1 92  PHE n 
1 93  LYS n 
1 94  ARG n 
1 95  ASN n 
1 96  SER n 
1 97  PRO n 
1 98  PHE n 
1 99  LEU n 
1 100 LEU n 
1 101 ASP n 
1 102 GLN n 
1 103 ILE n 
1 104 LYS n 
1 105 ARG n 
1 106 LYS n 
# 
_entity_src_gen.entity_id                          1 
_entity_src_gen.pdbx_src_id                        1 
_entity_src_gen.pdbx_alt_source_flag               sample 
_entity_src_gen.pdbx_seq_type                      ? 
_entity_src_gen.pdbx_beg_seq_num                   ? 
_entity_src_gen.pdbx_end_seq_num                   ? 
_entity_src_gen.gene_src_common_name               'fruit fly' 
_entity_src_gen.gene_src_genus                     Drosophila 
_entity_src_gen.pdbx_gene_src_gene                 ? 
_entity_src_gen.gene_src_species                   ? 
_entity_src_gen.gene_src_strain                    ? 
_entity_src_gen.gene_src_tissue                    ? 
_entity_src_gen.gene_src_tissue_fraction           ? 
_entity_src_gen.gene_src_details                   ? 
_entity_src_gen.pdbx_gene_src_fragment             ? 
_entity_src_gen.pdbx_gene_src_scientific_name      'Drosophila melanogaster' 
_entity_src_gen.pdbx_gene_src_ncbi_taxonomy_id     7227 
_entity_src_gen.pdbx_gene_src_variant              ? 
_entity_src_gen.pdbx_gene_src_cell_line            ? 
_entity_src_gen.pdbx_gene_src_atcc                 ? 
_entity_src_gen.pdbx_gene_src_organ                ? 
_entity_src_gen.pdbx_gene_src_organelle            ? 
_entity_src_gen.pdbx_gene_src_cell                 ? 
_entity_src_gen.pdbx_gene_src_cellular_location    ? 
_entity_src_gen.host_org_common_name               ? 
_entity_src_gen.pdbx_host_org_scientific_name      ? 
_entity_src_gen.pdbx_host_org_ncbi_taxonomy_id     ? 
_entity_src_gen.host_org_genus                     ? 
_entity_src_gen.pdbx_host_org_gene                 ? 
_entity_src_gen.pdbx_host_org_organ                ? 
_entity_src_gen.host_org_species                   ? 
_entity_src_gen.pdbx_host_org_tissue               ? 
_entity_src_gen.pdbx_host_org_tissue_fraction      ? 
_entity_src_gen.pdbx_host_org_strain               ? 
_entity_src_gen.pdbx_host_org_variant              ? 
_entity_src_gen.pdbx_host_org_cell_line            ? 
_entity_src_gen.pdbx_host_org_atcc                 ? 
_entity_src_gen.pdbx_host_org_culture_collection   ? 
_entity_src_gen.pdbx_host_org_cell                 ? 
_entity_src_gen.pdbx_host_org_organelle            ? 
_entity_src_gen.pdbx_host_org_cellular_location    ? 
_entity_src_gen.pdbx_host_org_vector_type          ? 
_entity_src_gen.pdbx_host_org_vector               ? 
_entity_src_gen.host_org_details                   ? 
_entity_src_gen.expression_system_id               ? 
_entity_src_gen.plasmid_name                       ? 
_entity_src_gen.plasmid_details                    ? 
_entity_src_gen.pdbx_description                   ? 
# 
loop_
_chem_comp.id 
_chem_comp.type 
_chem_comp.mon_nstd_flag 
_chem_comp.name 
_chem_comp.pdbx_synonyms 
_chem_comp.formula 
_chem_comp.formula_weight 
ALA 'L-peptide linking' y ALANINE         ? 'C3 H7 N O2'     89.093  
ARG 'L-peptide linking' y ARGININE        ? 'C6 H15 N4 O2 1' 175.209 
ASN 'L-peptide linking' y ASPARAGINE      ? 'C4 H8 N2 O3'    132.118 
ASP 'L-peptide linking' y 'ASPARTIC ACID' ? 'C4 H7 N O4'     133.103 
CYS 'L-peptide linking' y CYSTEINE        ? 'C3 H7 N O2 S'   121.158 
GLN 'L-peptide linking' y GLUTAMINE       ? 'C5 H10 N2 O3'   146.144 
GLU 'L-peptide linking' y 'GLUTAMIC ACID' ? 'C5 H9 N O4'     147.129 
GLY 'peptide linking'   y GLYCINE         ? 'C2 H5 N O2'     75.067  
HIS 'L-peptide linking' y HISTIDINE       ? 'C6 H10 N3 O2 1' 156.162 
ILE 'L-peptide linking' y ISOLEUCINE      ? 'C6 H13 N O2'    131.173 
LEU 'L-peptide linking' y LEUCINE         ? 'C6 H13 N O2'    131.173 
LYS 'L-peptide linking' y LYSINE          ? 'C6 H15 N2 O2 1' 147.195 
MET 'L-peptide linking' y METHIONINE      ? 'C5 H11 N O2 S'  149.211 
PHE 'L-peptide linking' y PHENYLALANINE   ? 'C9 H11 N O2'    165.189 
PRO 'L-peptide linking' y PROLINE         ? 'C5 H9 N O2'     115.130 
SER 'L-peptide linking' y SERINE          ? 'C3 H7 N O3'     105.093 
THR 'L-peptide linking' y THREONINE       ? 'C4 H9 N O3'     119.119 
TRP 'L-peptide linking' y TRYPTOPHAN      ? 'C11 H12 N2 O2'  204.225 
TYR 'L-peptide linking' y TYROSINE        ? 'C9 H11 N O3'    181.189 
VAL 'L-peptide linking' y VALINE          ? 'C5 H11 N O2'    117.146 
# 
loop_
_pdbx_poly_seq_scheme.asym_id 
_pdbx_poly_seq_scheme.entity_id 
_pdbx_poly_seq_scheme.seq_id 
_pdbx_poly_seq_scheme.mon_id 
_pdbx_poly_seq_scheme.ndb_seq_num 
_pdbx_poly_seq_scheme.pdb_seq_num 
_pdbx_poly_seq_scheme.auth_seq_num 
_pdbx_poly_seq_scheme.pdb_mon_id 
_pdbx_poly_seq_scheme.auth_mon_id 
_pdbx_poly_seq_scheme.pdb_strand_id 
_pdbx_poly_seq_scheme.pdb_ins_code 
_pdbx_poly_seq_scheme.hetero 
A 1 1   GLY 1   43  43  GLY GLY A . n 
A 1 2   SER 2   44  44  SER SER A . n 
A 1 3   GLY 3   45  45  GLY GLY A . n 
A 1 4   VAL 4   46  46  VAL VAL A . n 
A 1 5   PRO 5   47  47  PRO PRO A . n 
A 1 6   ALA 6   48  48  ALA ALA A . n 
A 1 7   PHE 7   49  49  PHE PHE A . n 
A 1 8   LEU 8   50  50  LEU LEU A . n 
A 1 9   ALA 9   51  51  ALA ALA A . n 
A 1 10  LYS 10  52  52  LYS LYS A . n 
A 1 11  LEU 11  53  53  LEU LEU A . n 
A 1 12  TRP 12  54  54  TRP TRP A . n 
A 1 13  ARG 13  55  55  ARG ARG A . n 
A 1 14  LEU 14  56  56  LEU LEU A . n 
A 1 15  VAL 15  57  57  VAL VAL A . n 
A 1 16  ASP 16  58  58  ASP ASP A . n 
A 1 17  ASP 17  59  59  ASP ASP A . n 
A 1 18  ALA 18  60  60  ALA ALA A . n 
A 1 19  ASP 19  61  61  ASP ASP A . n 
A 1 20  THR 20  62  62  THR THR A . n 
A 1 21  ASN 21  63  63  ASN ASN A . n 
A 1 22  ARG 22  64  64  ARG ARG A . n 
A 1 23  LEU 23  65  65  LEU LEU A . n 
A 1 24  ILE 24  66  66  ILE ILE A . n 
A 1 25  CYS 25  67  67  CYS CYS A . n 
A 1 26  TRP 26  68  68  TRP TRP A . n 
A 1 27  THR 27  69  69  THR THR A . n 
A 1 28  LYS 28  70  70  LYS LYS A . n 
A 1 29  ASP 29  71  71  ASP ASP A . n 
A 1 30  GLY 30  72  72  GLY GLY A . n 
A 1 31  GLN 31  73  73  GLN GLN A . n 
A 1 32  SER 32  74  74  SER SER A . n 
A 1 33  PHE 33  75  75  PHE PHE A . n 
A 1 34  VAL 34  76  76  VAL VAL A . n 
A 1 35  ILE 35  77  77  ILE ILE A . n 
A 1 36  GLN 36  78  78  GLN GLN A . n 
A 1 37  ASN 37  79  79  ASN ASN A . n 
A 1 38  GLN 38  80  80  GLN GLN A . n 
A 1 39  ALA 39  81  81  ALA ALA A . n 
A 1 40  GLN 40  82  82  GLN GLN A . n 
A 1 41  PHE 41  83  83  PHE PHE A . n 
A 1 42  ALA 42  84  84  ALA ALA A . n 
A 1 43  LYS 43  85  85  LYS LYS A . n 
A 1 44  GLU 44  86  86  GLU GLU A . n 
A 1 45  LEU 45  87  87  LEU LEU A . n 
A 1 46  LEU 46  88  88  LEU LEU A . n 
A 1 47  PRO 47  89  89  PRO PRO A . n 
A 1 48  LEU 48  90  90  LEU LEU A . n 
A 1 49  ASN 49  91  91  ASN ASN A . n 
A 1 50  TYR 50  92  92  TYR TYR A . n 
A 1 51  LYS 51  93  93  LYS LYS A . n 
A 1 52  HIS 52  94  94  HIS HIS A . n 
A 1 53  ASN 53  95  95  ASN ASN A . n 
A 1 54  ASN 54  96  96  ASN ASN A . n 
A 1 55  MET 55  97  97  MET MET A . n 
A 1 56  ALA 56  98  98  ALA ALA A . n 
A 1 57  SER 57  99  99  SER SER A . n 
A 1 58  PHE 58  100 100 PHE PHE A . n 
A 1 59  ILE 59  101 101 ILE ILE A . n 
A 1 60  ARG 60  102 102 ARG ARG A . n 
A 1 61  GLN 61  103 103 GLN GLN A . n 
A 1 62  LEU 62  104 104 LEU LEU A . n 
A 1 63  ASN 63  105 105 ASN ASN A . n 
A 1 64  MET 64  106 106 MET MET A . n 
A 1 65  TYR 65  107 107 TYR TYR A . n 
A 1 66  GLY 66  108 108 GLY GLY A . n 
A 1 67  PHE 67  109 109 PHE PHE A . n 
A 1 68  HIS 68  110 110 HIS HIS A . n 
A 1 69  LYS 69  111 111 LYS LYS A . n 
A 1 70  ILE 70  112 112 ILE ILE A . n 
A 1 71  THR 71  113 113 THR THR A . n 
A 1 72  SER 72  114 114 SER SER A . n 
A 1 73  ILE 73  115 115 ILE ILE A . n 
A 1 74  ASP 74  116 116 ASP ASP A . n 
A 1 75  ASN 75  117 117 ASN ASN A . n 
A 1 76  GLY 76  118 118 GLY GLY A . n 
A 1 77  GLY 77  119 119 GLY GLY A . n 
A 1 78  LEU 78  120 120 LEU LEU A . n 
A 1 79  ARG 79  121 121 ARG ARG A . n 
A 1 80  PHE 80  122 122 PHE PHE A . n 
A 1 81  ASP 81  123 123 ASP ASP A . n 
A 1 82  ARG 82  124 124 ARG ARG A . n 
A 1 83  ASP 83  125 125 ASP ASP A . n 
A 1 84  GLU 84  126 126 GLU GLU A . n 
A 1 85  ILE 85  127 127 ILE ILE A . n 
A 1 86  GLU 86  128 128 GLU GLU A . n 
A 1 87  PHE 87  129 129 PHE PHE A . n 
A 1 88  SER 88  130 130 SER SER A . n 
A 1 89  HIS 89  131 131 HIS HIS A . n 
A 1 90  PRO 90  132 132 PRO PRO A . n 
A 1 91  PHE 91  133 133 PHE PHE A . n 
A 1 92  PHE 92  134 134 PHE PHE A . n 
A 1 93  LYS 93  135 135 LYS LYS A . n 
A 1 94  ARG 94  136 136 ARG ARG A . n 
A 1 95  ASN 95  137 137 ASN ASN A . n 
A 1 96  SER 96  138 138 SER SER A . n 
A 1 97  PRO 97  139 139 PRO PRO A . n 
A 1 98  PHE 98  140 140 PHE PHE A . n 
A 1 99  LEU 99  141 141 LEU LEU A . n 
A 1 100 LEU 100 142 142 LEU LEU A . n 
A 1 101 ASP 101 143 143 ASP ASP A . n 
A 1 102 GLN 102 144 144 GLN GLN A . n 
A 1 103 ILE 103 145 145 ILE ILE A . n 
A 1 104 LYS 104 146 146 LYS LYS A . n 
A 1 105 ARG 105 147 147 ARG ARG A . n 
A 1 106 LYS 106 148 148 LYS LYS A . n 
# 
_cell.entry_id           1HKS 
_cell.length_a           1.000 
_cell.length_b           1.000 
_cell.length_c           1.000 
_cell.angle_alpha        90.00 
_cell.angle_beta         90.00 
_cell.angle_gamma        90.00 
_cell.Z_PDB              1 
_cell.pdbx_unique_axis   ? 
# 
_symmetry.entry_id                         1HKS 
_symmetry.space_group_name_H-M             'P 1' 
_symmetry.pdbx_full_space_group_name_H-M   ? 
_symmetry.cell_setting                     ? 
_symmetry.Int_Tables_number                1 
# 
_exptl.entry_id          1HKS 
_exptl.method            'SOLUTION NMR' 
_exptl.crystals_number   ? 
# 
_struct.entry_id                  1HKS 
_struct.title                     'SOLUTION STRUCTURE OF THE DNA-BINDING DOMAIN OF DROSOPHILA HEAT SHOCK TRANSCRIPTION FACTOR' 
_struct.pdbx_model_details        ? 
_struct.pdbx_CASP_flag            ? 
_struct.pdbx_model_type_details   ? 
# 
_struct_keywords.entry_id        1HKS 
_struct_keywords.pdbx_keywords   'TRANSCRIPTION REGULATION' 
_struct_keywords.text            'TRANSCRIPTION REGULATION' 
# 
_struct_asym.id                            A 
_struct_asym.pdbx_blank_PDB_chainid_flag   Y 
_struct_asym.pdbx_modified                 N 
_struct_asym.entity_id                     1 
_struct_asym.details                       ? 
# 
_struct_ref.id                         1 
_struct_ref.db_name                    UNP 
_struct_ref.db_code                    HSF_DROME 
_struct_ref.entity_id                  1 
_struct_ref.pdbx_db_accession          P22813 
_struct_ref.pdbx_align_begin           1 
_struct_ref.pdbx_seq_one_letter_code   
;MSRSRSSAKAVQFKHESEEEEEDEEEQLPSRRMHSYGDAAAIGSGVPAFLAKLWRLVDDADTNRLICWTKDGQSFVIQNQ
AQFAKELLPLNYKHNNMASFIRQLNMYGFHKITSIDNGGLRFDRDEIEFSHPFFKRNSPFLLDQIKRKISNNKNGDDKGV
LKPEAMSKILTDVKVMRGRQDNLDSRFSAMKQENEVLWREIASLRQKHAKQQQIVNKLIQFLITIVQPSRNMSGVKRHVQ
LMINNTPEIDRARTTSETESESGGGPVIHELREELLDEVMNPSPAGYTAASHYDQESVSPPAVERPRSNMSISSHNVDYS
NQSVEDLLLQGNGTAGGNILVGGAASPMAQSVSQSPAQHDVYTVTEAPDSHVQEVPNSPPYYEEQNVLTTPMVREQEQQK
RQQLKENNKLRRQAGDVILDAGDILVDSSSPKAQRTSIQHSTQPDVMVQPMIIKSEPENSSGLMDLMTPANDLYSVNFIS
EDMPTDIFEDALLPDGVEEAAKLDQQQKFGQSTVSSGKFASNFDVPTNSTLLDANQASTSKAAAKAQASEEEGMAVAKYS
GAENGNNRDTNNSQLLRMASVDELHGHLESMQDELETLKDLLRGDGVAIDQNMLMGLFNDSDLMDNYGLSFPNDSISSEK
KAPSGSELISYQPMYDLSDILDTDDGNNDQEASRRQMQTQSSVLNTPRHEL
;
_struct_ref.pdbx_db_isoform            ? 
# 
_struct_ref_seq.align_id                      1 
_struct_ref_seq.ref_id                        1 
_struct_ref_seq.pdbx_PDB_id_code              1HKS 
_struct_ref_seq.pdbx_strand_id                A 
_struct_ref_seq.seq_align_beg                 1 
_struct_ref_seq.pdbx_seq_align_beg_ins_code   ? 
_struct_ref_seq.seq_align_end                 106 
_struct_ref_seq.pdbx_seq_align_end_ins_code   ? 
_struct_ref_seq.pdbx_db_accession             P22813 
_struct_ref_seq.db_align_beg                  43 
_struct_ref_seq.pdbx_db_align_beg_ins_code    ? 
_struct_ref_seq.db_align_end                  148 
_struct_ref_seq.pdbx_db_align_end_ins_code    ? 
_struct_ref_seq.pdbx_auth_seq_align_beg       43 
_struct_ref_seq.pdbx_auth_seq_align_end       148 
# 
_pdbx_struct_assembly.id                   1 
_pdbx_struct_assembly.details              author_defined_assembly 
_pdbx_struct_assembly.method_details       ? 
_pdbx_struct_assembly.oligomeric_details   monomeric 
_pdbx_struct_assembly.oligomeric_count     1 
# 
_pdbx_struct_assembly_gen.assembly_id       1 
_pdbx_struct_assembly_gen.oper_expression   1 
_pdbx_struct_assembly_gen.asym_id_list      A 
# 
_pdbx_struct_oper_list.id                   1 
_pdbx_struct_oper_list.type                 'identity operation' 
_pdbx_struct_oper_list.name                 1_555 
_pdbx_struct_oper_list.symmetry_operation   x,y,z 
_pdbx_struct_oper_list.matrix[1][1]         1.0000000000 
_pdbx_struct_oper_list.matrix[1][2]         0.0000000000 
_pdbx_struct_oper_list.matrix[1][3]         0.0000000000 
_pdbx_struct_oper_list.vector[1]            0.0000000000 
_pdbx_struct_oper_list.matrix[2][1]         0.0000000000 
_pdbx_struct_oper_list.matrix[2][2]         1.0000000000 
_pdbx_struct_oper_list.matrix[2][3]         0.0000000000 
_pdbx_struct_oper_list.vector[2]            0.0000000000 
_pdbx_struct_oper_list.matrix[3][1]         0.0000000000 
_pdbx_struct_oper_list.matrix[3][2]         0.0000000000 
_pdbx_struct_oper_list.matrix[3][3]         1.0000000000 
_pdbx_struct_oper_list.vector[3]            0.0000000000 
# 
_struct_biol.id   1 
# 
loop_
_struct_conf.conf_type_id 
_struct_conf.id 
_struct_conf.pdbx_PDB_helix_id 
_struct_conf.beg_label_comp_id 
_struct_conf.beg_label_asym_id 
_struct_conf.beg_label_seq_id 
_struct_conf.pdbx_beg_PDB_ins_code 
_struct_conf.end_label_comp_id 
_struct_conf.end_label_asym_id 
_struct_conf.end_label_seq_id 
_struct_conf.pdbx_end_PDB_ins_code 
_struct_conf.beg_auth_comp_id 
_struct_conf.beg_auth_asym_id 
_struct_conf.beg_auth_seq_id 
_struct_conf.end_auth_comp_id 
_struct_conf.end_auth_asym_id 
_struct_conf.end_auth_seq_id 
_struct_conf.pdbx_PDB_helix_class 
_struct_conf.details 
_struct_conf.pdbx_PDB_helix_length 
HELX_P HELX_P1 H1 ALA A 6  ? VAL A 15 ? ALA A 48 VAL A 57  1 ?                 10 
HELX_P HELX_P2 H2 GLN A 38 ? PRO A 47 ? GLN A 80 PRO A 89  1 'DISTORTED HELIX' 10 
HELX_P HELX_P3 H3 MET A 55 ? TYR A 65 ? MET A 97 TYR A 107 1 ?                 11 
# 
_struct_conf_type.id          HELX_P 
_struct_conf_type.criteria    ? 
_struct_conf_type.reference   ? 
# 
_struct_sheet.id               SB 
_struct_sheet.type             ? 
_struct_sheet.number_strands   4 
_struct_sheet.details          ? 
# 
loop_
_struct_sheet_order.sheet_id 
_struct_sheet_order.range_id_1 
_struct_sheet_order.range_id_2 
_struct_sheet_order.offset 
_struct_sheet_order.sense 
SB 1 2 ? anti-parallel 
SB 2 3 ? parallel      
SB 3 4 ? anti-parallel 
# 
loop_
_struct_sheet_range.sheet_id 
_struct_sheet_range.id 
_struct_sheet_range.beg_label_comp_id 
_struct_sheet_range.beg_label_asym_id 
_struct_sheet_range.beg_label_seq_id 
_struct_sheet_range.pdbx_beg_PDB_ins_code 
_struct_sheet_range.end_label_comp_id 
_struct_sheet_range.end_label_asym_id 
_struct_sheet_range.end_label_seq_id 
_struct_sheet_range.pdbx_end_PDB_ins_code 
_struct_sheet_range.beg_auth_comp_id 
_struct_sheet_range.beg_auth_asym_id 
_struct_sheet_range.beg_auth_seq_id 
_struct_sheet_range.end_auth_comp_id 
_struct_sheet_range.end_auth_asym_id 
_struct_sheet_range.end_auth_seq_id 
SB 1 ILE A 24 ? THR A 27 ? ILE A 66  THR A 69  
SB 2 SER A 32 ? ILE A 35 ? SER A 74  ILE A 77  
SB 3 HIS A 68 ? ILE A 70 ? HIS A 110 ILE A 112 
SB 4 GLU A 84 ? SER A 88 ? GLU A 126 SER A 130 
# 
loop_
_pdbx_validate_torsion.id 
_pdbx_validate_torsion.PDB_model_num 
_pdbx_validate_torsion.auth_comp_id 
_pdbx_validate_torsion.auth_asym_id 
_pdbx_validate_torsion.auth_seq_id 
_pdbx_validate_torsion.PDB_ins_code 
_pdbx_validate_torsion.label_alt_id 
_pdbx_validate_torsion.phi 
_pdbx_validate_torsion.psi 
1  1 VAL A 46  ? ? -44.57  108.25  
2  1 ASP A 58  ? ? -84.32  -128.42 
3  1 ASP A 59  ? ? 53.24   171.11  
4  1 THR A 62  ? ? -99.69  31.72   
5  1 ASN A 63  ? ? -87.09  44.11   
6  1 ARG A 64  ? ? -170.26 -37.58  
7  1 LYS A 70  ? ? 46.15   -105.54 
8  1 ASP A 71  ? ? -81.42  -90.67  
9  1 SER A 74  ? ? -171.13 -133.84 
10 1 ALA A 81  ? ? -82.54  -88.78  
11 1 LYS A 85  ? ? -82.22  34.85   
12 1 GLU A 86  ? ? -157.67 7.48    
13 1 LEU A 87  ? ? -146.26 -31.58  
14 1 LEU A 90  ? ? -79.89  26.22   
15 1 ASN A 91  ? ? -150.28 -77.39  
16 1 LYS A 93  ? ? 74.10   -60.68  
17 1 HIS A 94  ? ? -52.07  -177.65 
18 1 ASN A 95  ? ? -144.54 -15.50  
19 1 ALA A 98  ? ? -45.62  -17.96  
20 1 HIS A 110 ? ? -150.47 82.39   
21 1 SER A 114 ? ? 48.01   94.20   
22 1 ILE A 115 ? ? -172.67 92.23   
23 1 LEU A 120 ? ? -50.55  179.18  
24 1 PHE A 122 ? ? -171.19 98.06   
25 1 ARG A 124 ? ? -153.54 -12.16  
26 1 GLU A 126 ? ? -39.57  137.37  
27 1 ILE A 127 ? ? -30.56  83.21   
28 1 PRO A 132 ? ? -64.24  23.08   
29 1 PHE A 133 ? ? -140.96 30.99   
30 1 PHE A 134 ? ? -150.37 43.38   
31 1 ARG A 136 ? ? -85.40  -70.84  
32 1 ASN A 137 ? ? -58.35  -159.80 
33 1 SER A 138 ? ? 50.81   72.31   
34 1 PRO A 139 ? ? -71.90  44.34   
35 1 GLN A 144 ? ? -160.08 -36.91  
# 
_pdbx_nmr_ensemble.entry_id                             1HKS 
_pdbx_nmr_ensemble.conformers_calculated_total_number   ? 
_pdbx_nmr_ensemble.conformers_submitted_total_number    1 
_pdbx_nmr_ensemble.conformer_selection_criteria         ? 
# 
loop_
_chem_comp_atom.comp_id 
_chem_comp_atom.atom_id 
_chem_comp_atom.type_symbol 
_chem_comp_atom.pdbx_aromatic_flag 
_chem_comp_atom.pdbx_stereo_config 
_chem_comp_atom.pdbx_ordinal 
ALA N    N N N 1   
ALA CA   C N S 2   
ALA C    C N N 3   
ALA O    O N N 4   
ALA CB   C N N 5   
ALA OXT  O N N 6   
ALA H    H N N 7   
ALA H2   H N N 8   
ALA HA   H N N 9   
ALA HB1  H N N 10  
ALA HB2  H N N 11  
ALA HB3  H N N 12  
ALA HXT  H N N 13  
ARG N    N N N 14  
ARG CA   C N S 15  
ARG C    C N N 16  
ARG O    O N N 17  
ARG CB   C N N 18  
ARG CG   C N N 19  
ARG CD   C N N 20  
ARG NE   N N N 21  
ARG CZ   C N N 22  
ARG NH1  N N N 23  
ARG NH2  N N N 24  
ARG OXT  O N N 25  
ARG H    H N N 26  
ARG H2   H N N 27  
ARG HA   H N N 28  
ARG HB2  H N N 29  
ARG HB3  H N N 30  
ARG HG2  H N N 31  
ARG HG3  H N N 32  
ARG HD2  H N N 33  
ARG HD3  H N N 34  
ARG HE   H N N 35  
ARG HH11 H N N 36  
ARG HH12 H N N 37  
ARG HH21 H N N 38  
ARG HH22 H N N 39  
ARG HXT  H N N 40  
ASN N    N N N 41  
ASN CA   C N S 42  
ASN C    C N N 43  
ASN O    O N N 44  
ASN CB   C N N 45  
ASN CG   C N N 46  
ASN OD1  O N N 47  
ASN ND2  N N N 48  
ASN OXT  O N N 49  
ASN H    H N N 50  
ASN H2   H N N 51  
ASN HA   H N N 52  
ASN HB2  H N N 53  
ASN HB3  H N N 54  
ASN HD21 H N N 55  
ASN HD22 H N N 56  
ASN HXT  H N N 57  
ASP N    N N N 58  
ASP CA   C N S 59  
ASP C    C N N 60  
ASP O    O N N 61  
ASP CB   C N N 62  
ASP CG   C N N 63  
ASP OD1  O N N 64  
ASP OD2  O N N 65  
ASP OXT  O N N 66  
ASP H    H N N 67  
ASP H2   H N N 68  
ASP HA   H N N 69  
ASP HB2  H N N 70  
ASP HB3  H N N 71  
ASP HD2  H N N 72  
ASP HXT  H N N 73  
CYS N    N N N 74  
CYS CA   C N R 75  
CYS C    C N N 76  
CYS O    O N N 77  
CYS CB   C N N 78  
CYS SG   S N N 79  
CYS OXT  O N N 80  
CYS H    H N N 81  
CYS H2   H N N 82  
CYS HA   H N N 83  
CYS HB2  H N N 84  
CYS HB3  H N N 85  
CYS HG   H N N 86  
CYS HXT  H N N 87  
GLN N    N N N 88  
GLN CA   C N S 89  
GLN C    C N N 90  
GLN O    O N N 91  
GLN CB   C N N 92  
GLN CG   C N N 93  
GLN CD   C N N 94  
GLN OE1  O N N 95  
GLN NE2  N N N 96  
GLN OXT  O N N 97  
GLN H    H N N 98  
GLN H2   H N N 99  
GLN HA   H N N 100 
GLN HB2  H N N 101 
GLN HB3  H N N 102 
GLN HG2  H N N 103 
GLN HG3  H N N 104 
GLN HE21 H N N 105 
GLN HE22 H N N 106 
GLN HXT  H N N 107 
GLU N    N N N 108 
GLU CA   C N S 109 
GLU C    C N N 110 
GLU O    O N N 111 
GLU CB   C N N 112 
GLU CG   C N N 113 
GLU CD   C N N 114 
GLU OE1  O N N 115 
GLU OE2  O N N 116 
GLU OXT  O N N 117 
GLU H    H N N 118 
GLU H2   H N N 119 
GLU HA   H N N 120 
GLU HB2  H N N 121 
GLU HB3  H N N 122 
GLU HG2  H N N 123 
GLU HG3  H N N 124 
GLU HE2  H N N 125 
GLU HXT  H N N 126 
GLY N    N N N 127 
GLY CA   C N N 128 
GLY C    C N N 129 
GLY O    O N N 130 
GLY OXT  O N N 131 
GLY H    H N N 132 
GLY H2   H N N 133 
GLY HA2  H N N 134 
GLY HA3  H N N 135 
GLY HXT  H N N 136 
HIS N    N N N 137 
HIS CA   C N S 138 
HIS C    C N N 139 
HIS O    O N N 140 
HIS CB   C N N 141 
HIS CG   C Y N 142 
HIS ND1  N Y N 143 
HIS CD2  C Y N 144 
HIS CE1  C Y N 145 
HIS NE2  N Y N 146 
HIS OXT  O N N 147 
HIS H    H N N 148 
HIS H2   H N N 149 
HIS HA   H N N 150 
HIS HB2  H N N 151 
HIS HB3  H N N 152 
HIS HD1  H N N 153 
HIS HD2  H N N 154 
HIS HE1  H N N 155 
HIS HE2  H N N 156 
HIS HXT  H N N 157 
ILE N    N N N 158 
ILE CA   C N S 159 
ILE C    C N N 160 
ILE O    O N N 161 
ILE CB   C N S 162 
ILE CG1  C N N 163 
ILE CG2  C N N 164 
ILE CD1  C N N 165 
ILE OXT  O N N 166 
ILE H    H N N 167 
ILE H2   H N N 168 
ILE HA   H N N 169 
ILE HB   H N N 170 
ILE HG12 H N N 171 
ILE HG13 H N N 172 
ILE HG21 H N N 173 
ILE HG22 H N N 174 
ILE HG23 H N N 175 
ILE HD11 H N N 176 
ILE HD12 H N N 177 
ILE HD13 H N N 178 
ILE HXT  H N N 179 
LEU N    N N N 180 
LEU CA   C N S 181 
LEU C    C N N 182 
LEU O    O N N 183 
LEU CB   C N N 184 
LEU CG   C N N 185 
LEU CD1  C N N 186 
LEU CD2  C N N 187 
LEU OXT  O N N 188 
LEU H    H N N 189 
LEU H2   H N N 190 
LEU HA   H N N 191 
LEU HB2  H N N 192 
LEU HB3  H N N 193 
LEU HG   H N N 194 
LEU HD11 H N N 195 
LEU HD12 H N N 196 
LEU HD13 H N N 197 
LEU HD21 H N N 198 
LEU HD22 H N N 199 
LEU HD23 H N N 200 
LEU HXT  H N N 201 
LYS N    N N N 202 
LYS CA   C N S 203 
LYS C    C N N 204 
LYS O    O N N 205 
LYS CB   C N N 206 
LYS CG   C N N 207 
LYS CD   C N N 208 
LYS CE   C N N 209 
LYS NZ   N N N 210 
LYS OXT  O N N 211 
LYS H    H N N 212 
LYS H2   H N N 213 
LYS HA   H N N 214 
LYS HB2  H N N 215 
LYS HB3  H N N 216 
LYS HG2  H N N 217 
LYS HG3  H N N 218 
LYS HD2  H N N 219 
LYS HD3  H N N 220 
LYS HE2  H N N 221 
LYS HE3  H N N 222 
LYS HZ1  H N N 223 
LYS HZ2  H N N 224 
LYS HZ3  H N N 225 
LYS HXT  H N N 226 
MET N    N N N 227 
MET CA   C N S 228 
MET C    C N N 229 
MET O    O N N 230 
MET CB   C N N 231 
MET CG   C N N 232 
MET SD   S N N 233 
MET CE   C N N 234 
MET OXT  O N N 235 
MET H    H N N 236 
MET H2   H N N 237 
MET HA   H N N 238 
MET HB2  H N N 239 
MET HB3  H N N 240 
MET HG2  H N N 241 
MET HG3  H N N 242 
MET HE1  H N N 243 
MET HE2  H N N 244 
MET HE3  H N N 245 
MET HXT  H N N 246 
PHE N    N N N 247 
PHE CA   C N S 248 
PHE C    C N N 249 
PHE O    O N N 250 
PHE CB   C N N 251 
PHE CG   C Y N 252 
PHE CD1  C Y N 253 
PHE CD2  C Y N 254 
PHE CE1  C Y N 255 
PHE CE2  C Y N 256 
PHE CZ   C Y N 257 
PHE OXT  O N N 258 
PHE H    H N N 259 
PHE H2   H N N 260 
PHE HA   H N N 261 
PHE HB2  H N N 262 
PHE HB3  H N N 263 
PHE HD1  H N N 264 
PHE HD2  H N N 265 
PHE HE1  H N N 266 
PHE HE2  H N N 267 
PHE HZ   H N N 268 
PHE HXT  H N N 269 
PRO N    N N N 270 
PRO CA   C N S 271 
PRO C    C N N 272 
PRO O    O N N 273 
PRO CB   C N N 274 
PRO CG   C N N 275 
PRO CD   C N N 276 
PRO OXT  O N N 277 
PRO H    H N N 278 
PRO HA   H N N 279 
PRO HB2  H N N 280 
PRO HB3  H N N 281 
PRO HG2  H N N 282 
PRO HG3  H N N 283 
PRO HD2  H N N 284 
PRO HD3  H N N 285 
PRO HXT  H N N 286 
SER N    N N N 287 
SER CA   C N S 288 
SER C    C N N 289 
SER O    O N N 290 
SER CB   C N N 291 
SER OG   O N N 292 
SER OXT  O N N 293 
SER H    H N N 294 
SER H2   H N N 295 
SER HA   H N N 296 
SER HB2  H N N 297 
SER HB3  H N N 298 
SER HG   H N N 299 
SER HXT  H N N 300 
THR N    N N N 301 
THR CA   C N S 302 
THR C    C N N 303 
THR O    O N N 304 
THR CB   C N R 305 
THR OG1  O N N 306 
THR CG2  C N N 307 
THR OXT  O N N 308 
THR H    H N N 309 
THR H2   H N N 310 
THR HA   H N N 311 
THR HB   H N N 312 
THR HG1  H N N 313 
THR HG21 H N N 314 
THR HG22 H N N 315 
THR HG23 H N N 316 
THR HXT  H N N 317 
TRP N    N N N 318 
TRP CA   C N S 319 
TRP C    C N N 320 
TRP O    O N N 321 
TRP CB   C N N 322 
TRP CG   C Y N 323 
TRP CD1  C Y N 324 
TRP CD2  C Y N 325 
TRP NE1  N Y N 326 
TRP CE2  C Y N 327 
TRP CE3  C Y N 328 
TRP CZ2  C Y N 329 
TRP CZ3  C Y N 330 
TRP CH2  C Y N 331 
TRP OXT  O N N 332 
TRP H    H N N 333 
TRP H2   H N N 334 
TRP HA   H N N 335 
TRP HB2  H N N 336 
TRP HB3  H N N 337 
TRP HD1  H N N 338 
TRP HE1  H N N 339 
TRP HE3  H N N 340 
TRP HZ2  H N N 341 
TRP HZ3  H N N 342 
TRP HH2  H N N 343 
TRP HXT  H N N 344 
TYR N    N N N 345 
TYR CA   C N S 346 
TYR C    C N N 347 
TYR O    O N N 348 
TYR CB   C N N 349 
TYR CG   C Y N 350 
TYR CD1  C Y N 351 
TYR CD2  C Y N 352 
TYR CE1  C Y N 353 
TYR CE2  C Y N 354 
TYR CZ   C Y N 355 
TYR OH   O N N 356 
TYR OXT  O N N 357 
TYR H    H N N 358 
TYR H2   H N N 359 
TYR HA   H N N 360 
TYR HB2  H N N 361 
TYR HB3  H N N 362 
TYR HD1  H N N 363 
TYR HD2  H N N 364 
TYR HE1  H N N 365 
TYR HE2  H N N 366 
TYR HH   H N N 367 
TYR HXT  H N N 368 
VAL N    N N N 369 
VAL CA   C N S 370 
VAL C    C N N 371 
VAL O    O N N 372 
VAL CB   C N N 373 
VAL CG1  C N N 374 
VAL CG2  C N N 375 
VAL OXT  O N N 376 
VAL H    H N N 377 
VAL H2   H N N 378 
VAL HA   H N N 379 
VAL HB   H N N 380 
VAL HG11 H N N 381 
VAL HG12 H N N 382 
VAL HG13 H N N 383 
VAL HG21 H N N 384 
VAL HG22 H N N 385 
VAL HG23 H N N 386 
VAL HXT  H N N 387 
# 
loop_
_chem_comp_bond.comp_id 
_chem_comp_bond.atom_id_1 
_chem_comp_bond.atom_id_2 
_chem_comp_bond.value_order 
_chem_comp_bond.pdbx_aromatic_flag 
_chem_comp_bond.pdbx_stereo_config 
_chem_comp_bond.pdbx_ordinal 
ALA N   CA   sing N N 1   
ALA N   H    sing N N 2   
ALA N   H2   sing N N 3   
ALA CA  C    sing N N 4   
ALA CA  CB   sing N N 5   
ALA CA  HA   sing N N 6   
ALA C   O    doub N N 7   
ALA C   OXT  sing N N 8   
ALA CB  HB1  sing N N 9   
ALA CB  HB2  sing N N 10  
ALA CB  HB3  sing N N 11  
ALA OXT HXT  sing N N 12  
ARG N   CA   sing N N 13  
ARG N   H    sing N N 14  
ARG N   H2   sing N N 15  
ARG CA  C    sing N N 16  
ARG CA  CB   sing N N 17  
ARG CA  HA   sing N N 18  
ARG C   O    doub N N 19  
ARG C   OXT  sing N N 20  
ARG CB  CG   sing N N 21  
ARG CB  HB2  sing N N 22  
ARG CB  HB3  sing N N 23  
ARG CG  CD   sing N N 24  
ARG CG  HG2  sing N N 25  
ARG CG  HG3  sing N N 26  
ARG CD  NE   sing N N 27  
ARG CD  HD2  sing N N 28  
ARG CD  HD3  sing N N 29  
ARG NE  CZ   sing N N 30  
ARG NE  HE   sing N N 31  
ARG CZ  NH1  sing N N 32  
ARG CZ  NH2  doub N N 33  
ARG NH1 HH11 sing N N 34  
ARG NH1 HH12 sing N N 35  
ARG NH2 HH21 sing N N 36  
ARG NH2 HH22 sing N N 37  
ARG OXT HXT  sing N N 38  
ASN N   CA   sing N N 39  
ASN N   H    sing N N 40  
ASN N   H2   sing N N 41  
ASN CA  C    sing N N 42  
ASN CA  CB   sing N N 43  
ASN CA  HA   sing N N 44  
ASN C   O    doub N N 45  
ASN C   OXT  sing N N 46  
ASN CB  CG   sing N N 47  
ASN CB  HB2  sing N N 48  
ASN CB  HB3  sing N N 49  
ASN CG  OD1  doub N N 50  
ASN CG  ND2  sing N N 51  
ASN ND2 HD21 sing N N 52  
ASN ND2 HD22 sing N N 53  
ASN OXT HXT  sing N N 54  
ASP N   CA   sing N N 55  
ASP N   H    sing N N 56  
ASP N   H2   sing N N 57  
ASP CA  C    sing N N 58  
ASP CA  CB   sing N N 59  
ASP CA  HA   sing N N 60  
ASP C   O    doub N N 61  
ASP C   OXT  sing N N 62  
ASP CB  CG   sing N N 63  
ASP CB  HB2  sing N N 64  
ASP CB  HB3  sing N N 65  
ASP CG  OD1  doub N N 66  
ASP CG  OD2  sing N N 67  
ASP OD2 HD2  sing N N 68  
ASP OXT HXT  sing N N 69  
CYS N   CA   sing N N 70  
CYS N   H    sing N N 71  
CYS N   H2   sing N N 72  
CYS CA  C    sing N N 73  
CYS CA  CB   sing N N 74  
CYS CA  HA   sing N N 75  
CYS C   O    doub N N 76  
CYS C   OXT  sing N N 77  
CYS CB  SG   sing N N 78  
CYS CB  HB2  sing N N 79  
CYS CB  HB3  sing N N 80  
CYS SG  HG   sing N N 81  
CYS OXT HXT  sing N N 82  
GLN N   CA   sing N N 83  
GLN N   H    sing N N 84  
GLN N   H2   sing N N 85  
GLN CA  C    sing N N 86  
GLN CA  CB   sing N N 87  
GLN CA  HA   sing N N 88  
GLN C   O    doub N N 89  
GLN C   OXT  sing N N 90  
GLN CB  CG   sing N N 91  
GLN CB  HB2  sing N N 92  
GLN CB  HB3  sing N N 93  
GLN CG  CD   sing N N 94  
GLN CG  HG2  sing N N 95  
GLN CG  HG3  sing N N 96  
GLN CD  OE1  doub N N 97  
GLN CD  NE2  sing N N 98  
GLN NE2 HE21 sing N N 99  
GLN NE2 HE22 sing N N 100 
GLN OXT HXT  sing N N 101 
GLU N   CA   sing N N 102 
GLU N   H    sing N N 103 
GLU N   H2   sing N N 104 
GLU CA  C    sing N N 105 
GLU CA  CB   sing N N 106 
GLU CA  HA   sing N N 107 
GLU C   O    doub N N 108 
GLU C   OXT  sing N N 109 
GLU CB  CG   sing N N 110 
GLU CB  HB2  sing N N 111 
GLU CB  HB3  sing N N 112 
GLU CG  CD   sing N N 113 
GLU CG  HG2  sing N N 114 
GLU CG  HG3  sing N N 115 
GLU CD  OE1  doub N N 116 
GLU CD  OE2  sing N N 117 
GLU OE2 HE2  sing N N 118 
GLU OXT HXT  sing N N 119 
GLY N   CA   sing N N 120 
GLY N   H    sing N N 121 
GLY N   H2   sing N N 122 
GLY CA  C    sing N N 123 
GLY CA  HA2  sing N N 124 
GLY CA  HA3  sing N N 125 
GLY C   O    doub N N 126 
GLY C   OXT  sing N N 127 
GLY OXT HXT  sing N N 128 
HIS N   CA   sing N N 129 
HIS N   H    sing N N 130 
HIS N   H2   sing N N 131 
HIS CA  C    sing N N 132 
HIS CA  CB   sing N N 133 
HIS CA  HA   sing N N 134 
HIS C   O    doub N N 135 
HIS C   OXT  sing N N 136 
HIS CB  CG   sing N N 137 
HIS CB  HB2  sing N N 138 
HIS CB  HB3  sing N N 139 
HIS CG  ND1  sing Y N 140 
HIS CG  CD2  doub Y N 141 
HIS ND1 CE1  doub Y N 142 
HIS ND1 HD1  sing N N 143 
HIS CD2 NE2  sing Y N 144 
HIS CD2 HD2  sing N N 145 
HIS CE1 NE2  sing Y N 146 
HIS CE1 HE1  sing N N 147 
HIS NE2 HE2  sing N N 148 
HIS OXT HXT  sing N N 149 
ILE N   CA   sing N N 150 
ILE N   H    sing N N 151 
ILE N   H2   sing N N 152 
ILE CA  C    sing N N 153 
ILE CA  CB   sing N N 154 
ILE CA  HA   sing N N 155 
ILE C   O    doub N N 156 
ILE C   OXT  sing N N 157 
ILE CB  CG1  sing N N 158 
ILE CB  CG2  sing N N 159 
ILE CB  HB   sing N N 160 
ILE CG1 CD1  sing N N 161 
ILE CG1 HG12 sing N N 162 
ILE CG1 HG13 sing N N 163 
ILE CG2 HG21 sing N N 164 
ILE CG2 HG22 sing N N 165 
ILE CG2 HG23 sing N N 166 
ILE CD1 HD11 sing N N 167 
ILE CD1 HD12 sing N N 168 
ILE CD1 HD13 sing N N 169 
ILE OXT HXT  sing N N 170 
LEU N   CA   sing N N 171 
LEU N   H    sing N N 172 
LEU N   H2   sing N N 173 
LEU CA  C    sing N N 174 
LEU CA  CB   sing N N 175 
LEU CA  HA   sing N N 176 
LEU C   O    doub N N 177 
LEU C   OXT  sing N N 178 
LEU CB  CG   sing N N 179 
LEU CB  HB2  sing N N 180 
LEU CB  HB3  sing N N 181 
LEU CG  CD1  sing N N 182 
LEU CG  CD2  sing N N 183 
LEU CG  HG   sing N N 184 
LEU CD1 HD11 sing N N 185 
LEU CD1 HD12 sing N N 186 
LEU CD1 HD13 sing N N 187 
LEU CD2 HD21 sing N N 188 
LEU CD2 HD22 sing N N 189 
LEU CD2 HD23 sing N N 190 
LEU OXT HXT  sing N N 191 
LYS N   CA   sing N N 192 
LYS N   H    sing N N 193 
LYS N   H2   sing N N 194 
LYS CA  C    sing N N 195 
LYS CA  CB   sing N N 196 
LYS CA  HA   sing N N 197 
LYS C   O    doub N N 198 
LYS C   OXT  sing N N 199 
LYS CB  CG   sing N N 200 
LYS CB  HB2  sing N N 201 
LYS CB  HB3  sing N N 202 
LYS CG  CD   sing N N 203 
LYS CG  HG2  sing N N 204 
LYS CG  HG3  sing N N 205 
LYS CD  CE   sing N N 206 
LYS CD  HD2  sing N N 207 
LYS CD  HD3  sing N N 208 
LYS CE  NZ   sing N N 209 
LYS CE  HE2  sing N N 210 
LYS CE  HE3  sing N N 211 
LYS NZ  HZ1  sing N N 212 
LYS NZ  HZ2  sing N N 213 
LYS NZ  HZ3  sing N N 214 
LYS OXT HXT  sing N N 215 
MET N   CA   sing N N 216 
MET N   H    sing N N 217 
MET N   H2   sing N N 218 
MET CA  C    sing N N 219 
MET CA  CB   sing N N 220 
MET CA  HA   sing N N 221 
MET C   O    doub N N 222 
MET C   OXT  sing N N 223 
MET CB  CG   sing N N 224 
MET CB  HB2  sing N N 225 
MET CB  HB3  sing N N 226 
MET CG  SD   sing N N 227 
MET CG  HG2  sing N N 228 
MET CG  HG3  sing N N 229 
MET SD  CE   sing N N 230 
MET CE  HE1  sing N N 231 
MET CE  HE2  sing N N 232 
MET CE  HE3  sing N N 233 
MET OXT HXT  sing N N 234 
PHE N   CA   sing N N 235 
PHE N   H    sing N N 236 
PHE N   H2   sing N N 237 
PHE CA  C    sing N N 238 
PHE CA  CB   sing N N 239 
PHE CA  HA   sing N N 240 
PHE C   O    doub N N 241 
PHE C   OXT  sing N N 242 
PHE CB  CG   sing N N 243 
PHE CB  HB2  sing N N 244 
PHE CB  HB3  sing N N 245 
PHE CG  CD1  doub Y N 246 
PHE CG  CD2  sing Y N 247 
PHE CD1 CE1  sing Y N 248 
PHE CD1 HD1  sing N N 249 
PHE CD2 CE2  doub Y N 250 
PHE CD2 HD2  sing N N 251 
PHE CE1 CZ   doub Y N 252 
PHE CE1 HE1  sing N N 253 
PHE CE2 CZ   sing Y N 254 
PHE CE2 HE2  sing N N 255 
PHE CZ  HZ   sing N N 256 
PHE OXT HXT  sing N N 257 
PRO N   CA   sing N N 258 
PRO N   CD   sing N N 259 
PRO N   H    sing N N 260 
PRO CA  C    sing N N 261 
PRO CA  CB   sing N N 262 
PRO CA  HA   sing N N 263 
PRO C   O    doub N N 264 
PRO C   OXT  sing N N 265 
PRO CB  CG   sing N N 266 
PRO CB  HB2  sing N N 267 
PRO CB  HB3  sing N N 268 
PRO CG  CD   sing N N 269 
PRO CG  HG2  sing N N 270 
PRO CG  HG3  sing N N 271 
PRO CD  HD2  sing N N 272 
PRO CD  HD3  sing N N 273 
PRO OXT HXT  sing N N 274 
SER N   CA   sing N N 275 
SER N   H    sing N N 276 
SER N   H2   sing N N 277 
SER CA  C    sing N N 278 
SER CA  CB   sing N N 279 
SER CA  HA   sing N N 280 
SER C   O    doub N N 281 
SER C   OXT  sing N N 282 
SER CB  OG   sing N N 283 
SER CB  HB2  sing N N 284 
SER CB  HB3  sing N N 285 
SER OG  HG   sing N N 286 
SER OXT HXT  sing N N 287 
THR N   CA   sing N N 288 
THR N   H    sing N N 289 
THR N   H2   sing N N 290 
THR CA  C    sing N N 291 
THR CA  CB   sing N N 292 
THR CA  HA   sing N N 293 
THR C   O    doub N N 294 
THR C   OXT  sing N N 295 
THR CB  OG1  sing N N 296 
THR CB  CG2  sing N N 297 
THR CB  HB   sing N N 298 
THR OG1 HG1  sing N N 299 
THR CG2 HG21 sing N N 300 
THR CG2 HG22 sing N N 301 
THR CG2 HG23 sing N N 302 
THR OXT HXT  sing N N 303 
TRP N   CA   sing N N 304 
TRP N   H    sing N N 305 
TRP N   H2   sing N N 306 
TRP CA  C    sing N N 307 
TRP CA  CB   sing N N 308 
TRP CA  HA   sing N N 309 
TRP C   O    doub N N 310 
TRP C   OXT  sing N N 311 
TRP CB  CG   sing N N 312 
TRP CB  HB2  sing N N 313 
TRP CB  HB3  sing N N 314 
TRP CG  CD1  doub Y N 315 
TRP CG  CD2  sing Y N 316 
TRP CD1 NE1  sing Y N 317 
TRP CD1 HD1  sing N N 318 
TRP CD2 CE2  doub Y N 319 
TRP CD2 CE3  sing Y N 320 
TRP NE1 CE2  sing Y N 321 
TRP NE1 HE1  sing N N 322 
TRP CE2 CZ2  sing Y N 323 
TRP CE3 CZ3  doub Y N 324 
TRP CE3 HE3  sing N N 325 
TRP CZ2 CH2  doub Y N 326 
TRP CZ2 HZ2  sing N N 327 
TRP CZ3 CH2  sing Y N 328 
TRP CZ3 HZ3  sing N N 329 
TRP CH2 HH2  sing N N 330 
TRP OXT HXT  sing N N 331 
TYR N   CA   sing N N 332 
TYR N   H    sing N N 333 
TYR N   H2   sing N N 334 
TYR CA  C    sing N N 335 
TYR CA  CB   sing N N 336 
TYR CA  HA   sing N N 337 
TYR C   O    doub N N 338 
TYR C   OXT  sing N N 339 
TYR CB  CG   sing N N 340 
TYR CB  HB2  sing N N 341 
TYR CB  HB3  sing N N 342 
TYR CG  CD1  doub Y N 343 
TYR CG  CD2  sing Y N 344 
TYR CD1 CE1  sing Y N 345 
TYR CD1 HD1  sing N N 346 
TYR CD2 CE2  doub Y N 347 
TYR CD2 HD2  sing N N 348 
TYR CE1 CZ   doub Y N 349 
TYR CE1 HE1  sing N N 350 
TYR CE2 CZ   sing Y N 351 
TYR CE2 HE2  sing N N 352 
TYR CZ  OH   sing N N 353 
TYR OH  HH   sing N N 354 
TYR OXT HXT  sing N N 355 
VAL N   CA   sing N N 356 
VAL N   H    sing N N 357 
VAL N   H2   sing N N 358 
VAL CA  C    sing N N 359 
VAL CA  CB   sing N N 360 
VAL CA  HA   sing N N 361 
VAL C   O    doub N N 362 
VAL C   OXT  sing N N 363 
VAL CB  CG1  sing N N 364 
VAL CB  CG2  sing N N 365 
VAL CB  HB   sing N N 366 
VAL CG1 HG11 sing N N 367 
VAL CG1 HG12 sing N N 368 
VAL CG1 HG13 sing N N 369 
VAL CG2 HG21 sing N N 370 
VAL CG2 HG22 sing N N 371 
VAL CG2 HG23 sing N N 372 
VAL OXT HXT  sing N N 373 
# 
_atom_sites.entry_id                    1HKS 
_atom_sites.fract_transf_matrix[1][1]   1.000000 
_atom_sites.fract_transf_matrix[1][2]   0.000000 
_atom_sites.fract_transf_matrix[1][3]   0.000000 
_atom_sites.fract_transf_matrix[2][1]   0.000000 
_atom_sites.fract_transf_matrix[2][2]   1.000000 
_atom_sites.fract_transf_matrix[2][3]   0.000000 
_atom_sites.fract_transf_matrix[3][1]   0.000000 
_atom_sites.fract_transf_matrix[3][2]   0.000000 
_atom_sites.fract_transf_matrix[3][3]   1.000000 
_atom_sites.fract_transf_vector[1]      0.00000 
_atom_sites.fract_transf_vector[2]      0.00000 
_atom_sites.fract_transf_vector[3]      0.00000 
# 
loop_
_atom_type.symbol 
C 
H 
N 
O 
S 
# 
loop_
_atom_site.group_PDB 
_atom_site.id 
_atom_site.type_symbol 
_atom_site.label_atom_id 
_atom_site.label_alt_id 
_atom_site.label_comp_id 
_atom_site.label_asym_id 
_atom_site.label_entity_id 
_atom_site.label_seq_id 
_atom_site.pdbx_PDB_ins_code 
_atom_site.Cartn_x 
_atom_site.Cartn_y 
_atom_site.Cartn_z 
_atom_site.occupancy 
_atom_site.B_iso_or_equiv 
_atom_site.pdbx_formal_charge 
_atom_site.auth_seq_id 
_atom_site.auth_comp_id 
_atom_site.auth_asym_id 
_atom_site.auth_atom_id 
_atom_site.pdbx_PDB_model_num 
ATOM 1    N N    . GLY A 1 1   ? 13.213  -11.610 -1.600  1.00 0.00 ? 43  GLY A N    1 
ATOM 2    C CA   . GLY A 1 1   ? 14.365  -11.815 -2.523  1.00 0.00 ? 43  GLY A CA   1 
ATOM 3    C C    . GLY A 1 1   ? 14.251  -13.190 -3.185  1.00 0.00 ? 43  GLY A C    1 
ATOM 4    O O    . GLY A 1 1   ? 13.337  -13.945 -2.916  1.00 0.00 ? 43  GLY A O    1 
ATOM 5    H H    . GLY A 1 1   ? 13.157  -10.794 -1.059  1.00 0.00 ? 43  GLY A H    1 
ATOM 6    H HA2  . GLY A 1 1   ? 14.359  -11.046 -3.282  1.00 0.00 ? 43  GLY A HA2  1 
ATOM 7    H HA3  . GLY A 1 1   ? 15.286  -11.765 -1.964  1.00 0.00 ? 43  GLY A HA3  1 
ATOM 8    N N    . SER A 1 2   ? 15.170  -13.520 -4.049  1.00 0.00 ? 44  SER A N    1 
ATOM 9    C CA   . SER A 1 2   ? 15.115  -14.845 -4.727  1.00 0.00 ? 44  SER A CA   1 
ATOM 10   C C    . SER A 1 2   ? 13.765  -15.000 -5.432  1.00 0.00 ? 44  SER A C    1 
ATOM 11   O O    . SER A 1 2   ? 13.328  -16.097 -5.720  1.00 0.00 ? 44  SER A O    1 
ATOM 12   C CB   . SER A 1 2   ? 15.281  -15.957 -3.690  1.00 0.00 ? 44  SER A CB   1 
ATOM 13   O OG   . SER A 1 2   ? 16.350  -15.626 -2.815  1.00 0.00 ? 44  SER A OG   1 
ATOM 14   H H    . SER A 1 2   ? 15.899  -12.896 -4.251  1.00 0.00 ? 44  SER A H    1 
ATOM 15   H HA   . SER A 1 2   ? 15.911  -14.910 -5.455  1.00 0.00 ? 44  SER A HA   1 
ATOM 16   H HB2  . SER A 1 2   ? 14.373  -16.056 -3.119  1.00 0.00 ? 44  SER A HB2  1 
ATOM 17   H HB3  . SER A 1 2   ? 15.489  -16.890 -4.196  1.00 0.00 ? 44  SER A HB3  1 
ATOM 18   H HG   . SER A 1 2   ? 16.610  -16.424 -2.350  1.00 0.00 ? 44  SER A HG   1 
ATOM 19   N N    . GLY A 1 3   ? 13.101  -13.912 -5.711  1.00 0.00 ? 45  GLY A N    1 
ATOM 20   C CA   . GLY A 1 3   ? 11.782  -14.000 -6.397  1.00 0.00 ? 45  GLY A CA   1 
ATOM 21   C C    . GLY A 1 3   ? 11.004  -12.700 -6.178  1.00 0.00 ? 45  GLY A C    1 
ATOM 22   O O    . GLY A 1 3   ? 10.449  -12.137 -7.101  1.00 0.00 ? 45  GLY A O    1 
ATOM 23   H H    . GLY A 1 3   ? 13.472  -13.038 -5.471  1.00 0.00 ? 45  GLY A H    1 
ATOM 24   H HA2  . GLY A 1 3   ? 11.935  -14.156 -7.455  1.00 0.00 ? 45  GLY A HA2  1 
ATOM 25   H HA3  . GLY A 1 3   ? 11.217  -14.826 -5.990  1.00 0.00 ? 45  GLY A HA3  1 
ATOM 26   N N    . VAL A 1 4   ? 10.960  -12.224 -4.962  1.00 0.00 ? 46  VAL A N    1 
ATOM 27   C CA   . VAL A 1 4   ? 10.220  -10.959 -4.669  1.00 0.00 ? 46  VAL A CA   1 
ATOM 28   C C    . VAL A 1 4   ? 10.551  -9.902  -5.750  1.00 0.00 ? 46  VAL A C    1 
ATOM 29   O O    . VAL A 1 4   ? 11.655  -9.394  -5.759  1.00 0.00 ? 46  VAL A O    1 
ATOM 30   C CB   . VAL A 1 4   ? 10.678  -10.427 -3.310  1.00 0.00 ? 46  VAL A CB   1 
ATOM 31   C CG1  . VAL A 1 4   ? 9.858   -9.188  -2.943  1.00 0.00 ? 46  VAL A CG1  1 
ATOM 32   C CG2  . VAL A 1 4   ? 10.471  -11.506 -2.244  1.00 0.00 ? 46  VAL A CG2  1 
ATOM 33   H H    . VAL A 1 4   ? 11.417  -12.698 -4.236  1.00 0.00 ? 46  VAL A H    1 
ATOM 34   H HA   . VAL A 1 4   ? 9.169   -11.165 -4.626  1.00 0.00 ? 46  VAL A HA   1 
ATOM 35   H HB   . VAL A 1 4   ? 11.725  -10.163 -3.360  1.00 0.00 ? 46  VAL A HB   1 
ATOM 36   H HG11 . VAL A 1 4   ? 8.808   -9.443  -2.931  1.00 0.00 ? 46  VAL A HG11 1 
ATOM 37   H HG12 . VAL A 1 4   ? 10.154  -8.837  -1.965  1.00 0.00 ? 46  VAL A HG12 1 
ATOM 38   H HG13 . VAL A 1 4   ? 10.032  -8.412  -3.672  1.00 0.00 ? 46  VAL A HG13 1 
ATOM 39   H HG21 . VAL A 1 4   ? 9.434   -11.805 -2.232  1.00 0.00 ? 46  VAL A HG21 1 
ATOM 40   H HG22 . VAL A 1 4   ? 11.091  -12.360 -2.474  1.00 0.00 ? 46  VAL A HG22 1 
ATOM 41   H HG23 . VAL A 1 4   ? 10.745  -11.113 -1.276  1.00 0.00 ? 46  VAL A HG23 1 
ATOM 42   N N    . PRO A 1 5   ? 9.618   -9.583  -6.638  1.00 0.00 ? 47  PRO A N    1 
ATOM 43   C CA   . PRO A 1 5   ? 9.895   -8.582  -7.688  1.00 0.00 ? 47  PRO A CA   1 
ATOM 44   C C    . PRO A 1 5   ? 10.218  -7.228  -7.040  1.00 0.00 ? 47  PRO A C    1 
ATOM 45   O O    . PRO A 1 5   ? 9.995   -7.023  -5.863  1.00 0.00 ? 47  PRO A O    1 
ATOM 46   C CB   . PRO A 1 5   ? 8.602   -8.515  -8.537  1.00 0.00 ? 47  PRO A CB   1 
ATOM 47   C CG   . PRO A 1 5   ? 7.599   -9.544  -7.941  1.00 0.00 ? 47  PRO A CG   1 
ATOM 48   C CD   . PRO A 1 5   ? 8.254   -10.162 -6.686  1.00 0.00 ? 47  PRO A CD   1 
ATOM 49   H HA   . PRO A 1 5   ? 10.723  -8.907  -8.300  1.00 0.00 ? 47  PRO A HA   1 
ATOM 50   H HB2  . PRO A 1 5   ? 8.177   -7.517  -8.500  1.00 0.00 ? 47  PRO A HB2  1 
ATOM 51   H HB3  . PRO A 1 5   ? 8.819   -8.775  -9.565  1.00 0.00 ? 47  PRO A HB3  1 
ATOM 52   H HG2  . PRO A 1 5   ? 6.674   -9.045  -7.673  1.00 0.00 ? 47  PRO A HG2  1 
ATOM 53   H HG3  . PRO A 1 5   ? 7.391   -10.322 -8.665  1.00 0.00 ? 47  PRO A HG3  1 
ATOM 54   H HD2  . PRO A 1 5   ? 7.696   -9.884  -5.801  1.00 0.00 ? 47  PRO A HD2  1 
ATOM 55   H HD3  . PRO A 1 5   ? 8.309   -11.238 -6.776  1.00 0.00 ? 47  PRO A HD3  1 
ATOM 56   N N    . ALA A 1 6   ? 10.747  -6.308  -7.799  1.00 0.00 ? 48  ALA A N    1 
ATOM 57   C CA   . ALA A 1 6   ? 11.086  -4.975  -7.226  1.00 0.00 ? 48  ALA A CA   1 
ATOM 58   C C    . ALA A 1 6   ? 9.800   -4.201  -6.925  1.00 0.00 ? 48  ALA A C    1 
ATOM 59   O O    . ALA A 1 6   ? 9.834   -3.045  -6.553  1.00 0.00 ? 48  ALA A O    1 
ATOM 60   C CB   . ALA A 1 6   ? 11.930  -4.188  -8.230  1.00 0.00 ? 48  ALA A CB   1 
ATOM 61   H H    . ALA A 1 6   ? 10.922  -6.494  -8.745  1.00 0.00 ? 48  ALA A H    1 
ATOM 62   H HA   . ALA A 1 6   ? 11.647  -5.109  -6.312  1.00 0.00 ? 48  ALA A HA   1 
ATOM 63   H HB1  . ALA A 1 6   ? 12.732  -4.813  -8.594  1.00 0.00 ? 48  ALA A HB1  1 
ATOM 64   H HB2  . ALA A 1 6   ? 11.310  -3.880  -9.059  1.00 0.00 ? 48  ALA A HB2  1 
ATOM 65   H HB3  . ALA A 1 6   ? 12.345  -3.316  -7.748  1.00 0.00 ? 48  ALA A HB3  1 
ATOM 66   N N    . PHE A 1 7   ? 8.665   -4.827  -7.082  1.00 0.00 ? 49  PHE A N    1 
ATOM 67   C CA   . PHE A 1 7   ? 7.377   -4.123  -6.804  1.00 0.00 ? 49  PHE A CA   1 
ATOM 68   C C    . PHE A 1 7   ? 7.033   -4.255  -5.318  1.00 0.00 ? 49  PHE A C    1 
ATOM 69   O O    . PHE A 1 7   ? 7.070   -3.294  -4.575  1.00 0.00 ? 49  PHE A O    1 
ATOM 70   C CB   . PHE A 1 7   ? 6.260   -4.751  -7.644  1.00 0.00 ? 49  PHE A CB   1 
ATOM 71   C CG   . PHE A 1 7   ? 5.058   -3.834  -7.655  1.00 0.00 ? 49  PHE A CG   1 
ATOM 72   C CD1  . PHE A 1 7   ? 4.225   -3.752  -6.521  1.00 0.00 ? 49  PHE A CD1  1 
ATOM 73   C CD2  . PHE A 1 7   ? 4.772   -3.060  -8.796  1.00 0.00 ? 49  PHE A CD2  1 
ATOM 74   C CE1  . PHE A 1 7   ? 3.107   -2.896  -6.531  1.00 0.00 ? 49  PHE A CE1  1 
ATOM 75   C CE2  . PHE A 1 7   ? 3.653   -2.204  -8.805  1.00 0.00 ? 49  PHE A CE2  1 
ATOM 76   C CZ   . PHE A 1 7   ? 2.821   -2.123  -7.670  1.00 0.00 ? 49  PHE A CZ   1 
ATOM 77   H H    . PHE A 1 7   ? 8.658   -5.760  -7.384  1.00 0.00 ? 49  PHE A H    1 
ATOM 78   H HA   . PHE A 1 7   ? 7.474   -3.077  -7.060  1.00 0.00 ? 49  PHE A HA   1 
ATOM 79   H HB2  . PHE A 1 7   ? 6.611   -4.899  -8.656  1.00 0.00 ? 49  PHE A HB2  1 
ATOM 80   H HB3  . PHE A 1 7   ? 5.981   -5.703  -7.217  1.00 0.00 ? 49  PHE A HB3  1 
ATOM 81   H HD1  . PHE A 1 7   ? 4.445   -4.345  -5.648  1.00 0.00 ? 49  PHE A HD1  1 
ATOM 82   H HD2  . PHE A 1 7   ? 5.410   -3.122  -9.665  1.00 0.00 ? 49  PHE A HD2  1 
ATOM 83   H HE1  . PHE A 1 7   ? 2.468   -2.834  -5.661  1.00 0.00 ? 49  PHE A HE1  1 
ATOM 84   H HE2  . PHE A 1 7   ? 3.434   -1.610  -9.680  1.00 0.00 ? 49  PHE A HE2  1 
ATOM 85   H HZ   . PHE A 1 7   ? 1.963   -1.466  -7.677  1.00 0.00 ? 49  PHE A HZ   1 
ATOM 86   N N    . LEU A 1 8   ? 6.697   -5.437  -4.879  1.00 0.00 ? 50  LEU A N    1 
ATOM 87   C CA   . LEU A 1 8   ? 6.348   -5.626  -3.442  1.00 0.00 ? 50  LEU A CA   1 
ATOM 88   C C    . LEU A 1 8   ? 7.539   -5.219  -2.570  1.00 0.00 ? 50  LEU A C    1 
ATOM 89   O O    . LEU A 1 8   ? 7.383   -4.569  -1.557  1.00 0.00 ? 50  LEU A O    1 
ATOM 90   C CB   . LEU A 1 8   ? 6.010   -7.098  -3.183  1.00 0.00 ? 50  LEU A CB   1 
ATOM 91   C CG   . LEU A 1 8   ? 4.912   -7.562  -4.150  1.00 0.00 ? 50  LEU A CG   1 
ATOM 92   C CD1  . LEU A 1 8   ? 4.777   -9.085  -4.066  1.00 0.00 ? 50  LEU A CD1  1 
ATOM 93   C CD2  . LEU A 1 8   ? 3.570   -6.912  -3.780  1.00 0.00 ? 50  LEU A CD2  1 
ATOM 94   H H    . LEU A 1 8   ? 6.670   -6.199  -5.494  1.00 0.00 ? 50  LEU A H    1 
ATOM 95   H HA   . LEU A 1 8   ? 5.498   -5.011  -3.193  1.00 0.00 ? 50  LEU A HA   1 
ATOM 96   H HB2  . LEU A 1 8   ? 6.895   -7.699  -3.335  1.00 0.00 ? 50  LEU A HB2  1 
ATOM 97   H HB3  . LEU A 1 8   ? 5.669   -7.215  -2.168  1.00 0.00 ? 50  LEU A HB3  1 
ATOM 98   H HG   . LEU A 1 8   ? 5.182   -7.284  -5.159  1.00 0.00 ? 50  LEU A HG   1 
ATOM 99   H HD11 . LEU A 1 8   ? 4.556   -9.370  -3.048  1.00 0.00 ? 50  LEU A HD11 1 
ATOM 100  H HD12 . LEU A 1 8   ? 3.976   -9.412  -4.714  1.00 0.00 ? 50  LEU A HD12 1 
ATOM 101  H HD13 . LEU A 1 8   ? 5.703   -9.546  -4.376  1.00 0.00 ? 50  LEU A HD13 1 
ATOM 102  H HD21 . LEU A 1 8   ? 3.436   -6.937  -2.709  1.00 0.00 ? 50  LEU A HD21 1 
ATOM 103  H HD22 . LEU A 1 8   ? 3.560   -5.888  -4.120  1.00 0.00 ? 50  LEU A HD22 1 
ATOM 104  H HD23 . LEU A 1 8   ? 2.764   -7.453  -4.254  1.00 0.00 ? 50  LEU A HD23 1 
ATOM 105  N N    . ALA A 1 9   ? 8.727   -5.596  -2.955  1.00 0.00 ? 51  ALA A N    1 
ATOM 106  C CA   . ALA A 1 9   ? 9.923   -5.229  -2.145  1.00 0.00 ? 51  ALA A CA   1 
ATOM 107  C C    . ALA A 1 9   ? 9.888   -3.731  -1.835  1.00 0.00 ? 51  ALA A C    1 
ATOM 108  O O    . ALA A 1 9   ? 10.204  -3.306  -0.740  1.00 0.00 ? 51  ALA A O    1 
ATOM 109  C CB   . ALA A 1 9   ? 11.194  -5.559  -2.931  1.00 0.00 ? 51  ALA A CB   1 
ATOM 110  H H    . ALA A 1 9   ? 8.833   -6.120  -3.777  1.00 0.00 ? 51  ALA A H    1 
ATOM 111  H HA   . ALA A 1 9   ? 9.916   -5.788  -1.222  1.00 0.00 ? 51  ALA A HA   1 
ATOM 112  H HB1  . ALA A 1 9   ? 11.084  -5.223  -3.951  1.00 0.00 ? 51  ALA A HB1  1 
ATOM 113  H HB2  . ALA A 1 9   ? 12.039  -5.063  -2.477  1.00 0.00 ? 51  ALA A HB2  1 
ATOM 114  H HB3  . ALA A 1 9   ? 11.356  -6.627  -2.920  1.00 0.00 ? 51  ALA A HB3  1 
ATOM 115  N N    . LYS A 1 10  ? 9.503   -2.924  -2.787  1.00 0.00 ? 52  LYS A N    1 
ATOM 116  C CA   . LYS A 1 10  ? 9.448   -1.457  -2.540  1.00 0.00 ? 52  LYS A CA   1 
ATOM 117  C C    . LYS A 1 10  ? 8.417   -1.164  -1.448  1.00 0.00 ? 52  LYS A C    1 
ATOM 118  O O    . LYS A 1 10  ? 8.640   -0.356  -0.572  1.00 0.00 ? 52  LYS A O    1 
ATOM 119  C CB   . LYS A 1 10  ? 9.051   -0.731  -3.831  1.00 0.00 ? 52  LYS A CB   1 
ATOM 120  C CG   . LYS A 1 10  ? 10.257  -0.660  -4.771  1.00 0.00 ? 52  LYS A CG   1 
ATOM 121  C CD   . LYS A 1 10  ? 9.805   -0.166  -6.146  1.00 0.00 ? 52  LYS A CD   1 
ATOM 122  C CE   . LYS A 1 10  ? 11.000  -0.152  -7.103  1.00 0.00 ? 52  LYS A CE   1 
ATOM 123  N NZ   . LYS A 1 10  ? 10.657  0.648   -8.313  1.00 0.00 ? 52  LYS A NZ   1 
ATOM 124  H H    . LYS A 1 10  ? 9.250   -3.284  -3.662  1.00 0.00 ? 52  LYS A H    1 
ATOM 125  H HA   . LYS A 1 10  ? 10.419  -1.110  -2.216  1.00 0.00 ? 52  LYS A HA   1 
ATOM 126  H HB2  . LYS A 1 10  ? 8.249   -1.271  -4.313  1.00 0.00 ? 52  LYS A HB2  1 
ATOM 127  H HB3  . LYS A 1 10  ? 8.722   0.271   -3.598  1.00 0.00 ? 52  LYS A HB3  1 
ATOM 128  H HG2  . LYS A 1 10  ? 10.989  0.023   -4.364  1.00 0.00 ? 52  LYS A HG2  1 
ATOM 129  H HG3  . LYS A 1 10  ? 10.696  -1.641  -4.870  1.00 0.00 ? 52  LYS A HG3  1 
ATOM 130  H HD2  . LYS A 1 10  ? 9.041   -0.824  -6.533  1.00 0.00 ? 52  LYS A HD2  1 
ATOM 131  H HD3  . LYS A 1 10  ? 9.407   0.834   -6.057  1.00 0.00 ? 52  LYS A HD3  1 
ATOM 132  H HE2  . LYS A 1 10  ? 11.852  0.293   -6.608  1.00 0.00 ? 52  LYS A HE2  1 
ATOM 133  H HE3  . LYS A 1 10  ? 11.239  -1.163  -7.394  1.00 0.00 ? 52  LYS A HE3  1 
ATOM 134  H HZ1  . LYS A 1 10  ? 9.624   0.705   -8.411  1.00 0.00 ? 52  LYS A HZ1  1 
ATOM 135  H HZ2  . LYS A 1 10  ? 11.052  1.605   -8.218  1.00 0.00 ? 52  LYS A HZ2  1 
ATOM 136  H HZ3  . LYS A 1 10  ? 11.058  0.189   -9.155  1.00 0.00 ? 52  LYS A HZ3  1 
ATOM 137  N N    . LEU A 1 11  ? 7.287   -1.818  -1.489  1.00 0.00 ? 53  LEU A N    1 
ATOM 138  C CA   . LEU A 1 11  ? 6.252   -1.572  -0.447  1.00 0.00 ? 53  LEU A CA   1 
ATOM 139  C C    . LEU A 1 11  ? 6.836   -1.902  0.930   1.00 0.00 ? 53  LEU A C    1 
ATOM 140  O O    . LEU A 1 11  ? 6.323   -1.482  1.948   1.00 0.00 ? 53  LEU A O    1 
ATOM 141  C CB   . LEU A 1 11  ? 5.033   -2.461  -0.708  1.00 0.00 ? 53  LEU A CB   1 
ATOM 142  C CG   . LEU A 1 11  ? 4.598   -2.332  -2.172  1.00 0.00 ? 53  LEU A CG   1 
ATOM 143  C CD1  . LEU A 1 11  ? 3.426   -3.281  -2.439  1.00 0.00 ? 53  LEU A CD1  1 
ATOM 144  C CD2  . LEU A 1 11  ? 4.163   -0.889  -2.459  1.00 0.00 ? 53  LEU A CD2  1 
ATOM 145  H H    . LEU A 1 11  ? 7.123   -2.470  -2.204  1.00 0.00 ? 53  LEU A H    1 
ATOM 146  H HA   . LEU A 1 11  ? 5.955   -0.535  -0.470  1.00 0.00 ? 53  LEU A HA   1 
ATOM 147  H HB2  . LEU A 1 11  ? 5.287   -3.490  -0.499  1.00 0.00 ? 53  LEU A HB2  1 
ATOM 148  H HB3  . LEU A 1 11  ? 4.220   -2.154  -0.067  1.00 0.00 ? 53  LEU A HB3  1 
ATOM 149  H HG   . LEU A 1 11  ? 5.425   -2.595  -2.815  1.00 0.00 ? 53  LEU A HG   1 
ATOM 150  H HD11 . LEU A 1 11  ? 3.634   -4.245  -1.998  1.00 0.00 ? 53  LEU A HD11 1 
ATOM 151  H HD12 . LEU A 1 11  ? 2.525   -2.872  -2.004  1.00 0.00 ? 53  LEU A HD12 1 
ATOM 152  H HD13 . LEU A 1 11  ? 3.290   -3.396  -3.505  1.00 0.00 ? 53  LEU A HD13 1 
ATOM 153  H HD21 . LEU A 1 11  ? 3.581   -0.512  -1.629  1.00 0.00 ? 53  LEU A HD21 1 
ATOM 154  H HD22 . LEU A 1 11  ? 5.037   -0.269  -2.595  1.00 0.00 ? 53  LEU A HD22 1 
ATOM 155  H HD23 . LEU A 1 11  ? 3.565   -0.862  -3.359  1.00 0.00 ? 53  LEU A HD23 1 
ATOM 156  N N    . TRP A 1 12  ? 7.906   -2.647  0.968   1.00 0.00 ? 54  TRP A N    1 
ATOM 157  C CA   . TRP A 1 12  ? 8.521   -2.999  2.279   1.00 0.00 ? 54  TRP A CA   1 
ATOM 158  C C    . TRP A 1 12  ? 9.296   -1.792  2.815   1.00 0.00 ? 54  TRP A C    1 
ATOM 159  O O    . TRP A 1 12  ? 9.082   -1.350  3.926   1.00 0.00 ? 54  TRP A O    1 
ATOM 160  C CB   . TRP A 1 12  ? 9.476   -4.183  2.093   1.00 0.00 ? 54  TRP A CB   1 
ATOM 161  C CG   . TRP A 1 12  ? 9.805   -4.778  3.426   1.00 0.00 ? 54  TRP A CG   1 
ATOM 162  C CD1  . TRP A 1 12  ? 9.177   -5.842  3.978   1.00 0.00 ? 54  TRP A CD1  1 
ATOM 163  C CD2  . TRP A 1 12  ? 10.827  -4.365  4.379   1.00 0.00 ? 54  TRP A CD2  1 
ATOM 164  N NE1  . TRP A 1 12  ? 9.746   -6.110  5.211   1.00 0.00 ? 54  TRP A NE1  1 
ATOM 165  C CE2  . TRP A 1 12  ? 10.768  -5.229  5.505   1.00 0.00 ? 54  TRP A CE2  1 
ATOM 166  C CE3  . TRP A 1 12  ? 11.795  -3.332  4.378   1.00 0.00 ? 54  TRP A CE3  1 
ATOM 167  C CZ2  . TRP A 1 12  ? 11.637  -5.077  6.594   1.00 0.00 ? 54  TRP A CZ2  1 
ATOM 168  C CZ3  . TRP A 1 12  ? 12.671  -3.174  5.472   1.00 0.00 ? 54  TRP A CZ3  1 
ATOM 169  C CH2  . TRP A 1 12  ? 12.593  -4.045  6.577   1.00 0.00 ? 54  TRP A CH2  1 
ATOM 170  H H    . TRP A 1 12  ? 8.306   -2.973  0.135   1.00 0.00 ? 54  TRP A H    1 
ATOM 171  H HA   . TRP A 1 12  ? 7.742   -3.267  2.979   1.00 0.00 ? 54  TRP A HA   1 
ATOM 172  H HB2  . TRP A 1 12  ? 9.005   -4.929  1.473   1.00 0.00 ? 54  TRP A HB2  1 
ATOM 173  H HB3  . TRP A 1 12  ? 10.383  -3.841  1.618   1.00 0.00 ? 54  TRP A HB3  1 
ATOM 174  H HD1  . TRP A 1 12  ? 8.362   -6.392  3.530   1.00 0.00 ? 54  TRP A HD1  1 
ATOM 175  H HE1  . TRP A 1 12  ? 9.472   -6.831  5.815   1.00 0.00 ? 54  TRP A HE1  1 
ATOM 176  H HE3  . TRP A 1 12  ? 11.861  -2.661  3.534   1.00 0.00 ? 54  TRP A HE3  1 
ATOM 177  H HZ2  . TRP A 1 12  ? 11.574  -5.746  7.440   1.00 0.00 ? 54  TRP A HZ2  1 
ATOM 178  H HZ3  . TRP A 1 12  ? 13.407  -2.383  5.462   1.00 0.00 ? 54  TRP A HZ3  1 
ATOM 179  H HH2  . TRP A 1 12  ? 13.266  -3.921  7.413   1.00 0.00 ? 54  TRP A HH2  1 
ATOM 180  N N    . ARG A 1 13  ? 10.192  -1.256  2.033   1.00 0.00 ? 55  ARG A N    1 
ATOM 181  C CA   . ARG A 1 13  ? 10.976  -0.076  2.498   1.00 0.00 ? 55  ARG A CA   1 
ATOM 182  C C    . ARG A 1 13  ? 10.093  1.171   2.450   1.00 0.00 ? 55  ARG A C    1 
ATOM 183  O O    . ARG A 1 13  ? 10.056  1.955   3.379   1.00 0.00 ? 55  ARG A O    1 
ATOM 184  C CB   . ARG A 1 13  ? 12.189  0.123   1.585   1.00 0.00 ? 55  ARG A CB   1 
ATOM 185  C CG   . ARG A 1 13  ? 13.210  -0.988  1.839   1.00 0.00 ? 55  ARG A CG   1 
ATOM 186  C CD   . ARG A 1 13  ? 14.492  -0.689  1.061   1.00 0.00 ? 55  ARG A CD   1 
ATOM 187  N NE   . ARG A 1 13  ? 15.460  -1.805  1.254   1.00 0.00 ? 55  ARG A NE   1 
ATOM 188  C CZ   . ARG A 1 13  ? 16.492  -1.918  0.463   1.00 0.00 ? 55  ARG A CZ   1 
ATOM 189  N NH1  . ARG A 1 13  ? 16.675  -1.054  -0.498  1.00 0.00 ? 55  ARG A NH1  1 
ATOM 190  N NH2  . ARG A 1 13  ? 17.341  -2.894  0.631   1.00 0.00 ? 55  ARG A NH2  1 
ATOM 191  H H    . ARG A 1 13  ? 10.347  -1.627  1.138   1.00 0.00 ? 55  ARG A H    1 
ATOM 192  H HA   . ARG A 1 13  ? 11.311  -0.243  3.510   1.00 0.00 ? 55  ARG A HA   1 
ATOM 193  H HB2  . ARG A 1 13  ? 11.870  0.091   0.554   1.00 0.00 ? 55  ARG A HB2  1 
ATOM 194  H HB3  . ARG A 1 13  ? 12.642  1.080   1.793   1.00 0.00 ? 55  ARG A HB3  1 
ATOM 195  H HG2  . ARG A 1 13  ? 13.432  -1.038  2.896   1.00 0.00 ? 55  ARG A HG2  1 
ATOM 196  H HG3  . ARG A 1 13  ? 12.804  -1.933  1.512   1.00 0.00 ? 55  ARG A HG3  1 
ATOM 197  H HD2  . ARG A 1 13  ? 14.260  -0.592  0.011   1.00 0.00 ? 55  ARG A HD2  1 
ATOM 198  H HD3  . ARG A 1 13  ? 14.926  0.231   1.422   1.00 0.00 ? 55  ARG A HD3  1 
ATOM 199  H HE   . ARG A 1 13  ? 15.324  -2.454  1.976   1.00 0.00 ? 55  ARG A HE   1 
ATOM 200  H HH11 . ARG A 1 13  ? 16.024  -0.304  -0.628  1.00 0.00 ? 55  ARG A HH11 1 
ATOM 201  H HH12 . ARG A 1 13  ? 17.464  -1.139  -1.104  1.00 0.00 ? 55  ARG A HH12 1 
ATOM 202  H HH21 . ARG A 1 13  ? 17.201  -3.556  1.369   1.00 0.00 ? 55  ARG A HH21 1 
ATOM 203  H HH22 . ARG A 1 13  ? 18.131  -2.980  0.025   1.00 0.00 ? 55  ARG A HH22 1 
ATOM 204  N N    . LEU A 1 14  ? 9.380   1.361   1.373   1.00 0.00 ? 56  LEU A N    1 
ATOM 205  C CA   . LEU A 1 14  ? 8.494   2.557   1.257   1.00 0.00 ? 56  LEU A CA   1 
ATOM 206  C C    . LEU A 1 14  ? 7.687   2.725   2.548   1.00 0.00 ? 56  LEU A C    1 
ATOM 207  O O    . LEU A 1 14  ? 7.798   3.723   3.232   1.00 0.00 ? 56  LEU A O    1 
ATOM 208  C CB   . LEU A 1 14  ? 7.532   2.359   0.077   1.00 0.00 ? 56  LEU A CB   1 
ATOM 209  C CG   . LEU A 1 14  ? 6.773   3.668   -0.219  1.00 0.00 ? 56  LEU A CG   1 
ATOM 210  C CD1  . LEU A 1 14  ? 7.623   4.594   -1.099  1.00 0.00 ? 56  LEU A CD1  1 
ATOM 211  C CD2  . LEU A 1 14  ? 5.466   3.349   -0.956  1.00 0.00 ? 56  LEU A CD2  1 
ATOM 212  H H    . LEU A 1 14  ? 9.427   0.716   0.640   1.00 0.00 ? 56  LEU A H    1 
ATOM 213  H HA   . LEU A 1 14  ? 9.097   3.435   1.090   1.00 0.00 ? 56  LEU A HA   1 
ATOM 214  H HB2  . LEU A 1 14  ? 8.095   2.057   -0.795  1.00 0.00 ? 56  LEU A HB2  1 
ATOM 215  H HB3  . LEU A 1 14  ? 6.825   1.581   0.329   1.00 0.00 ? 56  LEU A HB3  1 
ATOM 216  H HG   . LEU A 1 14  ? 6.542   4.171   0.709   1.00 0.00 ? 56  LEU A HG   1 
ATOM 217  H HD11 . LEU A 1 14  ? 7.979   4.051   -1.961  1.00 0.00 ? 56  LEU A HD11 1 
ATOM 218  H HD12 . LEU A 1 14  ? 7.020   5.428   -1.425  1.00 0.00 ? 56  LEU A HD12 1 
ATOM 219  H HD13 . LEU A 1 14  ? 8.464   4.962   -0.531  1.00 0.00 ? 56  LEU A HD13 1 
ATOM 220  H HD21 . LEU A 1 14  ? 4.866   2.683   -0.355  1.00 0.00 ? 56  LEU A HD21 1 
ATOM 221  H HD22 . LEU A 1 14  ? 4.920   4.263   -1.134  1.00 0.00 ? 56  LEU A HD22 1 
ATOM 222  H HD23 . LEU A 1 14  ? 5.692   2.876   -1.901  1.00 0.00 ? 56  LEU A HD23 1 
ATOM 223  N N    . VAL A 1 15  ? 6.878   1.760   2.882   1.00 0.00 ? 57  VAL A N    1 
ATOM 224  C CA   . VAL A 1 15  ? 6.066   1.868   4.127   1.00 0.00 ? 57  VAL A CA   1 
ATOM 225  C C    . VAL A 1 15  ? 6.972   2.257   5.297   1.00 0.00 ? 57  VAL A C    1 
ATOM 226  O O    . VAL A 1 15  ? 6.557   2.928   6.221   1.00 0.00 ? 57  VAL A O    1 
ATOM 227  C CB   . VAL A 1 15  ? 5.399   0.523   4.419   1.00 0.00 ? 57  VAL A CB   1 
ATOM 228  C CG1  . VAL A 1 15  ? 4.613   0.613   5.729   1.00 0.00 ? 57  VAL A CG1  1 
ATOM 229  C CG2  . VAL A 1 15  ? 4.442   0.169   3.275   1.00 0.00 ? 57  VAL A CG2  1 
ATOM 230  H H    . VAL A 1 15  ? 6.801   0.963   2.317   1.00 0.00 ? 57  VAL A H    1 
ATOM 231  H HA   . VAL A 1 15  ? 5.307   2.624   3.995   1.00 0.00 ? 57  VAL A HA   1 
ATOM 232  H HB   . VAL A 1 15  ? 6.158   -0.242  4.507   1.00 0.00 ? 57  VAL A HB   1 
ATOM 233  H HG11 . VAL A 1 15  ? 3.971   1.481   5.704   1.00 0.00 ? 57  VAL A HG11 1 
ATOM 234  H HG12 . VAL A 1 15  ? 4.012   -0.276  5.850   1.00 0.00 ? 57  VAL A HG12 1 
ATOM 235  H HG13 . VAL A 1 15  ? 5.301   0.698   6.557   1.00 0.00 ? 57  VAL A HG13 1 
ATOM 236  H HG21 . VAL A 1 15  ? 4.923   0.370   2.328   1.00 0.00 ? 57  VAL A HG21 1 
ATOM 237  H HG22 . VAL A 1 15  ? 4.184   -0.878  3.331   1.00 0.00 ? 57  VAL A HG22 1 
ATOM 238  H HG23 . VAL A 1 15  ? 3.546   0.765   3.355   1.00 0.00 ? 57  VAL A HG23 1 
ATOM 239  N N    . ASP A 1 16  ? 8.211   1.844   5.264   1.00 0.00 ? 58  ASP A N    1 
ATOM 240  C CA   . ASP A 1 16  ? 9.145   2.191   6.374   1.00 0.00 ? 58  ASP A CA   1 
ATOM 241  C C    . ASP A 1 16  ? 9.740   3.580   6.123   1.00 0.00 ? 58  ASP A C    1 
ATOM 242  O O    . ASP A 1 16  ? 9.027   4.535   5.884   1.00 0.00 ? 58  ASP A O    1 
ATOM 243  C CB   . ASP A 1 16  ? 10.272  1.155   6.434   1.00 0.00 ? 58  ASP A CB   1 
ATOM 244  C CG   . ASP A 1 16  ? 11.021  1.290   7.760   1.00 0.00 ? 58  ASP A CG   1 
ATOM 245  O OD1  . ASP A 1 16  ? 10.461  0.913   8.776   1.00 0.00 ? 58  ASP A OD1  1 
ATOM 246  O OD2  . ASP A 1 16  ? 12.144  1.769   7.737   1.00 0.00 ? 58  ASP A OD2  1 
ATOM 247  H H    . ASP A 1 16  ? 8.528   1.306   4.509   1.00 0.00 ? 58  ASP A H    1 
ATOM 248  H HA   . ASP A 1 16  ? 8.610   2.194   7.312   1.00 0.00 ? 58  ASP A HA   1 
ATOM 249  H HB2  . ASP A 1 16  ? 9.850   0.163   6.357   1.00 0.00 ? 58  ASP A HB2  1 
ATOM 250  H HB3  . ASP A 1 16  ? 10.957  1.320   5.615   1.00 0.00 ? 58  ASP A HB3  1 
ATOM 251  N N    . ASP A 1 17  ? 11.041  3.698   6.174   1.00 0.00 ? 59  ASP A N    1 
ATOM 252  C CA   . ASP A 1 17  ? 11.692  5.020   5.939   1.00 0.00 ? 59  ASP A CA   1 
ATOM 253  C C    . ASP A 1 17  ? 11.078  6.073   6.867   1.00 0.00 ? 59  ASP A C    1 
ATOM 254  O O    . ASP A 1 17  ? 10.095  5.827   7.536   1.00 0.00 ? 59  ASP A O    1 
ATOM 255  C CB   . ASP A 1 17  ? 11.491  5.441   4.480   1.00 0.00 ? 59  ASP A CB   1 
ATOM 256  C CG   . ASP A 1 17  ? 12.399  4.602   3.578   1.00 0.00 ? 59  ASP A CG   1 
ATOM 257  O OD1  . ASP A 1 17  ? 13.127  3.778   4.105   1.00 0.00 ? 59  ASP A OD1  1 
ATOM 258  O OD2  . ASP A 1 17  ? 12.348  4.798   2.373   1.00 0.00 ? 59  ASP A OD2  1 
ATOM 259  H H    . ASP A 1 17  ? 11.593  2.910   6.368   1.00 0.00 ? 59  ASP A H    1 
ATOM 260  H HA   . ASP A 1 17  ? 12.749  4.937   6.145   1.00 0.00 ? 59  ASP A HA   1 
ATOM 261  H HB2  . ASP A 1 17  ? 10.462  5.288   4.197   1.00 0.00 ? 59  ASP A HB2  1 
ATOM 262  H HB3  . ASP A 1 17  ? 11.745  6.484   4.369   1.00 0.00 ? 59  ASP A HB3  1 
ATOM 263  N N    . ALA A 1 18  ? 11.662  7.246   6.911   1.00 0.00 ? 60  ALA A N    1 
ATOM 264  C CA   . ALA A 1 18  ? 11.128  8.333   7.794   1.00 0.00 ? 60  ALA A CA   1 
ATOM 265  C C    . ALA A 1 18  ? 10.413  9.378   6.938   1.00 0.00 ? 60  ALA A C    1 
ATOM 266  O O    . ALA A 1 18  ? 9.321   9.810   7.249   1.00 0.00 ? 60  ALA A O    1 
ATOM 267  C CB   . ALA A 1 18  ? 12.291  8.997   8.534   1.00 0.00 ? 60  ALA A CB   1 
ATOM 268  H H    . ALA A 1 18  ? 12.455  7.414   6.363   1.00 0.00 ? 60  ALA A H    1 
ATOM 269  H HA   . ALA A 1 18  ? 10.433  7.924   8.513   1.00 0.00 ? 60  ALA A HA   1 
ATOM 270  H HB1  . ALA A 1 18  ? 13.090  9.203   7.840   1.00 0.00 ? 60  ALA A HB1  1 
ATOM 271  H HB2  . ALA A 1 18  ? 11.953  9.922   8.980   1.00 0.00 ? 60  ALA A HB2  1 
ATOM 272  H HB3  . ALA A 1 18  ? 12.649  8.334   9.310   1.00 0.00 ? 60  ALA A HB3  1 
ATOM 273  N N    . ASP A 1 19  ? 11.023  9.792   5.862   1.00 0.00 ? 61  ASP A N    1 
ATOM 274  C CA   . ASP A 1 19  ? 10.383  10.812  4.985   1.00 0.00 ? 61  ASP A CA   1 
ATOM 275  C C    . ASP A 1 19  ? 8.939   10.401  4.690   1.00 0.00 ? 61  ASP A C    1 
ATOM 276  O O    . ASP A 1 19  ? 8.085   11.229  4.447   1.00 0.00 ? 61  ASP A O    1 
ATOM 277  C CB   . ASP A 1 19  ? 11.163  10.915  3.671   1.00 0.00 ? 61  ASP A CB   1 
ATOM 278  C CG   . ASP A 1 19  ? 10.741  12.182  2.924   1.00 0.00 ? 61  ASP A CG   1 
ATOM 279  O OD1  . ASP A 1 19  ? 10.813  13.247  3.517   1.00 0.00 ? 61  ASP A OD1  1 
ATOM 280  O OD2  . ASP A 1 19  ? 10.353  12.067  1.774   1.00 0.00 ? 61  ASP A OD2  1 
ATOM 281  H H    . ASP A 1 19  ? 11.904  9.431   5.632   1.00 0.00 ? 61  ASP A H    1 
ATOM 282  H HA   . ASP A 1 19  ? 10.390  11.771  5.482   1.00 0.00 ? 61  ASP A HA   1 
ATOM 283  H HB2  . ASP A 1 19  ? 12.221  10.956  3.882   1.00 0.00 ? 61  ASP A HB2  1 
ATOM 284  H HB3  . ASP A 1 19  ? 10.951  10.052  3.058   1.00 0.00 ? 61  ASP A HB3  1 
ATOM 285  N N    . THR A 1 20  ? 8.661   9.123   4.709   1.00 0.00 ? 62  THR A N    1 
ATOM 286  C CA   . THR A 1 20  ? 7.272   8.643   4.432   1.00 0.00 ? 62  THR A CA   1 
ATOM 287  C C    . THR A 1 20  ? 6.569   8.339   5.759   1.00 0.00 ? 62  THR A C    1 
ATOM 288  O O    . THR A 1 20  ? 5.737   7.458   5.845   1.00 0.00 ? 62  THR A O    1 
ATOM 289  C CB   . THR A 1 20  ? 7.342   7.363   3.593   1.00 0.00 ? 62  THR A CB   1 
ATOM 290  O OG1  . THR A 1 20  ? 7.552   6.249   4.449   1.00 0.00 ? 62  THR A OG1  1 
ATOM 291  C CG2  . THR A 1 20  ? 8.495   7.466   2.594   1.00 0.00 ? 62  THR A CG2  1 
ATOM 292  H H    . THR A 1 20  ? 9.369   8.474   4.909   1.00 0.00 ? 62  THR A H    1 
ATOM 293  H HA   . THR A 1 20  ? 6.717   9.398   3.892   1.00 0.00 ? 62  THR A HA   1 
ATOM 294  H HB   . THR A 1 20  ? 6.415   7.234   3.055   1.00 0.00 ? 62  THR A HB   1 
ATOM 295  H HG1  . THR A 1 20  ? 7.386   5.450   3.942   1.00 0.00 ? 62  THR A HG1  1 
ATOM 296  H HG21 . THR A 1 20  ? 8.486   8.443   2.132   1.00 0.00 ? 62  THR A HG21 1 
ATOM 297  H HG22 . THR A 1 20  ? 9.432   7.322   3.111   1.00 0.00 ? 62  THR A HG22 1 
ATOM 298  H HG23 . THR A 1 20  ? 8.383   6.707   1.834   1.00 0.00 ? 62  THR A HG23 1 
ATOM 299  N N    . ASN A 1 21  ? 6.903   9.061   6.796   1.00 0.00 ? 63  ASN A N    1 
ATOM 300  C CA   . ASN A 1 21  ? 6.261   8.817   8.121   1.00 0.00 ? 63  ASN A CA   1 
ATOM 301  C C    . ASN A 1 21  ? 4.966   9.622   8.228   1.00 0.00 ? 63  ASN A C    1 
ATOM 302  O O    . ASN A 1 21  ? 4.686   10.233  9.240   1.00 0.00 ? 63  ASN A O    1 
ATOM 303  C CB   . ASN A 1 21  ? 7.218   9.248   9.235   1.00 0.00 ? 63  ASN A CB   1 
ATOM 304  C CG   . ASN A 1 21  ? 6.622   8.874   10.594  1.00 0.00 ? 63  ASN A CG   1 
ATOM 305  O OD1  . ASN A 1 21  ? 6.112   9.722   11.300  1.00 0.00 ? 63  ASN A OD1  1 
ATOM 306  N ND2  . ASN A 1 21  ? 6.665   7.633   10.992  1.00 0.00 ? 63  ASN A ND2  1 
ATOM 307  H H    . ASN A 1 21  ? 7.580   9.764   6.704   1.00 0.00 ? 63  ASN A H    1 
ATOM 308  H HA   . ASN A 1 21  ? 6.041   7.764   8.228   1.00 0.00 ? 63  ASN A HA   1 
ATOM 309  H HB2  . ASN A 1 21  ? 8.168   8.747   9.108   1.00 0.00 ? 63  ASN A HB2  1 
ATOM 310  H HB3  . ASN A 1 21  ? 7.366   10.316  9.189   1.00 0.00 ? 63  ASN A HB3  1 
ATOM 311  H HD21 . ASN A 1 21  ? 7.074   6.949   10.423  1.00 0.00 ? 63  ASN A HD21 1 
ATOM 312  H HD22 . ASN A 1 21  ? 6.284   7.384   11.862  1.00 0.00 ? 63  ASN A HD22 1 
ATOM 313  N N    . ARG A 1 22  ? 4.167   9.625   7.195   1.00 0.00 ? 64  ARG A N    1 
ATOM 314  C CA   . ARG A 1 22  ? 2.889   10.389  7.246   1.00 0.00 ? 64  ARG A CA   1 
ATOM 315  C C    . ARG A 1 22  ? 2.035   10.039  6.024   1.00 0.00 ? 64  ARG A C    1 
ATOM 316  O O    . ARG A 1 22  ? 0.826   9.941   6.103   1.00 0.00 ? 64  ARG A O    1 
ATOM 317  C CB   . ARG A 1 22  ? 3.192   11.892  7.274   1.00 0.00 ? 64  ARG A CB   1 
ATOM 318  C CG   . ARG A 1 22  ? 3.452   12.417  5.859   1.00 0.00 ? 64  ARG A CG   1 
ATOM 319  C CD   . ARG A 1 22  ? 4.122   13.781  5.957   1.00 0.00 ? 64  ARG A CD   1 
ATOM 320  N NE   . ARG A 1 22  ? 4.381   14.315  4.591   1.00 0.00 ? 64  ARG A NE   1 
ATOM 321  C CZ   . ARG A 1 22  ? 4.665   15.579  4.427   1.00 0.00 ? 64  ARG A CZ   1 
ATOM 322  N NH1  . ARG A 1 22  ? 4.721   16.374  5.459   1.00 0.00 ? 64  ARG A NH1  1 
ATOM 323  N NH2  . ARG A 1 22  ? 4.893   16.047  3.230   1.00 0.00 ? 64  ARG A NH2  1 
ATOM 324  H H    . ARG A 1 22  ? 4.408   9.124   6.388   1.00 0.00 ? 64  ARG A H    1 
ATOM 325  H HA   . ARG A 1 22  ? 2.356   10.125  8.141   1.00 0.00 ? 64  ARG A HA   1 
ATOM 326  H HB2  . ARG A 1 22  ? 2.347   12.417  7.698   1.00 0.00 ? 64  ARG A HB2  1 
ATOM 327  H HB3  . ARG A 1 22  ? 4.063   12.064  7.887   1.00 0.00 ? 64  ARG A HB3  1 
ATOM 328  H HG2  . ARG A 1 22  ? 4.097   11.728  5.327   1.00 0.00 ? 64  ARG A HG2  1 
ATOM 329  H HG3  . ARG A 1 22  ? 2.512   12.514  5.333   1.00 0.00 ? 64  ARG A HG3  1 
ATOM 330  H HD2  . ARG A 1 22  ? 3.471   14.455  6.494   1.00 0.00 ? 64  ARG A HD2  1 
ATOM 331  H HD3  . ARG A 1 22  ? 5.054   13.679  6.490   1.00 0.00 ? 64  ARG A HD3  1 
ATOM 332  H HE   . ARG A 1 22  ? 4.338   13.718  3.815   1.00 0.00 ? 64  ARG A HE   1 
ATOM 333  H HH11 . ARG A 1 22  ? 4.547   16.017  6.377   1.00 0.00 ? 64  ARG A HH11 1 
ATOM 334  H HH12 . ARG A 1 22  ? 4.939   17.343  5.334   1.00 0.00 ? 64  ARG A HH12 1 
ATOM 335  H HH21 . ARG A 1 22  ? 4.850   15.436  2.438   1.00 0.00 ? 64  ARG A HH21 1 
ATOM 336  H HH22 . ARG A 1 22  ? 5.112   17.014  3.104   1.00 0.00 ? 64  ARG A HH22 1 
ATOM 337  N N    . LEU A 1 23  ? 2.658   9.855   4.893   1.00 0.00 ? 65  LEU A N    1 
ATOM 338  C CA   . LEU A 1 23  ? 1.889   9.519   3.666   1.00 0.00 ? 65  LEU A CA   1 
ATOM 339  C C    . LEU A 1 23  ? 1.533   8.034   3.692   1.00 0.00 ? 65  LEU A C    1 
ATOM 340  O O    . LEU A 1 23  ? 0.526   7.622   3.160   1.00 0.00 ? 65  LEU A O    1 
ATOM 341  C CB   . LEU A 1 23  ? 2.744   9.819   2.422   1.00 0.00 ? 65  LEU A CB   1 
ATOM 342  C CG   . LEU A 1 23  ? 2.968   11.338  2.269   1.00 0.00 ? 65  LEU A CG   1 
ATOM 343  C CD1  . LEU A 1 23  ? 4.247   11.593  1.462   1.00 0.00 ? 65  LEU A CD1  1 
ATOM 344  C CD2  . LEU A 1 23  ? 1.771   11.987  1.544   1.00 0.00 ? 65  LEU A CD2  1 
ATOM 345  H H    . LEU A 1 23  ? 3.635   9.944   4.852   1.00 0.00 ? 65  LEU A H    1 
ATOM 346  H HA   . LEU A 1 23  ? 0.985   10.105  3.638   1.00 0.00 ? 65  LEU A HA   1 
ATOM 347  H HB2  . LEU A 1 23  ? 3.698   9.321   2.526   1.00 0.00 ? 65  LEU A HB2  1 
ATOM 348  H HB3  . LEU A 1 23  ? 2.241   9.442   1.550   1.00 0.00 ? 65  LEU A HB3  1 
ATOM 349  H HG   . LEU A 1 23  ? 3.077   11.782  3.242   1.00 0.00 ? 65  LEU A HG   1 
ATOM 350  H HD11 . LEU A 1 23  ? 5.085   11.126  1.957   1.00 0.00 ? 65  LEU A HD11 1 
ATOM 351  H HD12 . LEU A 1 23  ? 4.137   11.178  0.471   1.00 0.00 ? 65  LEU A HD12 1 
ATOM 352  H HD13 . LEU A 1 23  ? 4.420   12.657  1.388   1.00 0.00 ? 65  LEU A HD13 1 
ATOM 353  H HD21 . LEU A 1 23  ? 0.854   11.495  1.827   1.00 0.00 ? 65  LEU A HD21 1 
ATOM 354  H HD22 . LEU A 1 23  ? 1.711   13.032  1.812   1.00 0.00 ? 65  LEU A HD22 1 
ATOM 355  H HD23 . LEU A 1 23  ? 1.904   11.902  0.476   1.00 0.00 ? 65  LEU A HD23 1 
ATOM 356  N N    . ILE A 1 24  ? 2.347   7.223   4.314   1.00 0.00 ? 66  ILE A N    1 
ATOM 357  C CA   . ILE A 1 24  ? 2.042   5.763   4.374   1.00 0.00 ? 66  ILE A CA   1 
ATOM 358  C C    . ILE A 1 24  ? 2.733   5.143   5.590   1.00 0.00 ? 66  ILE A C    1 
ATOM 359  O O    . ILE A 1 24  ? 3.883   5.419   5.870   1.00 0.00 ? 66  ILE A O    1 
ATOM 360  C CB   . ILE A 1 24  ? 2.544   5.081   3.098   1.00 0.00 ? 66  ILE A CB   1 
ATOM 361  C CG1  . ILE A 1 24  ? 2.303   3.568   3.207   1.00 0.00 ? 66  ILE A CG1  1 
ATOM 362  C CG2  . ILE A 1 24  ? 4.040   5.364   2.925   1.00 0.00 ? 66  ILE A CG2  1 
ATOM 363  C CD1  . ILE A 1 24  ? 2.440   2.912   1.828   1.00 0.00 ? 66  ILE A CD1  1 
ATOM 364  H H    . ILE A 1 24  ? 3.155   7.574   4.744   1.00 0.00 ? 66  ILE A H    1 
ATOM 365  H HA   . ILE A 1 24  ? 0.976   5.622   4.460   1.00 0.00 ? 66  ILE A HA   1 
ATOM 366  H HB   . ILE A 1 24  ? 2.004   5.475   2.249   1.00 0.00 ? 66  ILE A HB   1 
ATOM 367  H HG12 . ILE A 1 24  ? 3.023   3.135   3.883   1.00 0.00 ? 66  ILE A HG12 1 
ATOM 368  H HG13 . ILE A 1 24  ? 1.306   3.391   3.586   1.00 0.00 ? 66  ILE A HG13 1 
ATOM 369  H HG21 . ILE A 1 24  ? 4.217   6.425   3.021   1.00 0.00 ? 66  ILE A HG21 1 
ATOM 370  H HG22 . ILE A 1 24  ? 4.599   4.839   3.684   1.00 0.00 ? 66  ILE A HG22 1 
ATOM 371  H HG23 . ILE A 1 24  ? 4.358   5.036   1.948   1.00 0.00 ? 66  ILE A HG23 1 
ATOM 372  H HD11 . ILE A 1 24  ? 1.842   3.450   1.110   1.00 0.00 ? 66  ILE A HD11 1 
ATOM 373  H HD12 . ILE A 1 24  ? 3.474   2.928   1.520   1.00 0.00 ? 66  ILE A HD12 1 
ATOM 374  H HD13 . ILE A 1 24  ? 2.099   1.888   1.883   1.00 0.00 ? 66  ILE A HD13 1 
ATOM 375  N N    . CYS A 1 25  ? 2.038   4.308   6.315   1.00 0.00 ? 67  CYS A N    1 
ATOM 376  C CA   . CYS A 1 25  ? 2.651   3.667   7.515   1.00 0.00 ? 67  CYS A CA   1 
ATOM 377  C C    . CYS A 1 25  ? 1.927   2.354   7.821   1.00 0.00 ? 67  CYS A C    1 
ATOM 378  O O    . CYS A 1 25  ? 1.000   1.971   7.136   1.00 0.00 ? 67  CYS A O    1 
ATOM 379  C CB   . CYS A 1 25  ? 2.525   4.610   8.715   1.00 0.00 ? 67  CYS A CB   1 
ATOM 380  S SG   . CYS A 1 25  ? 0.776   4.819   9.134   1.00 0.00 ? 67  CYS A SG   1 
ATOM 381  H H    . CYS A 1 25  ? 1.111   4.101   6.069   1.00 0.00 ? 67  CYS A H    1 
ATOM 382  H HA   . CYS A 1 25  ? 3.695   3.465   7.325   1.00 0.00 ? 67  CYS A HA   1 
ATOM 383  H HB2  . CYS A 1 25  ? 3.050   4.189   9.559   1.00 0.00 ? 67  CYS A HB2  1 
ATOM 384  H HB3  . CYS A 1 25  ? 2.952   5.569   8.466   1.00 0.00 ? 67  CYS A HB3  1 
ATOM 385  H HG   . CYS A 1 25  ? 0.719   5.454   9.853   1.00 0.00 ? 67  CYS A HG   1 
ATOM 386  N N    . TRP A 1 26  ? 2.344   1.661   8.845   1.00 0.00 ? 68  TRP A N    1 
ATOM 387  C CA   . TRP A 1 26  ? 1.681   0.372   9.197   1.00 0.00 ? 68  TRP A CA   1 
ATOM 388  C C    . TRP A 1 26  ? 0.398   0.653   9.982   1.00 0.00 ? 68  TRP A C    1 
ATOM 389  O O    . TRP A 1 26  ? 0.295   1.640   10.684  1.00 0.00 ? 68  TRP A O    1 
ATOM 390  C CB   . TRP A 1 26  ? 2.625   -0.470  10.057  1.00 0.00 ? 68  TRP A CB   1 
ATOM 391  C CG   . TRP A 1 26  ? 3.841   -0.830  9.265   1.00 0.00 ? 68  TRP A CG   1 
ATOM 392  C CD1  . TRP A 1 26  ? 4.986   -0.109  9.228   1.00 0.00 ? 68  TRP A CD1  1 
ATOM 393  C CD2  . TRP A 1 26  ? 4.054   -1.983  8.399   1.00 0.00 ? 68  TRP A CD2  1 
ATOM 394  N NE1  . TRP A 1 26  ? 5.891   -0.744  8.395   1.00 0.00 ? 68  TRP A NE1  1 
ATOM 395  C CE2  . TRP A 1 26  ? 5.366   -1.901  7.859   1.00 0.00 ? 68  TRP A CE2  1 
ATOM 396  C CE3  . TRP A 1 26  ? 3.245   -3.082  8.030   1.00 0.00 ? 68  TRP A CE3  1 
ATOM 397  C CZ2  . TRP A 1 26  ? 5.859   -2.880  6.982   1.00 0.00 ? 68  TRP A CZ2  1 
ATOM 398  C CZ3  . TRP A 1 26  ? 3.737   -4.069  7.149   1.00 0.00 ? 68  TRP A CZ3  1 
ATOM 399  C CH2  . TRP A 1 26  ? 5.042   -3.966  6.627   1.00 0.00 ? 68  TRP A CH2  1 
ATOM 400  H H    . TRP A 1 26  ? 3.094   1.987   9.384   1.00 0.00 ? 68  TRP A H    1 
ATOM 401  H HA   . TRP A 1 26  ? 1.439   -0.168  8.293   1.00 0.00 ? 68  TRP A HA   1 
ATOM 402  H HB2  . TRP A 1 26  ? 2.919   0.097   10.928  1.00 0.00 ? 68  TRP A HB2  1 
ATOM 403  H HB3  . TRP A 1 26  ? 2.119   -1.372  10.367  1.00 0.00 ? 68  TRP A HB3  1 
ATOM 404  H HD1  . TRP A 1 26  ? 5.166   0.813   9.763   1.00 0.00 ? 68  TRP A HD1  1 
ATOM 405  H HE1  . TRP A 1 26  ? 6.796   -0.425  8.197   1.00 0.00 ? 68  TRP A HE1  1 
ATOM 406  H HE3  . TRP A 1 26  ? 2.244   -3.169  8.427   1.00 0.00 ? 68  TRP A HE3  1 
ATOM 407  H HZ2  . TRP A 1 26  ? 6.860   -2.798  6.583   1.00 0.00 ? 68  TRP A HZ2  1 
ATOM 408  H HZ3  . TRP A 1 26  ? 3.111   -4.905  6.874   1.00 0.00 ? 68  TRP A HZ3  1 
ATOM 409  H HH2  . TRP A 1 26  ? 5.414   -4.724  5.952   1.00 0.00 ? 68  TRP A HH2  1 
ATOM 410  N N    . THR A 1 27  ? -0.581  -0.205  9.873   1.00 0.00 ? 69  THR A N    1 
ATOM 411  C CA   . THR A 1 27  ? -1.854  0.017   10.618  1.00 0.00 ? 69  THR A CA   1 
ATOM 412  C C    . THR A 1 27  ? -1.704  -0.497  12.051  1.00 0.00 ? 69  THR A C    1 
ATOM 413  O O    . THR A 1 27  ? -1.338  -1.632  12.280  1.00 0.00 ? 69  THR A O    1 
ATOM 414  C CB   . THR A 1 27  ? -2.992  -0.737  9.928   1.00 0.00 ? 69  THR A CB   1 
ATOM 415  O OG1  . THR A 1 27  ? -2.870  -2.126  10.197  1.00 0.00 ? 69  THR A OG1  1 
ATOM 416  C CG2  . THR A 1 27  ? -2.923  -0.499  8.422   1.00 0.00 ? 69  THR A CG2  1 
ATOM 417  H H    . THR A 1 27  ? -0.476  -0.995  9.302   1.00 0.00 ? 69  THR A H    1 
ATOM 418  H HA   . THR A 1 27  ? -2.083  1.073   10.638  1.00 0.00 ? 69  THR A HA   1 
ATOM 419  H HB   . THR A 1 27  ? -3.939  -0.377  10.300  1.00 0.00 ? 69  THR A HB   1 
ATOM 420  H HG1  . THR A 1 27  ? -2.772  -2.238  11.146  1.00 0.00 ? 69  THR A HG1  1 
ATOM 421  H HG21 . THR A 1 27  ? -2.856  0.563   8.229   1.00 0.00 ? 69  THR A HG21 1 
ATOM 422  H HG22 . THR A 1 27  ? -2.052  -0.993  8.021   1.00 0.00 ? 69  THR A HG22 1 
ATOM 423  H HG23 . THR A 1 27  ? -3.810  -0.895  7.955   1.00 0.00 ? 69  THR A HG23 1 
ATOM 424  N N    . LYS A 1 28  ? -1.986  0.334   13.017  1.00 0.00 ? 70  LYS A N    1 
ATOM 425  C CA   . LYS A 1 28  ? -1.865  -0.101  14.440  1.00 0.00 ? 70  LYS A CA   1 
ATOM 426  C C    . LYS A 1 28  ? -0.536  -0.835  14.646  1.00 0.00 ? 70  LYS A C    1 
ATOM 427  O O    . LYS A 1 28  ? 0.517   -0.231  14.691  1.00 0.00 ? 70  LYS A O    1 
ATOM 428  C CB   . LYS A 1 28  ? -3.023  -1.039  14.787  1.00 0.00 ? 70  LYS A CB   1 
ATOM 429  C CG   . LYS A 1 28  ? -4.334  -0.248  14.797  1.00 0.00 ? 70  LYS A CG   1 
ATOM 430  C CD   . LYS A 1 28  ? -5.459  -1.130  15.340  1.00 0.00 ? 70  LYS A CD   1 
ATOM 431  C CE   . LYS A 1 28  ? -6.792  -0.391  15.223  1.00 0.00 ? 70  LYS A CE   1 
ATOM 432  N NZ   . LYS A 1 28  ? -7.913  -1.343  15.460  1.00 0.00 ? 70  LYS A NZ   1 
ATOM 433  H H    . LYS A 1 28  ? -2.281  1.243   12.806  1.00 0.00 ? 70  LYS A H    1 
ATOM 434  H HA   . LYS A 1 28  ? -1.899  0.766   15.083  1.00 0.00 ? 70  LYS A HA   1 
ATOM 435  H HB2  . LYS A 1 28  ? -3.083  -1.825  14.049  1.00 0.00 ? 70  LYS A HB2  1 
ATOM 436  H HB3  . LYS A 1 28  ? -2.858  -1.471  15.761  1.00 0.00 ? 70  LYS A HB3  1 
ATOM 437  H HG2  . LYS A 1 28  ? -4.223  0.624   15.427  1.00 0.00 ? 70  LYS A HG2  1 
ATOM 438  H HG3  . LYS A 1 28  ? -4.575  0.063   13.792  1.00 0.00 ? 70  LYS A HG3  1 
ATOM 439  H HD2  . LYS A 1 28  ? -5.504  -2.047  14.769  1.00 0.00 ? 70  LYS A HD2  1 
ATOM 440  H HD3  . LYS A 1 28  ? -5.267  -1.361  16.377  1.00 0.00 ? 70  LYS A HD3  1 
ATOM 441  H HE2  . LYS A 1 28  ? -6.831  0.401   15.959  1.00 0.00 ? 70  LYS A HE2  1 
ATOM 442  H HE3  . LYS A 1 28  ? -6.883  0.035   14.234  1.00 0.00 ? 70  LYS A HE3  1 
ATOM 443  H HZ1  . LYS A 1 28  ? -7.699  -2.250  14.996  1.00 0.00 ? 70  LYS A HZ1  1 
ATOM 444  H HZ2  . LYS A 1 28  ? -8.031  -1.494  16.480  1.00 0.00 ? 70  LYS A HZ2  1 
ATOM 445  H HZ3  . LYS A 1 28  ? -8.791  -0.951  15.065  1.00 0.00 ? 70  LYS A HZ3  1 
ATOM 446  N N    . ASP A 1 29  ? -0.579  -2.134  14.773  1.00 0.00 ? 71  ASP A N    1 
ATOM 447  C CA   . ASP A 1 29  ? 0.680   -2.907  14.978  1.00 0.00 ? 71  ASP A CA   1 
ATOM 448  C C    . ASP A 1 29  ? 1.368   -3.133  13.630  1.00 0.00 ? 71  ASP A C    1 
ATOM 449  O O    . ASP A 1 29  ? 2.167   -2.334  13.189  1.00 0.00 ? 71  ASP A O    1 
ATOM 450  C CB   . ASP A 1 29  ? 0.349   -4.258  15.616  1.00 0.00 ? 71  ASP A CB   1 
ATOM 451  C CG   . ASP A 1 29  ? -0.228  -4.035  17.014  1.00 0.00 ? 71  ASP A CG   1 
ATOM 452  O OD1  . ASP A 1 29  ? 0.250   -3.143  17.696  1.00 0.00 ? 71  ASP A OD1  1 
ATOM 453  O OD2  . ASP A 1 29  ? -1.138  -4.762  17.381  1.00 0.00 ? 71  ASP A OD2  1 
ATOM 454  H H    . ASP A 1 29  ? -1.440  -2.602  14.735  1.00 0.00 ? 71  ASP A H    1 
ATOM 455  H HA   . ASP A 1 29  ? 1.340   -2.354  15.631  1.00 0.00 ? 71  ASP A HA   1 
ATOM 456  H HB2  . ASP A 1 29  ? -0.376  -4.776  15.004  1.00 0.00 ? 71  ASP A HB2  1 
ATOM 457  H HB3  . ASP A 1 29  ? 1.248   -4.851  15.689  1.00 0.00 ? 71  ASP A HB3  1 
ATOM 458  N N    . GLY A 1 30  ? 1.062   -4.220  12.973  1.00 0.00 ? 72  GLY A N    1 
ATOM 459  C CA   . GLY A 1 30  ? 1.701   -4.498  11.654  1.00 0.00 ? 72  GLY A CA   1 
ATOM 460  C C    . GLY A 1 30  ? 0.836   -5.482  10.862  1.00 0.00 ? 72  GLY A C    1 
ATOM 461  O O    . GLY A 1 30  ? 1.301   -6.512  10.418  1.00 0.00 ? 72  GLY A O    1 
ATOM 462  H H    . GLY A 1 30  ? 0.414   -4.854  13.347  1.00 0.00 ? 72  GLY A H    1 
ATOM 463  H HA2  . GLY A 1 30  ? 1.799   -3.576  11.098  1.00 0.00 ? 72  GLY A HA2  1 
ATOM 464  H HA3  . GLY A 1 30  ? 2.677   -4.930  11.810  1.00 0.00 ? 72  GLY A HA3  1 
ATOM 465  N N    . GLN A 1 31  ? -0.420  -5.169  10.679  1.00 0.00 ? 73  GLN A N    1 
ATOM 466  C CA   . GLN A 1 31  ? -1.318  -6.084  9.913   1.00 0.00 ? 73  GLN A CA   1 
ATOM 467  C C    . GLN A 1 31  ? -1.274  -5.713  8.430   1.00 0.00 ? 73  GLN A C    1 
ATOM 468  O O    . GLN A 1 31  ? -1.428  -6.553  7.564   1.00 0.00 ? 73  GLN A O    1 
ATOM 469  C CB   . GLN A 1 31  ? -2.752  -5.938  10.431  1.00 0.00 ? 73  GLN A CB   1 
ATOM 470  C CG   . GLN A 1 31  ? -2.846  -6.517  11.844  1.00 0.00 ? 73  GLN A CG   1 
ATOM 471  C CD   . GLN A 1 31  ? -4.313  -6.579  12.272  1.00 0.00 ? 73  GLN A CD   1 
ATOM 472  O OE1  . GLN A 1 31  ? -4.972  -5.564  12.378  1.00 0.00 ? 73  GLN A OE1  1 
ATOM 473  N NE2  . GLN A 1 31  ? -4.858  -7.739  12.522  1.00 0.00 ? 73  GLN A NE2  1 
ATOM 474  H H    . GLN A 1 31  ? -0.773  -4.331  11.046  1.00 0.00 ? 73  GLN A H    1 
ATOM 475  H HA   . GLN A 1 31  ? -0.993  -7.107  10.038  1.00 0.00 ? 73  GLN A HA   1 
ATOM 476  H HB2  . GLN A 1 31  ? -3.021  -4.891  10.450  1.00 0.00 ? 73  GLN A HB2  1 
ATOM 477  H HB3  . GLN A 1 31  ? -3.426  -6.472  9.779   1.00 0.00 ? 73  GLN A HB3  1 
ATOM 478  H HG2  . GLN A 1 31  ? -2.425  -7.511  11.854  1.00 0.00 ? 73  GLN A HG2  1 
ATOM 479  H HG3  . GLN A 1 31  ? -2.300  -5.884  12.530  1.00 0.00 ? 73  GLN A HG3  1 
ATOM 480  H HE21 . GLN A 1 31  ? -4.328  -8.558  12.436  1.00 0.00 ? 73  GLN A HE21 1 
ATOM 481  H HE22 . GLN A 1 31  ? -5.797  -7.789  12.796  1.00 0.00 ? 73  GLN A HE22 1 
ATOM 482  N N    . SER A 1 32  ? -1.062  -4.461  8.126   1.00 0.00 ? 74  SER A N    1 
ATOM 483  C CA   . SER A 1 32  ? -1.005  -4.037  6.700   1.00 0.00 ? 74  SER A CA   1 
ATOM 484  C C    . SER A 1 32  ? -0.530  -2.583  6.622   1.00 0.00 ? 74  SER A C    1 
ATOM 485  O O    . SER A 1 32  ? 0.428   -2.207  7.269   1.00 0.00 ? 74  SER A O    1 
ATOM 486  C CB   . SER A 1 32  ? -2.393  -4.167  6.074   1.00 0.00 ? 74  SER A CB   1 
ATOM 487  O OG   . SER A 1 32  ? -3.162  -3.014  6.388   1.00 0.00 ? 74  SER A OG   1 
ATOM 488  H H    . SER A 1 32  ? -0.939  -3.800  8.839   1.00 0.00 ? 74  SER A H    1 
ATOM 489  H HA   . SER A 1 32  ? -0.309  -4.670  6.168   1.00 0.00 ? 74  SER A HA   1 
ATOM 490  H HB2  . SER A 1 32  ? -2.298  -4.253  5.006   1.00 0.00 ? 74  SER A HB2  1 
ATOM 491  H HB3  . SER A 1 32  ? -2.879  -5.053  6.462   1.00 0.00 ? 74  SER A HB3  1 
ATOM 492  H HG   . SER A 1 32  ? -3.775  -3.248  7.088   1.00 0.00 ? 74  SER A HG   1 
ATOM 493  N N    . PHE A 1 33  ? -1.178  -1.755  5.840   1.00 0.00 ? 75  PHE A N    1 
ATOM 494  C CA   . PHE A 1 33  ? -0.726  -0.331  5.750   1.00 0.00 ? 75  PHE A CA   1 
ATOM 495  C C    . PHE A 1 33  ? -1.880  0.572   5.307   1.00 0.00 ? 75  PHE A C    1 
ATOM 496  O O    . PHE A 1 33  ? -2.915  0.109   4.871   1.00 0.00 ? 75  PHE A O    1 
ATOM 497  C CB   . PHE A 1 33  ? 0.423   -0.222  4.743   1.00 0.00 ? 75  PHE A CB   1 
ATOM 498  C CG   . PHE A 1 33  ? 0.038   -0.896  3.450   1.00 0.00 ? 75  PHE A CG   1 
ATOM 499  C CD1  . PHE A 1 33  ? 0.202   -2.287  3.305   1.00 0.00 ? 75  PHE A CD1  1 
ATOM 500  C CD2  . PHE A 1 33  ? -0.478  -0.134  2.384   1.00 0.00 ? 75  PHE A CD2  1 
ATOM 501  C CE1  . PHE A 1 33  ? -0.152  -2.916  2.095   1.00 0.00 ? 75  PHE A CE1  1 
ATOM 502  C CE2  . PHE A 1 33  ? -0.831  -0.762  1.173   1.00 0.00 ? 75  PHE A CE2  1 
ATOM 503  C CZ   . PHE A 1 33  ? -0.668  -2.153  1.029   1.00 0.00 ? 75  PHE A CZ   1 
ATOM 504  H H    . PHE A 1 33  ? -1.951  -2.066  5.319   1.00 0.00 ? 75  PHE A H    1 
ATOM 505  H HA   . PHE A 1 33  ? -0.376  -0.004  6.720   1.00 0.00 ? 75  PHE A HA   1 
ATOM 506  H HB2  . PHE A 1 33  ? 0.637   0.821   4.555   1.00 0.00 ? 75  PHE A HB2  1 
ATOM 507  H HB3  . PHE A 1 33  ? 1.302   -0.699  5.149   1.00 0.00 ? 75  PHE A HB3  1 
ATOM 508  H HD1  . PHE A 1 33  ? 0.597   -2.872  4.122   1.00 0.00 ? 75  PHE A HD1  1 
ATOM 509  H HD2  . PHE A 1 33  ? -0.605  0.933   2.495   1.00 0.00 ? 75  PHE A HD2  1 
ATOM 510  H HE1  . PHE A 1 33  ? -0.027  -3.984  1.985   1.00 0.00 ? 75  PHE A HE1  1 
ATOM 511  H HE2  . PHE A 1 33  ? -1.226  -0.177  0.357   1.00 0.00 ? 75  PHE A HE2  1 
ATOM 512  H HZ   . PHE A 1 33  ? -0.938  -2.635  0.100   1.00 0.00 ? 75  PHE A HZ   1 
ATOM 513  N N    . VAL A 1 34  ? -1.701  1.867   5.417   1.00 0.00 ? 76  VAL A N    1 
ATOM 514  C CA   . VAL A 1 34  ? -2.777  2.821   5.007   1.00 0.00 ? 76  VAL A CA   1 
ATOM 515  C C    . VAL A 1 34  ? -2.144  4.098   4.457   1.00 0.00 ? 76  VAL A C    1 
ATOM 516  O O    . VAL A 1 34  ? -1.013  4.425   4.754   1.00 0.00 ? 76  VAL A O    1 
ATOM 517  C CB   . VAL A 1 34  ? -3.654  3.162   6.219   1.00 0.00 ? 76  VAL A CB   1 
ATOM 518  C CG1  . VAL A 1 34  ? -2.767  3.524   7.415   1.00 0.00 ? 76  VAL A CG1  1 
ATOM 519  C CG2  . VAL A 1 34  ? -4.585  4.345   5.896   1.00 0.00 ? 76  VAL A CG2  1 
ATOM 520  H H    . VAL A 1 34  ? -0.855  2.213   5.772   1.00 0.00 ? 76  VAL A H    1 
ATOM 521  H HA   . VAL A 1 34  ? -3.389  2.369   4.240   1.00 0.00 ? 76  VAL A HA   1 
ATOM 522  H HB   . VAL A 1 34  ? -4.247  2.300   6.468   1.00 0.00 ? 76  VAL A HB   1 
ATOM 523  H HG11 . VAL A 1 34  ? -2.106  2.700   7.638   1.00 0.00 ? 76  VAL A HG11 1 
ATOM 524  H HG12 . VAL A 1 34  ? -2.182  4.400   7.175   1.00 0.00 ? 76  VAL A HG12 1 
ATOM 525  H HG13 . VAL A 1 34  ? -3.389  3.730   8.274   1.00 0.00 ? 76  VAL A HG13 1 
ATOM 526  H HG21 . VAL A 1 34  ? -4.891  4.300   4.864   1.00 0.00 ? 76  VAL A HG21 1 
ATOM 527  H HG22 . VAL A 1 34  ? -5.457  4.293   6.527   1.00 0.00 ? 76  VAL A HG22 1 
ATOM 528  H HG23 . VAL A 1 34  ? -4.070  5.280   6.071   1.00 0.00 ? 76  VAL A HG23 1 
ATOM 529  N N    . ILE A 1 35  ? -2.882  4.818   3.654   1.00 0.00 ? 77  ILE A N    1 
ATOM 530  C CA   . ILE A 1 35  ? -2.366  6.094   3.053   1.00 0.00 ? 77  ILE A CA   1 
ATOM 531  C C    . ILE A 1 35  ? -3.398  7.202   3.302   1.00 0.00 ? 77  ILE A C    1 
ATOM 532  O O    . ILE A 1 35  ? -4.159  7.563   2.428   1.00 0.00 ? 77  ILE A O    1 
ATOM 533  C CB   . ILE A 1 35  ? -2.153  5.900   1.535   1.00 0.00 ? 77  ILE A CB   1 
ATOM 534  C CG1  . ILE A 1 35  ? -1.154  4.743   1.295   1.00 0.00 ? 77  ILE A CG1  1 
ATOM 535  C CG2  . ILE A 1 35  ? -1.621  7.196   0.894   1.00 0.00 ? 77  ILE A CG2  1 
ATOM 536  C CD1  . ILE A 1 35  ? -1.360  4.143   -0.101  1.00 0.00 ? 77  ILE A CD1  1 
ATOM 537  H H    . ILE A 1 35  ? -3.791  4.516   3.446   1.00 0.00 ? 77  ILE A H    1 
ATOM 538  H HA   . ILE A 1 35  ? -1.429  6.370   3.517   1.00 0.00 ? 77  ILE A HA   1 
ATOM 539  H HB   . ILE A 1 35  ? -3.096  5.656   1.076   1.00 0.00 ? 77  ILE A HB   1 
ATOM 540  H HG12 . ILE A 1 35  ? -0.142  5.105   1.382   1.00 0.00 ? 77  ILE A HG12 1 
ATOM 541  H HG13 . ILE A 1 35  ? -1.314  3.969   2.029   1.00 0.00 ? 77  ILE A HG13 1 
ATOM 542  H HG21 . ILE A 1 35  ? -2.175  8.045   1.260   1.00 0.00 ? 77  ILE A HG21 1 
ATOM 543  H HG22 . ILE A 1 35  ? -0.580  7.325   1.135   1.00 0.00 ? 77  ILE A HG22 1 
ATOM 544  H HG23 . ILE A 1 35  ? -1.736  7.137   -0.175  1.00 0.00 ? 77  ILE A HG23 1 
ATOM 545  H HD11 . ILE A 1 35  ? -1.557  4.930   -0.812  1.00 0.00 ? 77  ILE A HD11 1 
ATOM 546  H HD12 . ILE A 1 35  ? -0.470  3.607   -0.395  1.00 0.00 ? 77  ILE A HD12 1 
ATOM 547  H HD13 . ILE A 1 35  ? -2.197  3.463   -0.079  1.00 0.00 ? 77  ILE A HD13 1 
ATOM 548  N N    . GLN A 1 36  ? -3.424  7.743   4.488   1.00 0.00 ? 78  GLN A N    1 
ATOM 549  C CA   . GLN A 1 36  ? -4.403  8.827   4.795   1.00 0.00 ? 78  GLN A CA   1 
ATOM 550  C C    . GLN A 1 36  ? -4.375  9.878   3.680   1.00 0.00 ? 78  GLN A C    1 
ATOM 551  O O    . GLN A 1 36  ? -5.367  10.122  3.019   1.00 0.00 ? 78  GLN A O    1 
ATOM 552  C CB   . GLN A 1 36  ? -4.032  9.487   6.127   1.00 0.00 ? 78  GLN A CB   1 
ATOM 553  C CG   . GLN A 1 36  ? -3.646  8.408   7.143   1.00 0.00 ? 78  GLN A CG   1 
ATOM 554  C CD   . GLN A 1 36  ? -3.567  9.026   8.540   1.00 0.00 ? 78  GLN A CD   1 
ATOM 555  O OE1  . GLN A 1 36  ? -4.514  8.966   9.297   1.00 0.00 ? 78  GLN A OE1  1 
ATOM 556  N NE2  . GLN A 1 36  ? -2.468  9.622   8.914   1.00 0.00 ? 78  GLN A NE2  1 
ATOM 557  H H    . GLN A 1 36  ? -2.800  7.438   5.178   1.00 0.00 ? 78  GLN A H    1 
ATOM 558  H HA   . GLN A 1 36  ? -5.396  8.408   4.865   1.00 0.00 ? 78  GLN A HA   1 
ATOM 559  H HB2  . GLN A 1 36  ? -3.197  10.156  5.980   1.00 0.00 ? 78  GLN A HB2  1 
ATOM 560  H HB3  . GLN A 1 36  ? -4.878  10.043  6.503   1.00 0.00 ? 78  GLN A HB3  1 
ATOM 561  H HG2  . GLN A 1 36  ? -4.388  7.623   7.136   1.00 0.00 ? 78  GLN A HG2  1 
ATOM 562  H HG3  . GLN A 1 36  ? -2.683  7.994   6.881   1.00 0.00 ? 78  GLN A HG3  1 
ATOM 563  H HE21 . GLN A 1 36  ? -1.704  9.670   8.303   1.00 0.00 ? 78  GLN A HE21 1 
ATOM 564  H HE22 . GLN A 1 36  ? -2.407  10.022  9.808   1.00 0.00 ? 78  GLN A HE22 1 
ATOM 565  N N    . ASN A 1 37  ? -3.250  10.503  3.467   1.00 0.00 ? 79  ASN A N    1 
ATOM 566  C CA   . ASN A 1 37  ? -3.160  11.539  2.398   1.00 0.00 ? 79  ASN A CA   1 
ATOM 567  C C    . ASN A 1 37  ? -2.911  10.862  1.049   1.00 0.00 ? 79  ASN A C    1 
ATOM 568  O O    . ASN A 1 37  ? -1.822  10.404  0.769   1.00 0.00 ? 79  ASN A O    1 
ATOM 569  C CB   . ASN A 1 37  ? -2.006  12.495  2.710   1.00 0.00 ? 79  ASN A CB   1 
ATOM 570  C CG   . ASN A 1 37  ? -2.410  13.426  3.855   1.00 0.00 ? 79  ASN A CG   1 
ATOM 571  O OD1  . ASN A 1 37  ? -1.832  13.383  4.921   1.00 0.00 ? 79  ASN A OD1  1 
ATOM 572  N ND2  . ASN A 1 37  ? -3.386  14.274  3.675   1.00 0.00 ? 79  ASN A ND2  1 
ATOM 573  H H    . ASN A 1 37  ? -2.462  10.294  4.010   1.00 0.00 ? 79  ASN A H    1 
ATOM 574  H HA   . ASN A 1 37  ? -4.086  12.096  2.354   1.00 0.00 ? 79  ASN A HA   1 
ATOM 575  H HB2  . ASN A 1 37  ? -1.135  11.924  2.999   1.00 0.00 ? 79  ASN A HB2  1 
ATOM 576  H HB3  . ASN A 1 37  ? -1.777  13.082  1.834   1.00 0.00 ? 79  ASN A HB3  1 
ATOM 577  H HD21 . ASN A 1 37  ? -3.852  14.311  2.813   1.00 0.00 ? 79  ASN A HD21 1 
ATOM 578  H HD22 . ASN A 1 37  ? -3.652  14.876  4.402   1.00 0.00 ? 79  ASN A HD22 1 
ATOM 579  N N    . GLN A 1 38  ? -3.911  10.795  0.213   1.00 0.00 ? 80  GLN A N    1 
ATOM 580  C CA   . GLN A 1 38  ? -3.735  10.148  -1.121  1.00 0.00 ? 80  GLN A CA   1 
ATOM 581  C C    . GLN A 1 38  ? -3.230  11.183  -2.129  1.00 0.00 ? 80  GLN A C    1 
ATOM 582  O O    . GLN A 1 38  ? -2.997  10.880  -3.281  1.00 0.00 ? 80  GLN A O    1 
ATOM 583  C CB   . GLN A 1 38  ? -5.079  9.593   -1.596  1.00 0.00 ? 80  GLN A CB   1 
ATOM 584  C CG   . GLN A 1 38  ? -5.628  8.619   -0.552  1.00 0.00 ? 80  GLN A CG   1 
ATOM 585  C CD   . GLN A 1 38  ? -7.044  8.194   -0.943  1.00 0.00 ? 80  GLN A CD   1 
ATOM 586  O OE1  . GLN A 1 38  ? -7.482  8.443   -2.050  1.00 0.00 ? 80  GLN A OE1  1 
ATOM 587  N NE2  . GLN A 1 38  ? -7.785  7.559   -0.078  1.00 0.00 ? 80  GLN A NE2  1 
ATOM 588  H H    . GLN A 1 38  ? -4.781  11.171  0.461   1.00 0.00 ? 80  GLN A H    1 
ATOM 589  H HA   . GLN A 1 38  ? -3.022  9.340   -1.043  1.00 0.00 ? 80  GLN A HA   1 
ATOM 590  H HB2  . GLN A 1 38  ? -5.777  10.406  -1.732  1.00 0.00 ? 80  GLN A HB2  1 
ATOM 591  H HB3  . GLN A 1 38  ? -4.944  9.073   -2.533  1.00 0.00 ? 80  GLN A HB3  1 
ATOM 592  H HG2  . GLN A 1 38  ? -4.991  7.748   -0.502  1.00 0.00 ? 80  GLN A HG2  1 
ATOM 593  H HG3  . GLN A 1 38  ? -5.653  9.102   0.414   1.00 0.00 ? 80  GLN A HG3  1 
ATOM 594  H HE21 . GLN A 1 38  ? -7.433  7.358   0.816   1.00 0.00 ? 80  GLN A HE21 1 
ATOM 595  H HE22 . GLN A 1 38  ? -8.694  7.282   -0.318  1.00 0.00 ? 80  GLN A HE22 1 
ATOM 596  N N    . ALA A 1 39  ? -3.067  12.408  -1.703  1.00 0.00 ? 81  ALA A N    1 
ATOM 597  C CA   . ALA A 1 39  ? -2.585  13.468  -2.634  1.00 0.00 ? 81  ALA A CA   1 
ATOM 598  C C    . ALA A 1 39  ? -1.061  13.414  -2.747  1.00 0.00 ? 81  ALA A C    1 
ATOM 599  O O    . ALA A 1 39  ? -0.514  12.756  -3.610  1.00 0.00 ? 81  ALA A O    1 
ATOM 600  C CB   . ALA A 1 39  ? -3.004  14.839  -2.101  1.00 0.00 ? 81  ALA A CB   1 
ATOM 601  H H    . ALA A 1 39  ? -3.266  12.633  -0.773  1.00 0.00 ? 81  ALA A H    1 
ATOM 602  H HA   . ALA A 1 39  ? -3.025  13.314  -3.607  1.00 0.00 ? 81  ALA A HA   1 
ATOM 603  H HB1  . ALA A 1 39  ? -2.765  14.904  -1.050  1.00 0.00 ? 81  ALA A HB1  1 
ATOM 604  H HB2  . ALA A 1 39  ? -2.473  15.610  -2.640  1.00 0.00 ? 81  ALA A HB2  1 
ATOM 605  H HB3  . ALA A 1 39  ? -4.067  14.970  -2.238  1.00 0.00 ? 81  ALA A HB3  1 
ATOM 606  N N    . GLN A 1 40  ? -0.371  14.112  -1.887  1.00 0.00 ? 82  GLN A N    1 
ATOM 607  C CA   . GLN A 1 40  ? 1.120   14.118  -1.945  1.00 0.00 ? 82  GLN A CA   1 
ATOM 608  C C    . GLN A 1 40  ? 1.639   12.676  -2.007  1.00 0.00 ? 82  GLN A C    1 
ATOM 609  O O    . GLN A 1 40  ? 2.767   12.430  -2.383  1.00 0.00 ? 82  GLN A O    1 
ATOM 610  C CB   . GLN A 1 40  ? 1.670   14.840  -0.687  1.00 0.00 ? 82  GLN A CB   1 
ATOM 611  C CG   . GLN A 1 40  ? 2.450   16.099  -1.087  1.00 0.00 ? 82  GLN A CG   1 
ATOM 612  C CD   . GLN A 1 40  ? 2.781   16.916  0.162   1.00 0.00 ? 82  GLN A CD   1 
ATOM 613  O OE1  . GLN A 1 40  ? 2.155   16.756  1.192   1.00 0.00 ? 82  GLN A OE1  1 
ATOM 614  N NE2  . GLN A 1 40  ? 3.746   17.794  0.116   1.00 0.00 ? 82  GLN A NE2  1 
ATOM 615  H H    . GLN A 1 40  ? -0.835  14.642  -1.206  1.00 0.00 ? 82  GLN A H    1 
ATOM 616  H HA   . GLN A 1 40  ? 1.433   14.639  -2.836  1.00 0.00 ? 82  GLN A HA   1 
ATOM 617  H HB2  . GLN A 1 40  ? 0.842   15.126  -0.055  1.00 0.00 ? 82  GLN A HB2  1 
ATOM 618  H HB3  . GLN A 1 40  ? 2.325   14.182  -0.132  1.00 0.00 ? 82  GLN A HB3  1 
ATOM 619  H HG2  . GLN A 1 40  ? 3.366   15.809  -1.581  1.00 0.00 ? 82  GLN A HG2  1 
ATOM 620  H HG3  . GLN A 1 40  ? 1.851   16.694  -1.757  1.00 0.00 ? 82  GLN A HG3  1 
ATOM 621  H HE21 . GLN A 1 40  ? 4.251   17.922  -0.715  1.00 0.00 ? 82  GLN A HE21 1 
ATOM 622  H HE22 . GLN A 1 40  ? 3.967   18.322  0.910   1.00 0.00 ? 82  GLN A HE22 1 
ATOM 623  N N    . PHE A 1 41  ? 0.834   11.724  -1.635  1.00 0.00 ? 83  PHE A N    1 
ATOM 624  C CA   . PHE A 1 41  ? 1.293   10.310  -1.667  1.00 0.00 ? 83  PHE A CA   1 
ATOM 625  C C    . PHE A 1 41  ? 1.435   9.857   -3.126  1.00 0.00 ? 83  PHE A C    1 
ATOM 626  O O    . PHE A 1 41  ? 1.774   8.723   -3.401  1.00 0.00 ? 83  PHE A O    1 
ATOM 627  C CB   . PHE A 1 41  ? 0.268   9.438   -0.926  1.00 0.00 ? 83  PHE A CB   1 
ATOM 628  C CG   . PHE A 1 41  ? 0.445   7.978   -1.286  1.00 0.00 ? 83  PHE A CG   1 
ATOM 629  C CD1  . PHE A 1 41  ? 1.363   7.172   -0.585  1.00 0.00 ? 83  PHE A CD1  1 
ATOM 630  C CD2  . PHE A 1 41  ? -0.315  7.434   -2.334  1.00 0.00 ? 83  PHE A CD2  1 
ATOM 631  C CE1  . PHE A 1 41  ? 1.516   5.817   -0.937  1.00 0.00 ? 83  PHE A CE1  1 
ATOM 632  C CE2  . PHE A 1 41  ? -0.163  6.079   -2.685  1.00 0.00 ? 83  PHE A CE2  1 
ATOM 633  C CZ   . PHE A 1 41  ? 0.752   5.271   -1.987  1.00 0.00 ? 83  PHE A CZ   1 
ATOM 634  H H    . PHE A 1 41  ? -0.073  11.940  -1.326  1.00 0.00 ? 83  PHE A H    1 
ATOM 635  H HA   . PHE A 1 41  ? 2.252   10.236  -1.174  1.00 0.00 ? 83  PHE A HA   1 
ATOM 636  H HB2  . PHE A 1 41  ? 0.393   9.560   0.138   1.00 0.00 ? 83  PHE A HB2  1 
ATOM 637  H HB3  . PHE A 1 41  ? -0.727  9.752   -1.204  1.00 0.00 ? 83  PHE A HB3  1 
ATOM 638  H HD1  . PHE A 1 41  ? 1.945   7.588   0.224   1.00 0.00 ? 83  PHE A HD1  1 
ATOM 639  H HD2  . PHE A 1 41  ? -1.018  8.055   -2.864  1.00 0.00 ? 83  PHE A HD2  1 
ATOM 640  H HE1  . PHE A 1 41  ? 2.220   5.196   -0.401  1.00 0.00 ? 83  PHE A HE1  1 
ATOM 641  H HE2  . PHE A 1 41  ? -0.748  5.661   -3.491  1.00 0.00 ? 83  PHE A HE2  1 
ATOM 642  H HZ   . PHE A 1 41  ? 0.866   4.231   -2.255  1.00 0.00 ? 83  PHE A HZ   1 
ATOM 643  N N    . ALA A 1 42  ? 1.175   10.737  -4.063  1.00 0.00 ? 84  ALA A N    1 
ATOM 644  C CA   . ALA A 1 42  ? 1.285   10.370  -5.511  1.00 0.00 ? 84  ALA A CA   1 
ATOM 645  C C    . ALA A 1 42  ? 2.427   11.149  -6.165  1.00 0.00 ? 84  ALA A C    1 
ATOM 646  O O    . ALA A 1 42  ? 3.369   10.577  -6.671  1.00 0.00 ? 84  ALA A O    1 
ATOM 647  C CB   . ALA A 1 42  ? -0.026  10.714  -6.218  1.00 0.00 ? 84  ALA A CB   1 
ATOM 648  H H    . ALA A 1 42  ? 0.905   11.646  -3.812  1.00 0.00 ? 84  ALA A H    1 
ATOM 649  H HA   . ALA A 1 42  ? 1.473   9.313   -5.616  1.00 0.00 ? 84  ALA A HA   1 
ATOM 650  H HB1  . ALA A 1 42  ? -0.847  10.238  -5.702  1.00 0.00 ? 84  ALA A HB1  1 
ATOM 651  H HB2  . ALA A 1 42  ? -0.168  11.784  -6.212  1.00 0.00 ? 84  ALA A HB2  1 
ATOM 652  H HB3  . ALA A 1 42  ? 0.013   10.362  -7.237  1.00 0.00 ? 84  ALA A HB3  1 
ATOM 653  N N    . LYS A 1 43  ? 2.345   12.452  -6.173  1.00 0.00 ? 85  LYS A N    1 
ATOM 654  C CA   . LYS A 1 43  ? 3.417   13.265  -6.813  1.00 0.00 ? 85  LYS A CA   1 
ATOM 655  C C    . LYS A 1 43  ? 4.600   13.450  -5.859  1.00 0.00 ? 85  LYS A C    1 
ATOM 656  O O    . LYS A 1 43  ? 5.243   14.481  -5.853  1.00 0.00 ? 85  LYS A O    1 
ATOM 657  C CB   . LYS A 1 43  ? 2.853   14.633  -7.189  1.00 0.00 ? 85  LYS A CB   1 
ATOM 658  C CG   . LYS A 1 43  ? 2.434   15.388  -5.924  1.00 0.00 ? 85  LYS A CG   1 
ATOM 659  C CD   . LYS A 1 43  ? 1.549   16.582  -6.302  1.00 0.00 ? 85  LYS A CD   1 
ATOM 660  C CE   . LYS A 1 43  ? 2.199   17.367  -7.446  1.00 0.00 ? 85  LYS A CE   1 
ATOM 661  N NZ   . LYS A 1 43  ? 1.572   18.716  -7.546  1.00 0.00 ? 85  LYS A NZ   1 
ATOM 662  H H    . LYS A 1 43  ? 1.572   12.895  -5.771  1.00 0.00 ? 85  LYS A H    1 
ATOM 663  H HA   . LYS A 1 43  ? 3.754   12.772  -7.707  1.00 0.00 ? 85  LYS A HA   1 
ATOM 664  H HB2  . LYS A 1 43  ? 3.609   15.198  -7.713  1.00 0.00 ? 85  LYS A HB2  1 
ATOM 665  H HB3  . LYS A 1 43  ? 1.994   14.503  -7.829  1.00 0.00 ? 85  LYS A HB3  1 
ATOM 666  H HG2  . LYS A 1 43  ? 1.883   14.722  -5.275  1.00 0.00 ? 85  LYS A HG2  1 
ATOM 667  H HG3  . LYS A 1 43  ? 3.313   15.745  -5.409  1.00 0.00 ? 85  LYS A HG3  1 
ATOM 668  H HD2  . LYS A 1 43  ? 0.579   16.224  -6.618  1.00 0.00 ? 85  LYS A HD2  1 
ATOM 669  H HD3  . LYS A 1 43  ? 1.431   17.229  -5.446  1.00 0.00 ? 85  LYS A HD3  1 
ATOM 670  H HE2  . LYS A 1 43  ? 3.258   17.473  -7.252  1.00 0.00 ? 85  LYS A HE2  1 
ATOM 671  H HE3  . LYS A 1 43  ? 2.056   16.831  -8.373  1.00 0.00 ? 85  LYS A HE3  1 
ATOM 672  H HZ1  . LYS A 1 43  ? 0.752   18.765  -6.906  1.00 0.00 ? 85  LYS A HZ1  1 
ATOM 673  H HZ2  . LYS A 1 43  ? 2.266   19.442  -7.278  1.00 0.00 ? 85  LYS A HZ2  1 
ATOM 674  H HZ3  . LYS A 1 43  ? 1.261   18.881  -8.524  1.00 0.00 ? 85  LYS A HZ3  1 
ATOM 675  N N    . GLU A 1 44  ? 4.905   12.468  -5.050  1.00 0.00 ? 86  GLU A N    1 
ATOM 676  C CA   . GLU A 1 44  ? 6.052   12.618  -4.110  1.00 0.00 ? 86  GLU A CA   1 
ATOM 677  C C    . GLU A 1 44  ? 6.578   11.239  -3.680  1.00 0.00 ? 86  GLU A C    1 
ATOM 678  O O    . GLU A 1 44  ? 7.422   11.135  -2.814  1.00 0.00 ? 86  GLU A O    1 
ATOM 679  C CB   . GLU A 1 44  ? 5.588   13.404  -2.875  1.00 0.00 ? 86  GLU A CB   1 
ATOM 680  C CG   . GLU A 1 44  ? 6.794   14.039  -2.179  1.00 0.00 ? 86  GLU A CG   1 
ATOM 681  C CD   . GLU A 1 44  ? 6.315   14.885  -0.998  1.00 0.00 ? 86  GLU A CD   1 
ATOM 682  O OE1  . GLU A 1 44  ? 5.387   14.462  -0.328  1.00 0.00 ? 86  GLU A OE1  1 
ATOM 683  O OE2  . GLU A 1 44  ? 6.885   15.944  -0.784  1.00 0.00 ? 86  GLU A OE2  1 
ATOM 684  H H    . GLU A 1 44  ? 4.383   11.643  -5.061  1.00 0.00 ? 86  GLU A H    1 
ATOM 685  H HA   . GLU A 1 44  ? 6.848   13.160  -4.603  1.00 0.00 ? 86  GLU A HA   1 
ATOM 686  H HB2  . GLU A 1 44  ? 4.903   14.180  -3.184  1.00 0.00 ? 86  GLU A HB2  1 
ATOM 687  H HB3  . GLU A 1 44  ? 5.088   12.738  -2.188  1.00 0.00 ? 86  GLU A HB3  1 
ATOM 688  H HG2  . GLU A 1 44  ? 7.452   13.260  -1.823  1.00 0.00 ? 86  GLU A HG2  1 
ATOM 689  H HG3  . GLU A 1 44  ? 7.322   14.667  -2.879  1.00 0.00 ? 86  GLU A HG3  1 
ATOM 690  N N    . LEU A 1 45  ? 6.091   10.178  -4.274  1.00 0.00 ? 87  LEU A N    1 
ATOM 691  C CA   . LEU A 1 45  ? 6.575   8.814   -3.886  1.00 0.00 ? 87  LEU A CA   1 
ATOM 692  C C    . LEU A 1 45  ? 6.581   7.898   -5.113  1.00 0.00 ? 87  LEU A C    1 
ATOM 693  O O    . LEU A 1 45  ? 7.391   7.000   -5.223  1.00 0.00 ? 87  LEU A O    1 
ATOM 694  C CB   . LEU A 1 45  ? 5.645   8.213   -2.822  1.00 0.00 ? 87  LEU A CB   1 
ATOM 695  C CG   . LEU A 1 45  ? 5.831   8.923   -1.470  1.00 0.00 ? 87  LEU A CG   1 
ATOM 696  C CD1  . LEU A 1 45  ? 4.788   8.386   -0.483  1.00 0.00 ? 87  LEU A CD1  1 
ATOM 697  C CD2  . LEU A 1 45  ? 7.250   8.667   -0.913  1.00 0.00 ? 87  LEU A CD2  1 
ATOM 698  H H    . LEU A 1 45  ? 5.413   10.274  -4.972  1.00 0.00 ? 87  LEU A H    1 
ATOM 699  H HA   . LEU A 1 45  ? 7.579   8.879   -3.493  1.00 0.00 ? 87  LEU A HA   1 
ATOM 700  H HB2  . LEU A 1 45  ? 4.621   8.326   -3.143  1.00 0.00 ? 87  LEU A HB2  1 
ATOM 701  H HB3  . LEU A 1 45  ? 5.869   7.163   -2.706  1.00 0.00 ? 87  LEU A HB3  1 
ATOM 702  H HG   . LEU A 1 45  ? 5.679   9.984   -1.599  1.00 0.00 ? 87  LEU A HG   1 
ATOM 703  H HD11 . LEU A 1 45  ? 3.801   8.496   -0.905  1.00 0.00 ? 87  LEU A HD11 1 
ATOM 704  H HD12 . LEU A 1 45  ? 4.981   7.342   -0.288  1.00 0.00 ? 87  LEU A HD12 1 
ATOM 705  H HD13 . LEU A 1 45  ? 4.848   8.941   0.441   1.00 0.00 ? 87  LEU A HD13 1 
ATOM 706  H HD21 . LEU A 1 45  ? 7.596   7.692   -1.223  1.00 0.00 ? 87  LEU A HD21 1 
ATOM 707  H HD22 . LEU A 1 45  ? 7.924   9.423   -1.283  1.00 0.00 ? 87  LEU A HD22 1 
ATOM 708  H HD23 . LEU A 1 45  ? 7.232   8.709   0.168   1.00 0.00 ? 87  LEU A HD23 1 
ATOM 709  N N    . LEU A 1 46  ? 5.677   8.108   -6.034  1.00 0.00 ? 88  LEU A N    1 
ATOM 710  C CA   . LEU A 1 46  ? 5.630   7.239   -7.244  1.00 0.00 ? 88  LEU A CA   1 
ATOM 711  C C    . LEU A 1 46  ? 6.713   7.622   -8.280  1.00 0.00 ? 88  LEU A C    1 
ATOM 712  O O    . LEU A 1 46  ? 7.209   6.746   -8.962  1.00 0.00 ? 88  LEU A O    1 
ATOM 713  C CB   . LEU A 1 46  ? 4.244   7.324   -7.897  1.00 0.00 ? 88  LEU A CB   1 
ATOM 714  C CG   . LEU A 1 46  ? 3.153   7.234   -6.825  1.00 0.00 ? 88  LEU A CG   1 
ATOM 715  C CD1  . LEU A 1 46  ? 1.782   7.433   -7.476  1.00 0.00 ? 88  LEU A CD1  1 
ATOM 716  C CD2  . LEU A 1 46  ? 3.203   5.860   -6.149  1.00 0.00 ? 88  LEU A CD2  1 
ATOM 717  H H    . LEU A 1 46  ? 5.022   8.833   -5.925  1.00 0.00 ? 88  LEU A H    1 
ATOM 718  H HA   . LEU A 1 46  ? 5.801   6.216   -6.939  1.00 0.00 ? 88  LEU A HA   1 
ATOM 719  H HB2  . LEU A 1 46  ? 4.150   8.255   -8.430  1.00 0.00 ? 88  LEU A HB2  1 
ATOM 720  H HB3  . LEU A 1 46  ? 4.127   6.504   -8.590  1.00 0.00 ? 88  LEU A HB3  1 
ATOM 721  H HG   . LEU A 1 46  ? 3.312   8.005   -6.087  1.00 0.00 ? 88  LEU A HG   1 
ATOM 722  H HD11 . LEU A 1 46  ? 1.650   6.709   -8.266  1.00 0.00 ? 88  LEU A HD11 1 
ATOM 723  H HD12 . LEU A 1 46  ? 1.007   7.302   -6.735  1.00 0.00 ? 88  LEU A HD12 1 
ATOM 724  H HD13 . LEU A 1 46  ? 1.721   8.431   -7.888  1.00 0.00 ? 88  LEU A HD13 1 
ATOM 725  H HD21 . LEU A 1 46  ? 3.325   5.093   -6.898  1.00 0.00 ? 88  LEU A HD21 1 
ATOM 726  H HD22 . LEU A 1 46  ? 4.033   5.827   -5.460  1.00 0.00 ? 88  LEU A HD22 1 
ATOM 727  H HD23 . LEU A 1 46  ? 2.282   5.690   -5.608  1.00 0.00 ? 88  LEU A HD23 1 
ATOM 728  N N    . PRO A 1 47  ? 7.056   8.895   -8.413  1.00 0.00 ? 89  PRO A N    1 
ATOM 729  C CA   . PRO A 1 47  ? 8.071   9.300   -9.406  1.00 0.00 ? 89  PRO A CA   1 
ATOM 730  C C    . PRO A 1 47  ? 9.439   8.719   -9.024  1.00 0.00 ? 89  PRO A C    1 
ATOM 731  O O    . PRO A 1 47  ? 10.138  8.159   -9.845  1.00 0.00 ? 89  PRO A O    1 
ATOM 732  C CB   . PRO A 1 47  ? 8.074   10.848  -9.369  1.00 0.00 ? 89  PRO A CB   1 
ATOM 733  C CG   . PRO A 1 47  ? 6.993   11.288  -8.340  1.00 0.00 ? 89  PRO A CG   1 
ATOM 734  C CD   . PRO A 1 47  ? 6.498   10.013  -7.621  1.00 0.00 ? 89  PRO A CD   1 
ATOM 735  H HA   . PRO A 1 47  ? 7.783   8.955   -10.389 1.00 0.00 ? 89  PRO A HA   1 
ATOM 736  H HB2  . PRO A 1 47  ? 9.048   11.215  -9.066  1.00 0.00 ? 89  PRO A HB2  1 
ATOM 737  H HB3  . PRO A 1 47  ? 7.827   11.244  -10.346 1.00 0.00 ? 89  PRO A HB3  1 
ATOM 738  H HG2  . PRO A 1 47  ? 7.424   11.980  -7.624  1.00 0.00 ? 89  PRO A HG2  1 
ATOM 739  H HG3  . PRO A 1 47  ? 6.167   11.762  -8.851  1.00 0.00 ? 89  PRO A HG3  1 
ATOM 740  H HD2  . PRO A 1 47  ? 6.888   9.994   -6.612  1.00 0.00 ? 89  PRO A HD2  1 
ATOM 741  H HD3  . PRO A 1 47  ? 5.424   9.972   -7.612  1.00 0.00 ? 89  PRO A HD3  1 
ATOM 742  N N    . LEU A 1 48  ? 9.824   8.848   -7.784  1.00 0.00 ? 90  LEU A N    1 
ATOM 743  C CA   . LEU A 1 48  ? 11.142  8.303   -7.353  1.00 0.00 ? 90  LEU A CA   1 
ATOM 744  C C    . LEU A 1 48  ? 11.017  6.796   -7.122  1.00 0.00 ? 90  LEU A C    1 
ATOM 745  O O    . LEU A 1 48  ? 11.752  6.215   -6.349  1.00 0.00 ? 90  LEU A O    1 
ATOM 746  C CB   . LEU A 1 48  ? 11.579  8.990   -6.055  1.00 0.00 ? 90  LEU A CB   1 
ATOM 747  C CG   . LEU A 1 48  ? 11.312  10.493  -6.154  1.00 0.00 ? 90  LEU A CG   1 
ATOM 748  C CD1  . LEU A 1 48  ? 11.829  11.185  -4.891  1.00 0.00 ? 90  LEU A CD1  1 
ATOM 749  C CD2  . LEU A 1 48  ? 12.033  11.062  -7.380  1.00 0.00 ? 90  LEU A CD2  1 
ATOM 750  H H    . LEU A 1 48  ? 9.246   9.303   -7.136  1.00 0.00 ? 90  LEU A H    1 
ATOM 751  H HA   . LEU A 1 48  ? 11.878  8.488   -8.122  1.00 0.00 ? 90  LEU A HA   1 
ATOM 752  H HB2  . LEU A 1 48  ? 11.021  8.578   -5.225  1.00 0.00 ? 90  LEU A HB2  1 
ATOM 753  H HB3  . LEU A 1 48  ? 12.633  8.822   -5.897  1.00 0.00 ? 90  LEU A HB3  1 
ATOM 754  H HG   . LEU A 1 48  ? 10.249  10.664  -6.248  1.00 0.00 ? 90  LEU A HG   1 
ATOM 755  H HD11 . LEU A 1 48  ? 12.882  10.977  -4.772  1.00 0.00 ? 90  LEU A HD11 1 
ATOM 756  H HD12 . LEU A 1 48  ? 11.681  12.252  -4.980  1.00 0.00 ? 90  LEU A HD12 1 
ATOM 757  H HD13 . LEU A 1 48  ? 11.288  10.818  -4.033  1.00 0.00 ? 90  LEU A HD13 1 
ATOM 758  H HD21 . LEU A 1 48  ? 13.034  10.659  -7.431  1.00 0.00 ? 90  LEU A HD21 1 
ATOM 759  H HD22 . LEU A 1 48  ? 11.490  10.792  -8.275  1.00 0.00 ? 90  LEU A HD22 1 
ATOM 760  H HD23 . LEU A 1 48  ? 12.082  12.139  -7.303  1.00 0.00 ? 90  LEU A HD23 1 
ATOM 761  N N    . ASN A 1 49  ? 10.087  6.157   -7.782  1.00 0.00 ? 91  ASN A N    1 
ATOM 762  C CA   . ASN A 1 49  ? 9.911   4.685   -7.600  1.00 0.00 ? 91  ASN A CA   1 
ATOM 763  C C    . ASN A 1 49  ? 9.368   4.069   -8.890  1.00 0.00 ? 91  ASN A C    1 
ATOM 764  O O    . ASN A 1 49  ? 10.091  3.451   -9.646  1.00 0.00 ? 91  ASN A O    1 
ATOM 765  C CB   . ASN A 1 49  ? 8.923   4.430   -6.458  1.00 0.00 ? 91  ASN A CB   1 
ATOM 766  C CG   . ASN A 1 49  ? 9.590   4.756   -5.122  1.00 0.00 ? 91  ASN A CG   1 
ATOM 767  O OD1  . ASN A 1 49  ? 9.119   5.597   -4.383  1.00 0.00 ? 91  ASN A OD1  1 
ATOM 768  N ND2  . ASN A 1 49  ? 10.678  4.121   -4.777  1.00 0.00 ? 91  ASN A ND2  1 
ATOM 769  H H    . ASN A 1 49  ? 9.504   6.646   -8.400  1.00 0.00 ? 91  ASN A H    1 
ATOM 770  H HA   . ASN A 1 49  ? 10.862  4.231   -7.359  1.00 0.00 ? 91  ASN A HA   1 
ATOM 771  H HB2  . ASN A 1 49  ? 8.052   5.058   -6.590  1.00 0.00 ? 91  ASN A HB2  1 
ATOM 772  H HB3  . ASN A 1 49  ? 8.625   3.393   -6.468  1.00 0.00 ? 91  ASN A HB3  1 
ATOM 773  H HD21 . ASN A 1 49  ? 11.059  3.443   -5.373  1.00 0.00 ? 91  ASN A HD21 1 
ATOM 774  H HD22 . ASN A 1 49  ? 11.113  4.323   -3.923  1.00 0.00 ? 91  ASN A HD22 1 
ATOM 775  N N    . TYR A 1 50  ? 8.095   4.225   -9.146  1.00 0.00 ? 92  TYR A N    1 
ATOM 776  C CA   . TYR A 1 50  ? 7.500   3.641   -10.387 1.00 0.00 ? 92  TYR A CA   1 
ATOM 777  C C    . TYR A 1 50  ? 7.591   4.655   -11.532 1.00 0.00 ? 92  TYR A C    1 
ATOM 778  O O    . TYR A 1 50  ? 7.180   4.384   -12.640 1.00 0.00 ? 92  TYR A O    1 
ATOM 779  C CB   . TYR A 1 50  ? 6.033   3.297   -10.131 1.00 0.00 ? 92  TYR A CB   1 
ATOM 780  C CG   . TYR A 1 50  ? 5.928   2.419   -8.907  1.00 0.00 ? 92  TYR A CG   1 
ATOM 781  C CD1  . TYR A 1 50  ? 6.231   1.047   -8.997  1.00 0.00 ? 92  TYR A CD1  1 
ATOM 782  C CD2  . TYR A 1 50  ? 5.526   2.970   -7.675  1.00 0.00 ? 92  TYR A CD2  1 
ATOM 783  C CE1  . TYR A 1 50  ? 6.133   0.226   -7.857  1.00 0.00 ? 92  TYR A CE1  1 
ATOM 784  C CE2  . TYR A 1 50  ? 5.429   2.150   -6.534  1.00 0.00 ? 92  TYR A CE2  1 
ATOM 785  C CZ   . TYR A 1 50  ? 5.732   0.778   -6.625  1.00 0.00 ? 92  TYR A CZ   1 
ATOM 786  O OH   . TYR A 1 50  ? 5.637   -0.026  -5.508  1.00 0.00 ? 92  TYR A OH   1 
ATOM 787  H H    . TYR A 1 50  ? 7.529   4.722   -8.522  1.00 0.00 ? 92  TYR A H    1 
ATOM 788  H HA   . TYR A 1 50  ? 8.036   2.743   -10.661 1.00 0.00 ? 92  TYR A HA   1 
ATOM 789  H HB2  . TYR A 1 50  ? 5.471   4.207   -9.972  1.00 0.00 ? 92  TYR A HB2  1 
ATOM 790  H HB3  . TYR A 1 50  ? 5.632   2.771   -10.985 1.00 0.00 ? 92  TYR A HB3  1 
ATOM 791  H HD1  . TYR A 1 50  ? 6.539   0.623   -9.942  1.00 0.00 ? 92  TYR A HD1  1 
ATOM 792  H HD2  . TYR A 1 50  ? 5.294   4.022   -7.605  1.00 0.00 ? 92  TYR A HD2  1 
ATOM 793  H HE1  . TYR A 1 50  ? 6.367   -0.825  -7.927  1.00 0.00 ? 92  TYR A HE1  1 
ATOM 794  H HE2  . TYR A 1 50  ? 5.121   2.573   -5.590  1.00 0.00 ? 92  TYR A HE2  1 
ATOM 795  H HH   . TYR A 1 50  ? 5.870   0.503   -4.742  1.00 0.00 ? 92  TYR A HH   1 
ATOM 796  N N    . LYS A 1 51  ? 8.133   5.815   -11.266 1.00 0.00 ? 93  LYS A N    1 
ATOM 797  C CA   . LYS A 1 51  ? 8.263   6.856   -12.331 1.00 0.00 ? 93  LYS A CA   1 
ATOM 798  C C    . LYS A 1 51  ? 6.892   7.481   -12.623 1.00 0.00 ? 93  LYS A C    1 
ATOM 799  O O    . LYS A 1 51  ? 6.697   8.670   -12.462 1.00 0.00 ? 93  LYS A O    1 
ATOM 800  C CB   . LYS A 1 51  ? 8.839   6.223   -13.614 1.00 0.00 ? 93  LYS A CB   1 
ATOM 801  C CG   . LYS A 1 51  ? 9.615   7.274   -14.416 1.00 0.00 ? 93  LYS A CG   1 
ATOM 802  C CD   . LYS A 1 51  ? 10.234  6.616   -15.649 1.00 0.00 ? 93  LYS A CD   1 
ATOM 803  C CE   . LYS A 1 51  ? 11.090  7.638   -16.400 1.00 0.00 ? 93  LYS A CE   1 
ATOM 804  N NZ   . LYS A 1 51  ? 12.356  7.871   -15.652 1.00 0.00 ? 93  LYS A NZ   1 
ATOM 805  H H    . LYS A 1 51  ? 8.459   6.002   -10.362 1.00 0.00 ? 93  LYS A H    1 
ATOM 806  H HA   . LYS A 1 51  ? 8.932   7.629   -11.980 1.00 0.00 ? 93  LYS A HA   1 
ATOM 807  H HB2  . LYS A 1 51  ? 9.505   5.416   -13.344 1.00 0.00 ? 93  LYS A HB2  1 
ATOM 808  H HB3  . LYS A 1 51  ? 8.038   5.834   -14.226 1.00 0.00 ? 93  LYS A HB3  1 
ATOM 809  H HG2  . LYS A 1 51  ? 8.943   8.061   -14.726 1.00 0.00 ? 93  LYS A HG2  1 
ATOM 810  H HG3  . LYS A 1 51  ? 10.399  7.691   -13.802 1.00 0.00 ? 93  LYS A HG3  1 
ATOM 811  H HD2  . LYS A 1 51  ? 10.852  5.785   -15.341 1.00 0.00 ? 93  LYS A HD2  1 
ATOM 812  H HD3  . LYS A 1 51  ? 9.450   6.259   -16.299 1.00 0.00 ? 93  LYS A HD3  1 
ATOM 813  H HE2  . LYS A 1 51  ? 11.319  7.261   -17.386 1.00 0.00 ? 93  LYS A HE2  1 
ATOM 814  H HE3  . LYS A 1 51  ? 10.546  8.568   -16.487 1.00 0.00 ? 93  LYS A HE3  1 
ATOM 815  H HZ1  . LYS A 1 51  ? 12.437  7.177   -14.882 1.00 0.00 ? 93  LYS A HZ1  1 
ATOM 816  H HZ2  . LYS A 1 51  ? 13.165  7.766   -16.296 1.00 0.00 ? 93  LYS A HZ2  1 
ATOM 817  H HZ3  . LYS A 1 51  ? 12.352  8.832   -15.253 1.00 0.00 ? 93  LYS A HZ3  1 
ATOM 818  N N    . HIS A 1 52  ? 5.942   6.696   -13.055 1.00 0.00 ? 94  HIS A N    1 
ATOM 819  C CA   . HIS A 1 52  ? 4.593   7.257   -13.357 1.00 0.00 ? 94  HIS A CA   1 
ATOM 820  C C    . HIS A 1 52  ? 4.089   8.058   -12.154 1.00 0.00 ? 94  HIS A C    1 
ATOM 821  O O    . HIS A 1 52  ? 4.776   8.204   -11.164 1.00 0.00 ? 94  HIS A O    1 
ATOM 822  C CB   . HIS A 1 52  ? 3.617   6.117   -13.661 1.00 0.00 ? 94  HIS A CB   1 
ATOM 823  C CG   . HIS A 1 52  ? 3.443   5.259   -12.439 1.00 0.00 ? 94  HIS A CG   1 
ATOM 824  N ND1  . HIS A 1 52  ? 2.998   5.772   -11.231 1.00 0.00 ? 94  HIS A ND1  1 
ATOM 825  C CD2  . HIS A 1 52  ? 3.644   3.918   -12.225 1.00 0.00 ? 94  HIS A CD2  1 
ATOM 826  C CE1  . HIS A 1 52  ? 2.945   4.754   -10.352 1.00 0.00 ? 94  HIS A CE1  1 
ATOM 827  N NE2  . HIS A 1 52  ? 3.329   3.601   -10.906 1.00 0.00 ? 94  HIS A NE2  1 
ATOM 828  H H    . HIS A 1 52  ? 6.115   5.740   -13.183 1.00 0.00 ? 94  HIS A H    1 
ATOM 829  H HA   . HIS A 1 52  ? 4.662   7.908   -14.217 1.00 0.00 ? 94  HIS A HA   1 
ATOM 830  H HB2  . HIS A 1 52  ? 2.662   6.531   -13.951 1.00 0.00 ? 94  HIS A HB2  1 
ATOM 831  H HB3  . HIS A 1 52  ? 4.008   5.516   -14.469 1.00 0.00 ? 94  HIS A HB3  1 
ATOM 832  H HD1  . HIS A 1 52  ? 2.762   6.706   -11.050 1.00 0.00 ? 94  HIS A HD1  1 
ATOM 833  H HD2  . HIS A 1 52  ? 3.993   3.215   -12.966 1.00 0.00 ? 94  HIS A HD2  1 
ATOM 834  H HE1  . HIS A 1 52  ? 2.630   4.856   -9.324  1.00 0.00 ? 94  HIS A HE1  1 
ATOM 835  N N    . ASN A 1 53  ? 2.893   8.582   -12.234 1.00 0.00 ? 95  ASN A N    1 
ATOM 836  C CA   . ASN A 1 53  ? 2.342   9.380   -11.096 1.00 0.00 ? 95  ASN A CA   1 
ATOM 837  C C    . ASN A 1 53  ? 0.836   9.139   -10.979 1.00 0.00 ? 95  ASN A C    1 
ATOM 838  O O    . ASN A 1 53  ? 0.227   9.449   -9.976  1.00 0.00 ? 95  ASN A O    1 
ATOM 839  C CB   . ASN A 1 53  ? 2.599   10.868  -11.349 1.00 0.00 ? 95  ASN A CB   1 
ATOM 840  C CG   . ASN A 1 53  ? 2.145   11.679  -10.136 1.00 0.00 ? 95  ASN A CG   1 
ATOM 841  O OD1  . ASN A 1 53  ? 1.773   11.121  -9.122  1.00 0.00 ? 95  ASN A OD1  1 
ATOM 842  N ND2  . ASN A 1 53  ? 2.158   12.982  -10.195 1.00 0.00 ? 95  ASN A ND2  1 
ATOM 843  H H    . ASN A 1 53  ? 2.357   8.453   -13.044 1.00 0.00 ? 95  ASN A H    1 
ATOM 844  H HA   . ASN A 1 53  ? 2.823   9.086   -10.174 1.00 0.00 ? 95  ASN A HA   1 
ATOM 845  H HB2  . ASN A 1 53  ? 3.655   11.026  -11.515 1.00 0.00 ? 95  ASN A HB2  1 
ATOM 846  H HB3  . ASN A 1 53  ? 2.046   11.185  -12.220 1.00 0.00 ? 95  ASN A HB3  1 
ATOM 847  H HD21 . ASN A 1 53  ? 2.457   13.433  -11.013 1.00 0.00 ? 95  ASN A HD21 1 
ATOM 848  H HD22 . ASN A 1 53  ? 1.868   13.512  -9.423  1.00 0.00 ? 95  ASN A HD22 1 
ATOM 849  N N    . ASN A 1 54  ? 0.230   8.585   -11.993 1.00 0.00 ? 96  ASN A N    1 
ATOM 850  C CA   . ASN A 1 54  ? -1.238  8.324   -11.931 1.00 0.00 ? 96  ASN A CA   1 
ATOM 851  C C    . ASN A 1 54  ? -1.572  7.623   -10.612 1.00 0.00 ? 96  ASN A C    1 
ATOM 852  O O    . ASN A 1 54  ? -0.968  6.630   -10.256 1.00 0.00 ? 96  ASN A O    1 
ATOM 853  C CB   . ASN A 1 54  ? -1.649  7.436   -13.107 1.00 0.00 ? 96  ASN A CB   1 
ATOM 854  C CG   . ASN A 1 54  ? -1.671  8.264   -14.393 1.00 0.00 ? 96  ASN A CG   1 
ATOM 855  O OD1  . ASN A 1 54  ? -2.069  9.412   -14.381 1.00 0.00 ? 96  ASN A OD1  1 
ATOM 856  N ND2  . ASN A 1 54  ? -1.259  7.728   -15.507 1.00 0.00 ? 96  ASN A ND2  1 
ATOM 857  H H    . ASN A 1 54  ? 0.738   8.340   -12.795 1.00 0.00 ? 96  ASN A H    1 
ATOM 858  H HA   . ASN A 1 54  ? -1.772  9.263   -11.985 1.00 0.00 ? 96  ASN A HA   1 
ATOM 859  H HB2  . ASN A 1 54  ? -0.940  6.627   -13.210 1.00 0.00 ? 96  ASN A HB2  1 
ATOM 860  H HB3  . ASN A 1 54  ? -2.633  7.031   -12.925 1.00 0.00 ? 96  ASN A HB3  1 
ATOM 861  H HD21 . ASN A 1 54  ? -0.939  6.801   -15.518 1.00 0.00 ? 96  ASN A HD21 1 
ATOM 862  H HD22 . ASN A 1 54  ? -1.270  8.251   -16.336 1.00 0.00 ? 96  ASN A HD22 1 
ATOM 863  N N    . MET A 1 55  ? -2.522  8.136   -9.877  1.00 0.00 ? 97  MET A N    1 
ATOM 864  C CA   . MET A 1 55  ? -2.885  7.502   -8.576  1.00 0.00 ? 97  MET A CA   1 
ATOM 865  C C    . MET A 1 55  ? -3.787  6.288   -8.825  1.00 0.00 ? 97  MET A C    1 
ATOM 866  O O    . MET A 1 55  ? -3.405  5.161   -8.580  1.00 0.00 ? 97  MET A O    1 
ATOM 867  C CB   . MET A 1 55  ? -3.617  8.530   -7.696  1.00 0.00 ? 97  MET A CB   1 
ATOM 868  C CG   . MET A 1 55  ? -3.448  8.172   -6.216  1.00 0.00 ? 97  MET A CG   1 
ATOM 869  S SD   . MET A 1 55  ? -4.138  6.524   -5.909  1.00 0.00 ? 97  MET A SD   1 
ATOM 870  C CE   . MET A 1 55  ? -3.575  6.340   -4.197  1.00 0.00 ? 97  MET A CE   1 
ATOM 871  H H    . MET A 1 55  ? -2.993  8.942   -10.176 1.00 0.00 ? 97  MET A H    1 
ATOM 872  H HA   . MET A 1 55  ? -1.981  7.179   -8.077  1.00 0.00 ? 97  MET A HA   1 
ATOM 873  H HB2  . MET A 1 55  ? -3.200  9.512   -7.875  1.00 0.00 ? 97  MET A HB2  1 
ATOM 874  H HB3  . MET A 1 55  ? -4.669  8.542   -7.945  1.00 0.00 ? 97  MET A HB3  1 
ATOM 875  H HG2  . MET A 1 55  ? -2.397  8.175   -5.966  1.00 0.00 ? 97  MET A HG2  1 
ATOM 876  H HG3  . MET A 1 55  ? -3.964  8.898   -5.607  1.00 0.00 ? 97  MET A HG3  1 
ATOM 877  H HE1  . MET A 1 55  ? -2.661  6.889   -4.054  1.00 0.00 ? 97  MET A HE1  1 
ATOM 878  H HE2  . MET A 1 55  ? -4.331  6.723   -3.527  1.00 0.00 ? 97  MET A HE2  1 
ATOM 879  H HE3  . MET A 1 55  ? -3.397  5.294   -3.989  1.00 0.00 ? 97  MET A HE3  1 
ATOM 880  N N    . ALA A 1 56  ? -4.985  6.510   -9.301  1.00 0.00 ? 98  ALA A N    1 
ATOM 881  C CA   . ALA A 1 56  ? -5.914  5.370   -9.560  1.00 0.00 ? 98  ALA A CA   1 
ATOM 882  C C    . ALA A 1 56  ? -5.166  4.249   -10.285 1.00 0.00 ? 98  ALA A C    1 
ATOM 883  O O    . ALA A 1 56  ? -5.601  3.114   -10.309 1.00 0.00 ? 98  ALA A O    1 
ATOM 884  C CB   . ALA A 1 56  ? -7.079  5.849   -10.426 1.00 0.00 ? 98  ALA A CB   1 
ATOM 885  H H    . ALA A 1 56  ? -5.275  7.428   -9.487  1.00 0.00 ? 98  ALA A H    1 
ATOM 886  H HA   . ALA A 1 56  ? -6.293  4.994   -8.619  1.00 0.00 ? 98  ALA A HA   1 
ATOM 887  H HB1  . ALA A 1 56  ? -7.453  6.786   -10.041 1.00 0.00 ? 98  ALA A HB1  1 
ATOM 888  H HB2  . ALA A 1 56  ? -6.741  5.986   -11.443 1.00 0.00 ? 98  ALA A HB2  1 
ATOM 889  H HB3  . ALA A 1 56  ? -7.870  5.112   -10.405 1.00 0.00 ? 98  ALA A HB3  1 
ATOM 890  N N    . SER A 1 57  ? -4.040  4.555   -10.870 1.00 0.00 ? 99  SER A N    1 
ATOM 891  C CA   . SER A 1 57  ? -3.266  3.501   -11.581 1.00 0.00 ? 99  SER A CA   1 
ATOM 892  C C    . SER A 1 57  ? -2.586  2.609   -10.544 1.00 0.00 ? 99  SER A C    1 
ATOM 893  O O    . SER A 1 57  ? -2.542  1.402   -10.679 1.00 0.00 ? 99  SER A O    1 
ATOM 894  C CB   . SER A 1 57  ? -2.205  4.152   -12.469 1.00 0.00 ? 99  SER A CB   1 
ATOM 895  O OG   . SER A 1 57  ? -1.388  3.141   -13.044 1.00 0.00 ? 99  SER A OG   1 
ATOM 896  H H    . SER A 1 57  ? -3.701  5.473   -10.833 1.00 0.00 ? 99  SER A H    1 
ATOM 897  H HA   . SER A 1 57  ? -3.934  2.907   -12.187 1.00 0.00 ? 99  SER A HA   1 
ATOM 898  H HB2  . SER A 1 57  ? -2.685  4.709   -13.257 1.00 0.00 ? 99  SER A HB2  1 
ATOM 899  H HB3  . SER A 1 57  ? -1.601  4.824   -11.873 1.00 0.00 ? 99  SER A HB3  1 
ATOM 900  H HG   . SER A 1 57  ? -1.572  3.110   -13.986 1.00 0.00 ? 99  SER A HG   1 
ATOM 901  N N    . PHE A 1 58  ? -2.062  3.196   -9.503  1.00 0.00 ? 100 PHE A N    1 
ATOM 902  C CA   . PHE A 1 58  ? -1.396  2.385   -8.450  1.00 0.00 ? 100 PHE A CA   1 
ATOM 903  C C    . PHE A 1 58  ? -2.448  1.534   -7.738  1.00 0.00 ? 100 PHE A C    1 
ATOM 904  O O    . PHE A 1 58  ? -2.254  0.360   -7.498  1.00 0.00 ? 100 PHE A O    1 
ATOM 905  C CB   . PHE A 1 58  ? -0.719  3.314   -7.439  1.00 0.00 ? 100 PHE A CB   1 
ATOM 906  C CG   . PHE A 1 58  ? -0.152  2.490   -6.306  1.00 0.00 ? 100 PHE A CG   1 
ATOM 907  C CD1  . PHE A 1 58  ? 1.047   1.774   -6.490  1.00 0.00 ? 100 PHE A CD1  1 
ATOM 908  C CD2  . PHE A 1 58  ? -0.823  2.434   -5.070  1.00 0.00 ? 100 PHE A CD2  1 
ATOM 909  C CE1  . PHE A 1 58  ? 1.573   0.999   -5.438  1.00 0.00 ? 100 PHE A CE1  1 
ATOM 910  C CE2  . PHE A 1 58  ? -0.296  1.661   -4.017  1.00 0.00 ? 100 PHE A CE2  1 
ATOM 911  C CZ   . PHE A 1 58  ? 0.903   0.943   -4.203  1.00 0.00 ? 100 PHE A CZ   1 
ATOM 912  H H    . PHE A 1 58  ? -2.116  4.170   -9.411  1.00 0.00 ? 100 PHE A H    1 
ATOM 913  H HA   . PHE A 1 58  ? -0.655  1.741   -8.902  1.00 0.00 ? 100 PHE A HA   1 
ATOM 914  H HB2  . PHE A 1 58  ? 0.077   3.859   -7.927  1.00 0.00 ? 100 PHE A HB2  1 
ATOM 915  H HB3  . PHE A 1 58  ? -1.446  4.011   -7.048  1.00 0.00 ? 100 PHE A HB3  1 
ATOM 916  H HD1  . PHE A 1 58  ? 1.563   1.818   -7.439  1.00 0.00 ? 100 PHE A HD1  1 
ATOM 917  H HD2  . PHE A 1 58  ? -1.741  2.983   -4.927  1.00 0.00 ? 100 PHE A HD2  1 
ATOM 918  H HE1  . PHE A 1 58  ? 2.492   0.452   -5.580  1.00 0.00 ? 100 PHE A HE1  1 
ATOM 919  H HE2  . PHE A 1 58  ? -0.811  1.618   -3.067  1.00 0.00 ? 100 PHE A HE2  1 
ATOM 920  H HZ   . PHE A 1 58  ? 1.306   0.346   -3.398  1.00 0.00 ? 100 PHE A HZ   1 
ATOM 921  N N    . ILE A 1 59  ? -3.566  2.119   -7.403  1.00 0.00 ? 101 ILE A N    1 
ATOM 922  C CA   . ILE A 1 59  ? -4.632  1.343   -6.713  1.00 0.00 ? 101 ILE A CA   1 
ATOM 923  C C    . ILE A 1 59  ? -5.223  0.334   -7.699  1.00 0.00 ? 101 ILE A C    1 
ATOM 924  O O    . ILE A 1 59  ? -5.459  -0.808  -7.363  1.00 0.00 ? 101 ILE A O    1 
ATOM 925  C CB   . ILE A 1 59  ? -5.711  2.312   -6.199  1.00 0.00 ? 101 ILE A CB   1 
ATOM 926  C CG1  . ILE A 1 59  ? -5.080  3.199   -5.112  1.00 0.00 ? 101 ILE A CG1  1 
ATOM 927  C CG2  . ILE A 1 59  ? -6.902  1.539   -5.604  1.00 0.00 ? 101 ILE A CG2  1 
ATOM 928  C CD1  . ILE A 1 59  ? -6.156  4.025   -4.400  1.00 0.00 ? 101 ILE A CD1  1 
ATOM 929  H H    . ILE A 1 59  ? -3.705  3.067   -7.609  1.00 0.00 ? 101 ILE A H    1 
ATOM 930  H HA   . ILE A 1 59  ? -4.199  0.811   -5.880  1.00 0.00 ? 101 ILE A HA   1 
ATOM 931  H HB   . ILE A 1 59  ? -6.055  2.932   -7.012  1.00 0.00 ? 101 ILE A HB   1 
ATOM 932  H HG12 . ILE A 1 59  ? -4.575  2.575   -4.390  1.00 0.00 ? 101 ILE A HG12 1 
ATOM 933  H HG13 . ILE A 1 59  ? -4.365  3.865   -5.571  1.00 0.00 ? 101 ILE A HG13 1 
ATOM 934  H HG21 . ILE A 1 59  ? -7.250  0.797   -6.304  1.00 0.00 ? 101 ILE A HG21 1 
ATOM 935  H HG22 . ILE A 1 59  ? -6.597  1.056   -4.690  1.00 0.00 ? 101 ILE A HG22 1 
ATOM 936  H HG23 . ILE A 1 59  ? -7.709  2.227   -5.395  1.00 0.00 ? 101 ILE A HG23 1 
ATOM 937  H HD11 . ILE A 1 59  ? -6.862  4.400   -5.125  1.00 0.00 ? 101 ILE A HD11 1 
ATOM 938  H HD12 . ILE A 1 59  ? -6.670  3.403   -3.684  1.00 0.00 ? 101 ILE A HD12 1 
ATOM 939  H HD13 . ILE A 1 59  ? -5.693  4.853   -3.887  1.00 0.00 ? 101 ILE A HD13 1 
ATOM 940  N N    . ARG A 1 60  ? -5.460  0.739   -8.917  1.00 0.00 ? 102 ARG A N    1 
ATOM 941  C CA   . ARG A 1 60  ? -6.025  -0.210  -9.910  1.00 0.00 ? 102 ARG A CA   1 
ATOM 942  C C    . ARG A 1 60  ? -5.086  -1.409  -10.029 1.00 0.00 ? 102 ARG A C    1 
ATOM 943  O O    . ARG A 1 60  ? -5.494  -2.503  -10.365 1.00 0.00 ? 102 ARG A O    1 
ATOM 944  C CB   . ARG A 1 60  ? -6.167  0.496   -11.267 1.00 0.00 ? 102 ARG A CB   1 
ATOM 945  C CG   . ARG A 1 60  ? -6.465  -0.530  -12.394 1.00 0.00 ? 102 ARG A CG   1 
ATOM 946  C CD   . ARG A 1 60  ? -5.188  -0.847  -13.186 1.00 0.00 ? 102 ARG A CD   1 
ATOM 947  N NE   . ARG A 1 60  ? -5.522  -1.750  -14.324 1.00 0.00 ? 102 ARG A NE   1 
ATOM 948  C CZ   . ARG A 1 60  ? -4.671  -1.911  -15.300 1.00 0.00 ? 102 ARG A CZ   1 
ATOM 949  N NH1  . ARG A 1 60  ? -3.527  -1.283  -15.280 1.00 0.00 ? 102 ARG A NH1  1 
ATOM 950  N NH2  . ARG A 1 60  ? -4.964  -2.703  -16.296 1.00 0.00 ? 102 ARG A NH2  1 
ATOM 951  H H    . ARG A 1 60  ? -5.258  1.662   -9.178  1.00 0.00 ? 102 ARG A H    1 
ATOM 952  H HA   . ARG A 1 60  ? -6.994  -0.547  -9.572  1.00 0.00 ? 102 ARG A HA   1 
ATOM 953  H HB2  . ARG A 1 60  ? -6.981  1.207   -11.206 1.00 0.00 ? 102 ARG A HB2  1 
ATOM 954  H HB3  . ARG A 1 60  ? -5.253  1.028   -11.488 1.00 0.00 ? 102 ARG A HB3  1 
ATOM 955  H HG2  . ARG A 1 60  ? -6.855  -1.445  -11.967 1.00 0.00 ? 102 ARG A HG2  1 
ATOM 956  H HG3  . ARG A 1 60  ? -7.202  -0.117  -13.069 1.00 0.00 ? 102 ARG A HG3  1 
ATOM 957  H HD2  . ARG A 1 60  ? -4.764  0.071   -13.567 1.00 0.00 ? 102 ARG A HD2  1 
ATOM 958  H HD3  . ARG A 1 60  ? -4.472  -1.332  -12.542 1.00 0.00 ? 102 ARG A HD3  1 
ATOM 959  H HE   . ARG A 1 60  ? -6.381  -2.221  -14.339 1.00 0.00 ? 102 ARG A HE   1 
ATOM 960  H HH11 . ARG A 1 60  ? -3.303  -0.677  -14.516 1.00 0.00 ? 102 ARG A HH11 1 
ATOM 961  H HH12 . ARG A 1 60  ? -2.875  -1.408  -16.027 1.00 0.00 ? 102 ARG A HH12 1 
ATOM 962  H HH21 . ARG A 1 60  ? -5.841  -3.183  -16.311 1.00 0.00 ? 102 ARG A HH21 1 
ATOM 963  H HH22 . ARG A 1 60  ? -4.311  -2.827  -17.044 1.00 0.00 ? 102 ARG A HH22 1 
ATOM 964  N N    . GLN A 1 61  ? -3.828  -1.212  -9.744  1.00 0.00 ? 103 GLN A N    1 
ATOM 965  C CA   . GLN A 1 61  ? -2.862  -2.338  -9.830  1.00 0.00 ? 103 GLN A CA   1 
ATOM 966  C C    . GLN A 1 61  ? -3.008  -3.214  -8.584  1.00 0.00 ? 103 GLN A C    1 
ATOM 967  O O    . GLN A 1 61  ? -2.813  -4.412  -8.631  1.00 0.00 ? 103 GLN A O    1 
ATOM 968  C CB   . GLN A 1 61  ? -1.437  -1.783  -9.909  1.00 0.00 ? 103 GLN A CB   1 
ATOM 969  C CG   . GLN A 1 61  ? -1.166  -1.262  -11.323 1.00 0.00 ? 103 GLN A CG   1 
ATOM 970  C CD   . GLN A 1 61  ? 0.090   -0.387  -11.312 1.00 0.00 ? 103 GLN A CD   1 
ATOM 971  O OE1  . GLN A 1 61  ? 0.803   -0.339  -10.332 1.00 0.00 ? 103 GLN A OE1  1 
ATOM 972  N NE2  . GLN A 1 61  ? 0.390   0.313   -12.373 1.00 0.00 ? 103 GLN A NE2  1 
ATOM 973  H H    . GLN A 1 61  ? -3.519  -0.325  -9.469  1.00 0.00 ? 103 GLN A H    1 
ATOM 974  H HA   . GLN A 1 61  ? -3.071  -2.928  -10.710 1.00 0.00 ? 103 GLN A HA   1 
ATOM 975  H HB2  . GLN A 1 61  ? -1.328  -0.975  -9.200  1.00 0.00 ? 103 GLN A HB2  1 
ATOM 976  H HB3  . GLN A 1 61  ? -0.733  -2.565  -9.674  1.00 0.00 ? 103 GLN A HB3  1 
ATOM 977  H HG2  . GLN A 1 61  ? -1.018  -2.098  -11.990 1.00 0.00 ? 103 GLN A HG2  1 
ATOM 978  H HG3  . GLN A 1 61  ? -2.008  -0.676  -11.659 1.00 0.00 ? 103 GLN A HG3  1 
ATOM 979  H HE21 . GLN A 1 61  ? -0.186  0.274   -13.166 1.00 0.00 ? 103 GLN A HE21 1 
ATOM 980  H HE22 . GLN A 1 61  ? 1.191   0.875   -12.377 1.00 0.00 ? 103 GLN A HE22 1 
ATOM 981  N N    . LEU A 1 62  ? -3.362  -2.629  -7.470  1.00 0.00 ? 104 LEU A N    1 
ATOM 982  C CA   . LEU A 1 62  ? -3.529  -3.437  -6.230  1.00 0.00 ? 104 LEU A CA   1 
ATOM 983  C C    . LEU A 1 62  ? -4.611  -4.490  -6.466  1.00 0.00 ? 104 LEU A C    1 
ATOM 984  O O    . LEU A 1 62  ? -4.543  -5.589  -5.955  1.00 0.00 ? 104 LEU A O    1 
ATOM 985  C CB   . LEU A 1 62  ? -3.949  -2.532  -5.066  1.00 0.00 ? 104 LEU A CB   1 
ATOM 986  C CG   . LEU A 1 62  ? -2.821  -1.552  -4.706  1.00 0.00 ? 104 LEU A CG   1 
ATOM 987  C CD1  . LEU A 1 62  ? -3.311  -0.607  -3.602  1.00 0.00 ? 104 LEU A CD1  1 
ATOM 988  C CD2  . LEU A 1 62  ? -1.579  -2.323  -4.209  1.00 0.00 ? 104 LEU A CD2  1 
ATOM 989  H H    . LEU A 1 62  ? -3.522  -1.662  -7.454  1.00 0.00 ? 104 LEU A H    1 
ATOM 990  H HA   . LEU A 1 62  ? -2.602  -3.930  -5.994  1.00 0.00 ? 104 LEU A HA   1 
ATOM 991  H HB2  . LEU A 1 62  ? -4.830  -1.975  -5.348  1.00 0.00 ? 104 LEU A HB2  1 
ATOM 992  H HB3  . LEU A 1 62  ? -4.175  -3.144  -4.204  1.00 0.00 ? 104 LEU A HB3  1 
ATOM 993  H HG   . LEU A 1 62  ? -2.561  -0.969  -5.580  1.00 0.00 ? 104 LEU A HG   1 
ATOM 994  H HD11 . LEU A 1 62  ? -4.314  -0.278  -3.827  1.00 0.00 ? 104 LEU A HD11 1 
ATOM 995  H HD12 . LEU A 1 62  ? -3.308  -1.129  -2.656  1.00 0.00 ? 104 LEU A HD12 1 
ATOM 996  H HD13 . LEU A 1 62  ? -2.656  0.249   -3.543  1.00 0.00 ? 104 LEU A HD13 1 
ATOM 997  H HD21 . LEU A 1 62  ? -1.888  -3.212  -3.677  1.00 0.00 ? 104 LEU A HD21 1 
ATOM 998  H HD22 . LEU A 1 62  ? -0.967  -2.606  -5.052  1.00 0.00 ? 104 LEU A HD22 1 
ATOM 999  H HD23 . LEU A 1 62  ? -0.999  -1.696  -3.545  1.00 0.00 ? 104 LEU A HD23 1 
ATOM 1000 N N    . ASN A 1 63  ? -5.613  -4.166  -7.239  1.00 0.00 ? 105 ASN A N    1 
ATOM 1001 C CA   . ASN A 1 63  ? -6.694  -5.155  -7.504  1.00 0.00 ? 105 ASN A CA   1 
ATOM 1002 C C    . ASN A 1 63  ? -6.122  -6.333  -8.294  1.00 0.00 ? 105 ASN A C    1 
ATOM 1003 O O    . ASN A 1 63  ? -6.723  -7.385  -8.380  1.00 0.00 ? 105 ASN A O    1 
ATOM 1004 C CB   . ASN A 1 63  ? -7.809  -4.488  -8.313  1.00 0.00 ? 105 ASN A CB   1 
ATOM 1005 C CG   . ASN A 1 63  ? -8.613  -3.556  -7.404  1.00 0.00 ? 105 ASN A CG   1 
ATOM 1006 O OD1  . ASN A 1 63  ? -9.826  -3.515  -7.477  1.00 0.00 ? 105 ASN A OD1  1 
ATOM 1007 N ND2  . ASN A 1 63  ? -7.986  -2.802  -6.543  1.00 0.00 ? 105 ASN A ND2  1 
ATOM 1008 H H    . ASN A 1 63  ? -5.652  -3.272  -7.646  1.00 0.00 ? 105 ASN A H    1 
ATOM 1009 H HA   . ASN A 1 63  ? -7.093  -5.511  -6.566  1.00 0.00 ? 105 ASN A HA   1 
ATOM 1010 H HB2  . ASN A 1 63  ? -7.375  -3.916  -9.122  1.00 0.00 ? 105 ASN A HB2  1 
ATOM 1011 H HB3  . ASN A 1 63  ? -8.462  -5.245  -8.718  1.00 0.00 ? 105 ASN A HB3  1 
ATOM 1012 H HD21 . ASN A 1 63  ? -7.008  -2.836  -6.484  1.00 0.00 ? 105 ASN A HD21 1 
ATOM 1013 H HD22 . ASN A 1 63  ? -8.493  -2.204  -5.957  1.00 0.00 ? 105 ASN A HD22 1 
ATOM 1014 N N    . MET A 1 64  ? -4.963  -6.165  -8.875  1.00 0.00 ? 106 MET A N    1 
ATOM 1015 C CA   . MET A 1 64  ? -4.350  -7.277  -9.660  1.00 0.00 ? 106 MET A CA   1 
ATOM 1016 C C    . MET A 1 64  ? -3.503  -8.154  -8.736  1.00 0.00 ? 106 MET A C    1 
ATOM 1017 O O    . MET A 1 64  ? -3.393  -9.349  -8.932  1.00 0.00 ? 106 MET A O    1 
ATOM 1018 C CB   . MET A 1 64  ? -3.461  -6.695  -10.765 1.00 0.00 ? 106 MET A CB   1 
ATOM 1019 C CG   . MET A 1 64  ? -4.311  -5.888  -11.758 1.00 0.00 ? 106 MET A CG   1 
ATOM 1020 S SD   . MET A 1 64  ? -3.464  -5.822  -13.358 1.00 0.00 ? 106 MET A SD   1 
ATOM 1021 C CE   . MET A 1 64  ? -2.462  -4.353  -13.028 1.00 0.00 ? 106 MET A CE   1 
ATOM 1022 H H    . MET A 1 64  ? -4.495  -5.308  -8.792  1.00 0.00 ? 106 MET A H    1 
ATOM 1023 H HA   . MET A 1 64  ? -5.129  -7.878  -10.109 1.00 0.00 ? 106 MET A HA   1 
ATOM 1024 H HB2  . MET A 1 64  ? -2.716  -6.050  -10.322 1.00 0.00 ? 106 MET A HB2  1 
ATOM 1025 H HB3  . MET A 1 64  ? -2.969  -7.500  -11.290 1.00 0.00 ? 106 MET A HB3  1 
ATOM 1026 H HG2  . MET A 1 64  ? -5.274  -6.362  -11.885 1.00 0.00 ? 106 MET A HG2  1 
ATOM 1027 H HG3  . MET A 1 64  ? -4.449  -4.886  -11.383 1.00 0.00 ? 106 MET A HG3  1 
ATOM 1028 H HE1  . MET A 1 64  ? -1.954  -4.468  -12.080 1.00 0.00 ? 106 MET A HE1  1 
ATOM 1029 H HE2  . MET A 1 64  ? -1.736  -4.228  -13.820 1.00 0.00 ? 106 MET A HE2  1 
ATOM 1030 H HE3  . MET A 1 64  ? -3.098  -3.483  -12.989 1.00 0.00 ? 106 MET A HE3  1 
ATOM 1031 N N    . TYR A 1 65  ? -2.903  -7.579  -7.728  1.00 0.00 ? 107 TYR A N    1 
ATOM 1032 C CA   . TYR A 1 65  ? -2.069  -8.390  -6.800  1.00 0.00 ? 107 TYR A CA   1 
ATOM 1033 C C    . TYR A 1 65  ? -2.980  -9.120  -5.809  1.00 0.00 ? 107 TYR A C    1 
ATOM 1034 O O    . TYR A 1 65  ? -2.620  -10.144 -5.265  1.00 0.00 ? 107 TYR A O    1 
ATOM 1035 C CB   . TYR A 1 65  ? -1.111  -7.473  -6.030  1.00 0.00 ? 107 TYR A CB   1 
ATOM 1036 C CG   . TYR A 1 65  ? -0.455  -6.457  -6.952  1.00 0.00 ? 107 TYR A CG   1 
ATOM 1037 C CD1  . TYR A 1 65  ? -0.055  -6.807  -8.262  1.00 0.00 ? 107 TYR A CD1  1 
ATOM 1038 C CD2  . TYR A 1 65  ? -0.236  -5.145  -6.483  1.00 0.00 ? 107 TYR A CD2  1 
ATOM 1039 C CE1  . TYR A 1 65  ? 0.553   -5.846  -9.092  1.00 0.00 ? 107 TYR A CE1  1 
ATOM 1040 C CE2  . TYR A 1 65  ? 0.373   -4.188  -7.315  1.00 0.00 ? 107 TYR A CE2  1 
ATOM 1041 C CZ   . TYR A 1 65  ? 0.768   -4.538  -8.619  1.00 0.00 ? 107 TYR A CZ   1 
ATOM 1042 O OH   . TYR A 1 65  ? 1.369   -3.600  -9.435  1.00 0.00 ? 107 TYR A OH   1 
ATOM 1043 H H    . TYR A 1 65  ? -2.999  -6.615  -7.582  1.00 0.00 ? 107 TYR A H    1 
ATOM 1044 H HA   . TYR A 1 65  ? -1.507  -9.120  -7.359  1.00 0.00 ? 107 TYR A HA   1 
ATOM 1045 H HB2  . TYR A 1 65  ? -1.663  -6.951  -5.264  1.00 0.00 ? 107 TYR A HB2  1 
ATOM 1046 H HB3  . TYR A 1 65  ? -0.348  -8.075  -5.565  1.00 0.00 ? 107 TYR A HB3  1 
ATOM 1047 H HD1  . TYR A 1 65  ? -0.213  -7.805  -8.633  1.00 0.00 ? 107 TYR A HD1  1 
ATOM 1048 H HD2  . TYR A 1 65  ? -0.536  -4.874  -5.484  1.00 0.00 ? 107 TYR A HD2  1 
ATOM 1049 H HE1  . TYR A 1 65  ? 0.857   -6.113  -10.093 1.00 0.00 ? 107 TYR A HE1  1 
ATOM 1050 H HE2  . TYR A 1 65  ? 0.538   -3.183  -6.950  1.00 0.00 ? 107 TYR A HE2  1 
ATOM 1051 H HH   . TYR A 1 65  ? 1.932   -4.064  -10.056 1.00 0.00 ? 107 TYR A HH   1 
ATOM 1052 N N    . GLY A 1 66  ? -4.164  -8.605  -5.578  1.00 0.00 ? 108 GLY A N    1 
ATOM 1053 C CA   . GLY A 1 66  ? -5.114  -9.270  -4.627  1.00 0.00 ? 108 GLY A CA   1 
ATOM 1054 C C    . GLY A 1 66  ? -5.193  -8.474  -3.321  1.00 0.00 ? 108 GLY A C    1 
ATOM 1055 O O    . GLY A 1 66  ? -4.637  -8.863  -2.313  1.00 0.00 ? 108 GLY A O    1 
ATOM 1056 H H    . GLY A 1 66  ? -4.433  -7.780  -6.035  1.00 0.00 ? 108 GLY A H    1 
ATOM 1057 H HA2  . GLY A 1 66  ? -6.095  -9.309  -5.078  1.00 0.00 ? 108 GLY A HA2  1 
ATOM 1058 H HA3  . GLY A 1 66  ? -4.782  -10.275 -4.410  1.00 0.00 ? 108 GLY A HA3  1 
ATOM 1059 N N    . PHE A 1 67  ? -5.894  -7.366  -3.334  1.00 0.00 ? 109 PHE A N    1 
ATOM 1060 C CA   . PHE A 1 67  ? -6.044  -6.527  -2.105  1.00 0.00 ? 109 PHE A CA   1 
ATOM 1061 C C    . PHE A 1 67  ? -7.538  -6.338  -1.816  1.00 0.00 ? 109 PHE A C    1 
ATOM 1062 O O    . PHE A 1 67  ? -8.379  -6.596  -2.656  1.00 0.00 ? 109 PHE A O    1 
ATOM 1063 C CB   . PHE A 1 67  ? -5.387  -5.157  -2.346  1.00 0.00 ? 109 PHE A CB   1 
ATOM 1064 C CG   . PHE A 1 67  ? -3.916  -5.207  -1.994  1.00 0.00 ? 109 PHE A CG   1 
ATOM 1065 C CD1  . PHE A 1 67  ? -3.503  -4.910  -0.681  1.00 0.00 ? 109 PHE A CD1  1 
ATOM 1066 C CD2  . PHE A 1 67  ? -2.961  -5.542  -2.973  1.00 0.00 ? 109 PHE A CD2  1 
ATOM 1067 C CE1  . PHE A 1 67  ? -2.138  -4.947  -0.346  1.00 0.00 ? 109 PHE A CE1  1 
ATOM 1068 C CE2  . PHE A 1 67  ? -1.593  -5.578  -2.636  1.00 0.00 ? 109 PHE A CE2  1 
ATOM 1069 C CZ   . PHE A 1 67  ? -1.182  -5.280  -1.324  1.00 0.00 ? 109 PHE A CZ   1 
ATOM 1070 H H    . PHE A 1 67  ? -6.335  -7.084  -4.161  1.00 0.00 ? 109 PHE A H    1 
ATOM 1071 H HA   . PHE A 1 67  ? -5.575  -7.014  -1.257  1.00 0.00 ? 109 PHE A HA   1 
ATOM 1072 H HB2  . PHE A 1 67  ? -5.494  -4.892  -3.387  1.00 0.00 ? 109 PHE A HB2  1 
ATOM 1073 H HB3  . PHE A 1 67  ? -5.872  -4.408  -1.738  1.00 0.00 ? 109 PHE A HB3  1 
ATOM 1074 H HD1  . PHE A 1 67  ? -4.237  -4.655  0.070   1.00 0.00 ? 109 PHE A HD1  1 
ATOM 1075 H HD2  . PHE A 1 67  ? -3.275  -5.772  -3.980  1.00 0.00 ? 109 PHE A HD2  1 
ATOM 1076 H HE1  . PHE A 1 67  ? -1.822  -4.721  0.663   1.00 0.00 ? 109 PHE A HE1  1 
ATOM 1077 H HE2  . PHE A 1 67  ? -0.858  -5.834  -3.384  1.00 0.00 ? 109 PHE A HE2  1 
ATOM 1078 H HZ   . PHE A 1 67  ? -0.133  -5.306  -1.070  1.00 0.00 ? 109 PHE A HZ   1 
ATOM 1079 N N    . HIS A 1 68  ? -7.874  -5.890  -0.635  1.00 0.00 ? 110 HIS A N    1 
ATOM 1080 C CA   . HIS A 1 68  ? -9.313  -5.681  -0.291  1.00 0.00 ? 110 HIS A CA   1 
ATOM 1081 C C    . HIS A 1 68  ? -9.432  -4.546  0.728   1.00 0.00 ? 110 HIS A C    1 
ATOM 1082 O O    . HIS A 1 68  ? -9.532  -4.775  1.917   1.00 0.00 ? 110 HIS A O    1 
ATOM 1083 C CB   . HIS A 1 68  ? -9.885  -6.967  0.311   1.00 0.00 ? 110 HIS A CB   1 
ATOM 1084 C CG   . HIS A 1 68  ? -11.336 -6.761  0.644   1.00 0.00 ? 110 HIS A CG   1 
ATOM 1085 N ND1  . HIS A 1 68  ? -12.335 -6.857  -0.313  1.00 0.00 ? 110 HIS A ND1  1 
ATOM 1086 C CD2  . HIS A 1 68  ? -11.974 -6.464  1.822   1.00 0.00 ? 110 HIS A CD2  1 
ATOM 1087 C CE1  . HIS A 1 68  ? -13.509 -6.619  0.301   1.00 0.00 ? 110 HIS A CE1  1 
ATOM 1088 N NE2  . HIS A 1 68  ? -13.346 -6.375  1.604   1.00 0.00 ? 110 HIS A NE2  1 
ATOM 1089 H H    . HIS A 1 68  ? -7.179  -5.687  0.026   1.00 0.00 ? 110 HIS A H    1 
ATOM 1090 H HA   . HIS A 1 68  ? -9.868  -5.423  -1.182  1.00 0.00 ? 110 HIS A HA   1 
ATOM 1091 H HB2  . HIS A 1 68  ? -9.788  -7.773  -0.404  1.00 0.00 ? 110 HIS A HB2  1 
ATOM 1092 H HB3  . HIS A 1 68  ? -9.341  -7.216  1.210   1.00 0.00 ? 110 HIS A HB3  1 
ATOM 1093 H HD1  . HIS A 1 68  ? -12.209 -7.060  -1.264  1.00 0.00 ? 110 HIS A HD1  1 
ATOM 1094 H HD2  . HIS A 1 68  ? -11.485 -6.320  2.776   1.00 0.00 ? 110 HIS A HD2  1 
ATOM 1095 H HE1  . HIS A 1 68  ? -14.466 -6.627  -0.199  1.00 0.00 ? 110 HIS A HE1  1 
ATOM 1096 N N    . LYS A 1 69  ? -9.422  -3.321  0.274   1.00 0.00 ? 111 LYS A N    1 
ATOM 1097 C CA   . LYS A 1 69  ? -9.534  -2.179  1.219   1.00 0.00 ? 111 LYS A CA   1 
ATOM 1098 C C    . LYS A 1 69  ? -10.945 -2.142  1.812   1.00 0.00 ? 111 LYS A C    1 
ATOM 1099 O O    . LYS A 1 69  ? -11.931 -2.157  1.100   1.00 0.00 ? 111 LYS A O    1 
ATOM 1100 C CB   . LYS A 1 69  ? -9.249  -0.871  0.473   1.00 0.00 ? 111 LYS A CB   1 
ATOM 1101 C CG   . LYS A 1 69  ? -10.302 -0.659  -0.626  1.00 0.00 ? 111 LYS A CG   1 
ATOM 1102 C CD   . LYS A 1 69  ? -9.825  0.397   -1.638  1.00 0.00 ? 111 LYS A CD   1 
ATOM 1103 C CE   . LYS A 1 69  ? -10.033 1.803   -1.065  1.00 0.00 ? 111 LYS A CE   1 
ATOM 1104 N NZ   . LYS A 1 69  ? -9.444  2.808   -1.995  1.00 0.00 ? 111 LYS A NZ   1 
ATOM 1105 H H    . LYS A 1 69  ? -9.339  -3.153  -0.687  1.00 0.00 ? 111 LYS A H    1 
ATOM 1106 H HA   . LYS A 1 69  ? -8.815  -2.300  2.016   1.00 0.00 ? 111 LYS A HA   1 
ATOM 1107 H HB2  . LYS A 1 69  ? -9.285  -0.051  1.171   1.00 0.00 ? 111 LYS A HB2  1 
ATOM 1108 H HB3  . LYS A 1 69  ? -8.267  -0.924  0.029   1.00 0.00 ? 111 LYS A HB3  1 
ATOM 1109 H HG2  . LYS A 1 69  ? -10.475 -1.592  -1.141  1.00 0.00 ? 111 LYS A HG2  1 
ATOM 1110 H HG3  . LYS A 1 69  ? -11.227 -0.326  -0.174  1.00 0.00 ? 111 LYS A HG3  1 
ATOM 1111 H HD2  . LYS A 1 69  ? -8.779  0.251   -1.857  1.00 0.00 ? 111 LYS A HD2  1 
ATOM 1112 H HD3  . LYS A 1 69  ? -10.396 0.299   -2.549  1.00 0.00 ? 111 LYS A HD3  1 
ATOM 1113 H HE2  . LYS A 1 69  ? -11.090 1.993   -0.954  1.00 0.00 ? 111 LYS A HE2  1 
ATOM 1114 H HE3  . LYS A 1 69  ? -9.549  1.879   -0.104  1.00 0.00 ? 111 LYS A HE3  1 
ATOM 1115 H HZ1  . LYS A 1 69  ? -8.832  2.325   -2.686  1.00 0.00 ? 111 LYS A HZ1  1 
ATOM 1116 H HZ2  . LYS A 1 69  ? -10.207 3.305   -2.497  1.00 0.00 ? 111 LYS A HZ2  1 
ATOM 1117 H HZ3  . LYS A 1 69  ? -8.883  3.495   -1.455  1.00 0.00 ? 111 LYS A HZ3  1 
ATOM 1118 N N    . ILE A 1 70  ? -11.050 -2.100  3.113   1.00 0.00 ? 112 ILE A N    1 
ATOM 1119 C CA   . ILE A 1 70  ? -12.393 -2.063  3.763   1.00 0.00 ? 112 ILE A CA   1 
ATOM 1120 C C    . ILE A 1 70  ? -12.819 -0.601  3.903   1.00 0.00 ? 112 ILE A C    1 
ATOM 1121 O O    . ILE A 1 70  ? -12.945 -0.074  4.991   1.00 0.00 ? 112 ILE A O    1 
ATOM 1122 C CB   . ILE A 1 70  ? -12.323 -2.741  5.153   1.00 0.00 ? 112 ILE A CB   1 
ATOM 1123 C CG1  . ILE A 1 70  ? -10.882 -2.638  5.722   1.00 0.00 ? 112 ILE A CG1  1 
ATOM 1124 C CG2  . ILE A 1 70  ? -12.771 -4.208  5.047   1.00 0.00 ? 112 ILE A CG2  1 
ATOM 1125 C CD1  . ILE A 1 70  ? -9.968  -3.766  5.199   1.00 0.00 ? 112 ILE A CD1  1 
ATOM 1126 H H    . ILE A 1 70  ? -10.241 -2.091  3.666   1.00 0.00 ? 112 ILE A H    1 
ATOM 1127 H HA   . ILE A 1 70  ? -13.112 -2.578  3.137   1.00 0.00 ? 112 ILE A HA   1 
ATOM 1128 H HB   . ILE A 1 70  ? -13.002 -2.234  5.831   1.00 0.00 ? 112 ILE A HB   1 
ATOM 1129 H HG12 . ILE A 1 70  ? -10.458 -1.684  5.439   1.00 0.00 ? 112 ILE A HG12 1 
ATOM 1130 H HG13 . ILE A 1 70  ? -10.926 -2.694  6.800   1.00 0.00 ? 112 ILE A HG13 1 
ATOM 1131 H HG21 . ILE A 1 70  ? -12.417 -4.632  4.119   1.00 0.00 ? 112 ILE A HG21 1 
ATOM 1132 H HG22 . ILE A 1 70  ? -12.377 -4.768  5.878   1.00 0.00 ? 112 ILE A HG22 1 
ATOM 1133 H HG23 . ILE A 1 70  ? -13.850 -4.252  5.065   1.00 0.00 ? 112 ILE A HG23 1 
ATOM 1134 H HD11 . ILE A 1 70  ? -10.229 -4.018  4.186   1.00 0.00 ? 112 ILE A HD11 1 
ATOM 1135 H HD12 . ILE A 1 70  ? -8.939  -3.435  5.229   1.00 0.00 ? 112 ILE A HD12 1 
ATOM 1136 H HD13 . ILE A 1 70  ? -10.076 -4.640  5.823   1.00 0.00 ? 112 ILE A HD13 1 
ATOM 1137 N N    . THR A 1 71  ? -13.026 0.062   2.805   1.00 0.00 ? 113 THR A N    1 
ATOM 1138 C CA   . THR A 1 71  ? -13.429 1.490   2.870   1.00 0.00 ? 113 THR A CA   1 
ATOM 1139 C C    . THR A 1 71  ? -14.044 1.917   1.535   1.00 0.00 ? 113 THR A C    1 
ATOM 1140 O O    . THR A 1 71  ? -13.899 1.247   0.532   1.00 0.00 ? 113 THR A O    1 
ATOM 1141 C CB   . THR A 1 71  ? -12.184 2.331   3.171   1.00 0.00 ? 113 THR A CB   1 
ATOM 1142 O OG1  . THR A 1 71  ? -12.569 3.686   3.357   1.00 0.00 ? 113 THR A OG1  1 
ATOM 1143 C CG2  . THR A 1 71  ? -11.171 2.241   2.008   1.00 0.00 ? 113 THR A CG2  1 
ATOM 1144 H H    . THR A 1 71  ? -12.910 -0.382  1.941   1.00 0.00 ? 113 THR A H    1 
ATOM 1145 H HA   . THR A 1 71  ? -14.153 1.626   3.660   1.00 0.00 ? 113 THR A HA   1 
ATOM 1146 H HB   . THR A 1 71  ? -11.725 1.961   4.078   1.00 0.00 ? 113 THR A HB   1 
ATOM 1147 H HG1  . THR A 1 71  ? -12.977 3.993   2.544   1.00 0.00 ? 113 THR A HG1  1 
ATOM 1148 H HG21 . THR A 1 71  ? -11.478 1.485   1.297   1.00 0.00 ? 113 THR A HG21 1 
ATOM 1149 H HG22 . THR A 1 71  ? -11.117 3.196   1.507   1.00 0.00 ? 113 THR A HG22 1 
ATOM 1150 H HG23 . THR A 1 71  ? -10.194 1.988   2.395   1.00 0.00 ? 113 THR A HG23 1 
ATOM 1151 N N    . SER A 1 72  ? -14.728 3.029   1.514   1.00 0.00 ? 114 SER A N    1 
ATOM 1152 C CA   . SER A 1 72  ? -15.352 3.500   0.245   1.00 0.00 ? 114 SER A CA   1 
ATOM 1153 C C    . SER A 1 72  ? -16.108 2.344   -0.414  1.00 0.00 ? 114 SER A C    1 
ATOM 1154 O O    . SER A 1 72  ? -15.543 1.556   -1.145  1.00 0.00 ? 114 SER A O    1 
ATOM 1155 C CB   . SER A 1 72  ? -14.261 4.001   -0.703  1.00 0.00 ? 114 SER A CB   1 
ATOM 1156 O OG   . SER A 1 72  ? -14.862 4.477   -1.900  1.00 0.00 ? 114 SER A OG   1 
ATOM 1157 H H    . SER A 1 72  ? -14.833 3.554   2.335   1.00 0.00 ? 114 SER A H    1 
ATOM 1158 H HA   . SER A 1 72  ? -16.040 4.304   0.459   1.00 0.00 ? 114 SER A HA   1 
ATOM 1159 H HB2  . SER A 1 72  ? -13.718 4.805   -0.236  1.00 0.00 ? 114 SER A HB2  1 
ATOM 1160 H HB3  . SER A 1 72  ? -13.579 3.191   -0.926  1.00 0.00 ? 114 SER A HB3  1 
ATOM 1161 H HG   . SER A 1 72  ? -14.812 5.435   -1.896  1.00 0.00 ? 114 SER A HG   1 
ATOM 1162 N N    . ILE A 1 73  ? -17.383 2.235   -0.159  1.00 0.00 ? 115 ILE A N    1 
ATOM 1163 C CA   . ILE A 1 73  ? -18.172 1.129   -0.770  1.00 0.00 ? 115 ILE A CA   1 
ATOM 1164 C C    . ILE A 1 73  ? -19.660 1.339   -0.458  1.00 0.00 ? 115 ILE A C    1 
ATOM 1165 O O    . ILE A 1 73  ? -20.158 0.908   0.563   1.00 0.00 ? 115 ILE A O    1 
ATOM 1166 C CB   . ILE A 1 73  ? -17.675 -0.213  -0.199  1.00 0.00 ? 115 ILE A CB   1 
ATOM 1167 C CG1  . ILE A 1 73  ? -18.724 -1.326  -0.441  1.00 0.00 ? 115 ILE A CG1  1 
ATOM 1168 C CG2  . ILE A 1 73  ? -17.405 -0.061  1.304   1.00 0.00 ? 115 ILE A CG2  1 
ATOM 1169 C CD1  . ILE A 1 73  ? -18.038 -2.698  -0.507  1.00 0.00 ? 115 ILE A CD1  1 
ATOM 1170 H H    . ILE A 1 73  ? -17.821 2.880   0.434   1.00 0.00 ? 115 ILE A H    1 
ATOM 1171 H HA   . ILE A 1 73  ? -18.028 1.138   -1.839  1.00 0.00 ? 115 ILE A HA   1 
ATOM 1172 H HB   . ILE A 1 73  ? -16.749 -0.475  -0.694  1.00 0.00 ? 115 ILE A HB   1 
ATOM 1173 H HG12 . ILE A 1 73  ? -19.445 -1.327  0.364   1.00 0.00 ? 115 ILE A HG12 1 
ATOM 1174 H HG13 . ILE A 1 73  ? -19.235 -1.143  -1.375  1.00 0.00 ? 115 ILE A HG13 1 
ATOM 1175 H HG21 . ILE A 1 73  ? -18.199 0.512   1.760   1.00 0.00 ? 115 ILE A HG21 1 
ATOM 1176 H HG22 . ILE A 1 73  ? -17.355 -1.035  1.765   1.00 0.00 ? 115 ILE A HG22 1 
ATOM 1177 H HG23 . ILE A 1 73  ? -16.466 0.451   1.449   1.00 0.00 ? 115 ILE A HG23 1 
ATOM 1178 H HD11 . ILE A 1 73  ? -17.266 -2.680  -1.260  1.00 0.00 ? 115 ILE A HD11 1 
ATOM 1179 H HD12 . ILE A 1 73  ? -17.601 -2.933  0.452   1.00 0.00 ? 115 ILE A HD12 1 
ATOM 1180 H HD13 . ILE A 1 73  ? -18.769 -3.451  -0.761  1.00 0.00 ? 115 ILE A HD13 1 
ATOM 1181 N N    . ASP A 1 74  ? -20.367 2.006   -1.337  1.00 0.00 ? 116 ASP A N    1 
ATOM 1182 C CA   . ASP A 1 74  ? -21.825 2.262   -1.116  1.00 0.00 ? 116 ASP A CA   1 
ATOM 1183 C C    . ASP A 1 74  ? -22.072 2.657   0.345   1.00 0.00 ? 116 ASP A C    1 
ATOM 1184 O O    . ASP A 1 74  ? -23.030 2.234   0.959   1.00 0.00 ? 116 ASP A O    1 
ATOM 1185 C CB   . ASP A 1 74  ? -22.632 1.004   -1.458  1.00 0.00 ? 116 ASP A CB   1 
ATOM 1186 C CG   . ASP A 1 74  ? -22.340 -0.100  -0.442  1.00 0.00 ? 116 ASP A CG   1 
ATOM 1187 O OD1  . ASP A 1 74  ? -22.969 -0.100  0.604   1.00 0.00 ? 116 ASP A OD1  1 
ATOM 1188 O OD2  . ASP A 1 74  ? -21.492 -0.930  -0.727  1.00 0.00 ? 116 ASP A OD2  1 
ATOM 1189 H H    . ASP A 1 74  ? -19.935 2.342   -2.149  1.00 0.00 ? 116 ASP A H    1 
ATOM 1190 H HA   . ASP A 1 74  ? -22.141 3.071   -1.758  1.00 0.00 ? 116 ASP A HA   1 
ATOM 1191 H HB2  . ASP A 1 74  ? -23.687 1.238   -1.440  1.00 0.00 ? 116 ASP A HB2  1 
ATOM 1192 H HB3  . ASP A 1 74  ? -22.358 0.662   -2.446  1.00 0.00 ? 116 ASP A HB3  1 
ATOM 1193 N N    . ASN A 1 75  ? -21.213 3.469   0.901   1.00 0.00 ? 117 ASN A N    1 
ATOM 1194 C CA   . ASN A 1 75  ? -21.393 3.896   2.319   1.00 0.00 ? 117 ASN A CA   1 
ATOM 1195 C C    . ASN A 1 75  ? -20.716 5.250   2.530   1.00 0.00 ? 117 ASN A C    1 
ATOM 1196 O O    . ASN A 1 75  ? -19.806 5.620   1.817   1.00 0.00 ? 117 ASN A O    1 
ATOM 1197 C CB   . ASN A 1 75  ? -20.763 2.856   3.248   1.00 0.00 ? 117 ASN A CB   1 
ATOM 1198 C CG   . ASN A 1 75  ? -21.245 3.090   4.680   1.00 0.00 ? 117 ASN A CG   1 
ATOM 1199 O OD1  . ASN A 1 75  ? -20.716 3.926   5.383   1.00 0.00 ? 117 ASN A OD1  1 
ATOM 1200 N ND2  . ASN A 1 75  ? -22.236 2.378   5.145   1.00 0.00 ? 117 ASN A ND2  1 
ATOM 1201 H H    . ASN A 1 75  ? -20.448 3.800   0.384   1.00 0.00 ? 117 ASN A H    1 
ATOM 1202 H HA   . ASN A 1 75  ? -22.447 3.986   2.540   1.00 0.00 ? 117 ASN A HA   1 
ATOM 1203 H HB2  . ASN A 1 75  ? -21.050 1.865   2.926   1.00 0.00 ? 117 ASN A HB2  1 
ATOM 1204 H HB3  . ASN A 1 75  ? -19.687 2.947   3.213   1.00 0.00 ? 117 ASN A HB3  1 
ATOM 1205 H HD21 . ASN A 1 75  ? -22.664 1.703   4.578   1.00 0.00 ? 117 ASN A HD21 1 
ATOM 1206 H HD22 . ASN A 1 75  ? -22.553 2.521   6.062   1.00 0.00 ? 117 ASN A HD22 1 
ATOM 1207 N N    . GLY A 1 76  ? -21.158 5.993   3.507   1.00 0.00 ? 118 GLY A N    1 
ATOM 1208 C CA   . GLY A 1 76  ? -20.546 7.326   3.766   1.00 0.00 ? 118 GLY A CA   1 
ATOM 1209 C C    . GLY A 1 76  ? -19.021 7.197   3.792   1.00 0.00 ? 118 GLY A C    1 
ATOM 1210 O O    . GLY A 1 76  ? -18.480 6.211   4.248   1.00 0.00 ? 118 GLY A O    1 
ATOM 1211 H H    . GLY A 1 76  ? -21.896 5.676   4.068   1.00 0.00 ? 118 GLY A H    1 
ATOM 1212 H HA2  . GLY A 1 76  ? -20.838 8.011   2.983   1.00 0.00 ? 118 GLY A HA2  1 
ATOM 1213 H HA3  . GLY A 1 76  ? -20.889 7.698   4.719   1.00 0.00 ? 118 GLY A HA3  1 
ATOM 1214 N N    . GLY A 1 77  ? -18.324 8.190   3.305   1.00 0.00 ? 119 GLY A N    1 
ATOM 1215 C CA   . GLY A 1 77  ? -16.834 8.126   3.302   1.00 0.00 ? 119 GLY A CA   1 
ATOM 1216 C C    . GLY A 1 77  ? -16.259 9.542   3.219   1.00 0.00 ? 119 GLY A C    1 
ATOM 1217 O O    . GLY A 1 77  ? -15.100 9.733   2.906   1.00 0.00 ? 119 GLY A O    1 
ATOM 1218 H H    . GLY A 1 77  ? -18.782 8.977   2.941   1.00 0.00 ? 119 GLY A H    1 
ATOM 1219 H HA2  . GLY A 1 77  ? -16.491 7.650   4.210   1.00 0.00 ? 119 GLY A HA2  1 
ATOM 1220 H HA3  . GLY A 1 77  ? -16.501 7.556   2.447   1.00 0.00 ? 119 GLY A HA3  1 
ATOM 1221 N N    . LEU A 1 78  ? -17.057 10.536  3.495   1.00 0.00 ? 120 LEU A N    1 
ATOM 1222 C CA   . LEU A 1 78  ? -16.554 11.940  3.431   1.00 0.00 ? 120 LEU A CA   1 
ATOM 1223 C C    . LEU A 1 78  ? -15.253 12.052  4.237   1.00 0.00 ? 120 LEU A C    1 
ATOM 1224 O O    . LEU A 1 78  ? -14.786 11.092  4.815   1.00 0.00 ? 120 LEU A O    1 
ATOM 1225 C CB   . LEU A 1 78  ? -17.615 12.902  3.999   1.00 0.00 ? 120 LEU A CB   1 
ATOM 1226 C CG   . LEU A 1 78  ? -18.365 12.247  5.165   1.00 0.00 ? 120 LEU A CG   1 
ATOM 1227 C CD1  . LEU A 1 78  ? -17.371 11.758  6.220   1.00 0.00 ? 120 LEU A CD1  1 
ATOM 1228 C CD2  . LEU A 1 78  ? -19.307 13.274  5.797   1.00 0.00 ? 120 LEU A CD2  1 
ATOM 1229 H H    . LEU A 1 78  ? -17.988 10.361  3.743   1.00 0.00 ? 120 LEU A H    1 
ATOM 1230 H HA   . LEU A 1 78  ? -16.354 12.196  2.400   1.00 0.00 ? 120 LEU A HA   1 
ATOM 1231 H HB2  . LEU A 1 78  ? -17.134 13.807  4.346   1.00 0.00 ? 120 LEU A HB2  1 
ATOM 1232 H HB3  . LEU A 1 78  ? -18.320 13.152  3.220   1.00 0.00 ? 120 LEU A HB3  1 
ATOM 1233 H HG   . LEU A 1 78  ? -18.941 11.410  4.800   1.00 0.00 ? 120 LEU A HG   1 
ATOM 1234 H HD11 . LEU A 1 78  ? -16.630 12.524  6.398   1.00 0.00 ? 120 LEU A HD11 1 
ATOM 1235 H HD12 . LEU A 1 78  ? -17.895 11.548  7.141   1.00 0.00 ? 120 LEU A HD12 1 
ATOM 1236 H HD13 . LEU A 1 78  ? -16.884 10.859  5.873   1.00 0.00 ? 120 LEU A HD13 1 
ATOM 1237 H HD21 . LEU A 1 78  ? -18.740 14.138  6.111   1.00 0.00 ? 120 LEU A HD21 1 
ATOM 1238 H HD22 . LEU A 1 78  ? -20.049 13.576  5.071   1.00 0.00 ? 120 LEU A HD22 1 
ATOM 1239 H HD23 . LEU A 1 78  ? -19.799 12.835  6.651   1.00 0.00 ? 120 LEU A HD23 1 
ATOM 1240 N N    . ARG A 1 79  ? -14.662 13.220  4.273   1.00 0.00 ? 121 ARG A N    1 
ATOM 1241 C CA   . ARG A 1 79  ? -13.391 13.393  5.038   1.00 0.00 ? 121 ARG A CA   1 
ATOM 1242 C C    . ARG A 1 79  ? -13.526 12.742  6.416   1.00 0.00 ? 121 ARG A C    1 
ATOM 1243 O O    . ARG A 1 79  ? -14.461 12.997  7.146   1.00 0.00 ? 121 ARG A O    1 
ATOM 1244 C CB   . ARG A 1 79  ? -13.090 14.885  5.196   1.00 0.00 ? 121 ARG A CB   1 
ATOM 1245 C CG   . ARG A 1 79  ? -14.262 15.585  5.920   1.00 0.00 ? 121 ARG A CG   1 
ATOM 1246 C CD   . ARG A 1 79  ? -13.926 15.809  7.403   1.00 0.00 ? 121 ARG A CD   1 
ATOM 1247 N NE   . ARG A 1 79  ? -15.189 15.955  8.181   1.00 0.00 ? 121 ARG A NE   1 
ATOM 1248 C CZ   . ARG A 1 79  ? -15.168 15.861  9.483   1.00 0.00 ? 121 ARG A CZ   1 
ATOM 1249 N NH1  . ARG A 1 79  ? -14.042 15.636  10.103  1.00 0.00 ? 121 ARG A NH1  1 
ATOM 1250 N NH2  . ARG A 1 79  ? -16.274 15.990  10.164  1.00 0.00 ? 121 ARG A NH2  1 
ATOM 1251 H H    . ARG A 1 79  ? -15.055 13.981  3.798   1.00 0.00 ? 121 ARG A H    1 
ATOM 1252 H HA   . ARG A 1 79  ? -12.590 12.931  4.501   1.00 0.00 ? 121 ARG A HA   1 
ATOM 1253 H HB2  . ARG A 1 79  ? -12.174 15.006  5.761   1.00 0.00 ? 121 ARG A HB2  1 
ATOM 1254 H HB3  . ARG A 1 79  ? -12.960 15.321  4.216   1.00 0.00 ? 121 ARG A HB3  1 
ATOM 1255 H HG2  . ARG A 1 79  ? -14.446 16.539  5.452   1.00 0.00 ? 121 ARG A HG2  1 
ATOM 1256 H HG3  . ARG A 1 79  ? -15.154 14.977  5.847   1.00 0.00 ? 121 ARG A HG3  1 
ATOM 1257 H HD2  . ARG A 1 79  ? -13.366 14.965  7.780   1.00 0.00 ? 121 ARG A HD2  1 
ATOM 1258 H HD3  . ARG A 1 79  ? -13.334 16.707  7.506   1.00 0.00 ? 121 ARG A HD3  1 
ATOM 1259 H HE   . ARG A 1 79  ? -16.035 16.123  7.715   1.00 0.00 ? 121 ARG A HE   1 
ATOM 1260 H HH11 . ARG A 1 79  ? -13.195 15.536  9.581   1.00 0.00 ? 121 ARG A HH11 1 
ATOM 1261 H HH12 . ARG A 1 79  ? -14.026 15.564  11.100  1.00 0.00 ? 121 ARG A HH12 1 
ATOM 1262 H HH21 . ARG A 1 79  ? -17.137 16.161  9.688   1.00 0.00 ? 121 ARG A HH21 1 
ATOM 1263 H HH22 . ARG A 1 79  ? -16.258 15.918  11.161  1.00 0.00 ? 121 ARG A HH22 1 
ATOM 1264 N N    . PHE A 1 80  ? -12.602 11.892  6.776   1.00 0.00 ? 122 PHE A N    1 
ATOM 1265 C CA   . PHE A 1 80  ? -12.690 11.220  8.103   1.00 0.00 ? 122 PHE A CA   1 
ATOM 1266 C C    . PHE A 1 80  ? -11.387 10.453  8.368   1.00 0.00 ? 122 PHE A C    1 
ATOM 1267 O O    . PHE A 1 80  ? -11.196 9.350   7.895   1.00 0.00 ? 122 PHE A O    1 
ATOM 1268 C CB   . PHE A 1 80  ? -13.891 10.252  8.091   1.00 0.00 ? 122 PHE A CB   1 
ATOM 1269 C CG   . PHE A 1 80  ? -14.425 10.045  9.493   1.00 0.00 ? 122 PHE A CG   1 
ATOM 1270 C CD1  . PHE A 1 80  ? -14.939 11.138  10.223  1.00 0.00 ? 122 PHE A CD1  1 
ATOM 1271 C CD2  . PHE A 1 80  ? -14.417 8.760   10.069  1.00 0.00 ? 122 PHE A CD2  1 
ATOM 1272 C CE1  . PHE A 1 80  ? -15.439 10.942  11.524  1.00 0.00 ? 122 PHE A CE1  1 
ATOM 1273 C CE2  . PHE A 1 80  ? -14.917 8.566   11.371  1.00 0.00 ? 122 PHE A CE2  1 
ATOM 1274 C CZ   . PHE A 1 80  ? -15.429 9.658   12.098  1.00 0.00 ? 122 PHE A CZ   1 
ATOM 1275 H H    . PHE A 1 80  ? -11.857 11.690  6.171   1.00 0.00 ? 122 PHE A H    1 
ATOM 1276 H HA   . PHE A 1 80  ? -12.827 11.967  8.870   1.00 0.00 ? 122 PHE A HA   1 
ATOM 1277 H HB2  . PHE A 1 80  ? -14.674 10.668  7.474   1.00 0.00 ? 122 PHE A HB2  1 
ATOM 1278 H HB3  . PHE A 1 80  ? -13.584 9.302   7.676   1.00 0.00 ? 122 PHE A HB3  1 
ATOM 1279 H HD1  . PHE A 1 80  ? -14.953 12.124  9.785   1.00 0.00 ? 122 PHE A HD1  1 
ATOM 1280 H HD2  . PHE A 1 80  ? -14.026 7.921   9.511   1.00 0.00 ? 122 PHE A HD2  1 
ATOM 1281 H HE1  . PHE A 1 80  ? -15.832 11.779  12.082  1.00 0.00 ? 122 PHE A HE1  1 
ATOM 1282 H HE2  . PHE A 1 80  ? -14.910 7.580   11.811  1.00 0.00 ? 122 PHE A HE2  1 
ATOM 1283 H HZ   . PHE A 1 80  ? -15.812 9.509   13.097  1.00 0.00 ? 122 PHE A HZ   1 
ATOM 1284 N N    . ASP A 1 81  ? -10.486 11.034  9.118   1.00 0.00 ? 123 ASP A N    1 
ATOM 1285 C CA   . ASP A 1 81  ? -9.192  10.349  9.408   1.00 0.00 ? 123 ASP A CA   1 
ATOM 1286 C C    . ASP A 1 81  ? -9.413  9.233   10.436  1.00 0.00 ? 123 ASP A C    1 
ATOM 1287 O O    . ASP A 1 81  ? -8.896  9.281   11.532  1.00 0.00 ? 123 ASP A O    1 
ATOM 1288 C CB   . ASP A 1 81  ? -8.194  11.366  9.968   1.00 0.00 ? 123 ASP A CB   1 
ATOM 1289 C CG   . ASP A 1 81  ? -6.781  10.781  9.914   1.00 0.00 ? 123 ASP A CG   1 
ATOM 1290 O OD1  . ASP A 1 81  ? -6.376  10.359  8.843   1.00 0.00 ? 123 ASP A OD1  1 
ATOM 1291 O OD2  . ASP A 1 81  ? -6.127  10.765  10.945  1.00 0.00 ? 123 ASP A OD2  1 
ATOM 1292 H H    . ASP A 1 81  ? -10.658 11.927  9.485   1.00 0.00 ? 123 ASP A H    1 
ATOM 1293 H HA   . ASP A 1 81  ? -8.798  9.926   8.496   1.00 0.00 ? 123 ASP A HA   1 
ATOM 1294 H HB2  . ASP A 1 81  ? -8.233  12.270  9.377   1.00 0.00 ? 123 ASP A HB2  1 
ATOM 1295 H HB3  . ASP A 1 81  ? -8.447  11.595  10.992  1.00 0.00 ? 123 ASP A HB3  1 
ATOM 1296 N N    . ARG A 1 82  ? -10.156 8.219   10.067  1.00 0.00 ? 124 ARG A N    1 
ATOM 1297 C CA   . ARG A 1 82  ? -10.421 7.067   10.987  1.00 0.00 ? 124 ARG A CA   1 
ATOM 1298 C C    . ARG A 1 82  ? -10.700 5.850   10.131  1.00 0.00 ? 124 ARG A C    1 
ATOM 1299 O O    . ARG A 1 82  ? -10.732 4.724   10.589  1.00 0.00 ? 124 ARG A O    1 
ATOM 1300 C CB   . ARG A 1 82  ? -11.663 7.322   11.852  1.00 0.00 ? 124 ARG A CB   1 
ATOM 1301 C CG   . ARG A 1 82  ? -11.523 8.624   12.653  1.00 0.00 ? 124 ARG A CG   1 
ATOM 1302 C CD   . ARG A 1 82  ? -11.910 9.855   11.796  1.00 0.00 ? 124 ARG A CD   1 
ATOM 1303 N NE   . ARG A 1 82  ? -10.867 10.925  11.930  1.00 0.00 ? 124 ARG A NE   1 
ATOM 1304 C CZ   . ARG A 1 82  ? -10.407 11.285  13.101  1.00 0.00 ? 124 ARG A CZ   1 
ATOM 1305 N NH1  . ARG A 1 82  ? -10.901 10.768  14.192  1.00 0.00 ? 124 ARG A NH1  1 
ATOM 1306 N NH2  . ARG A 1 82  ? -9.466  12.184  13.179  1.00 0.00 ? 124 ARG A NH2  1 
ATOM 1307 H H    . ARG A 1 82  ? -10.522 8.200   9.161   1.00 0.00 ? 124 ARG A H    1 
ATOM 1308 H HA   . ARG A 1 82  ? -9.565  6.888   11.602  1.00 0.00 ? 124 ARG A HA   1 
ATOM 1309 H HB2  . ARG A 1 82  ? -12.532 7.383   11.217  1.00 0.00 ? 124 ARG A HB2  1 
ATOM 1310 H HB3  . ARG A 1 82  ? -11.787 6.496   12.538  1.00 0.00 ? 124 ARG A HB3  1 
ATOM 1311 H HG2  . ARG A 1 82  ? -12.176 8.565   13.510  1.00 0.00 ? 124 ARG A HG2  1 
ATOM 1312 H HG3  . ARG A 1 82  ? -10.509 8.718   12.991  1.00 0.00 ? 124 ARG A HG3  1 
ATOM 1313 H HD2  . ARG A 1 82  ? -11.972 9.584   10.757  1.00 0.00 ? 124 ARG A HD2  1 
ATOM 1314 H HD3  . ARG A 1 82  ? -12.880 10.229  12.115  1.00 0.00 ? 124 ARG A HD3  1 
ATOM 1315 H HE   . ARG A 1 82  ? -10.509 11.350  11.122  1.00 0.00 ? 124 ARG A HE   1 
ATOM 1316 H HH11 . ARG A 1 82  ? -11.636 10.097  14.138  1.00 0.00 ? 124 ARG A HH11 1 
ATOM 1317 H HH12 . ARG A 1 82  ? -10.542 11.046  15.083  1.00 0.00 ? 124 ARG A HH12 1 
ATOM 1318 H HH21 . ARG A 1 82  ? -9.097  12.596  12.346  1.00 0.00 ? 124 ARG A HH21 1 
ATOM 1319 H HH22 . ARG A 1 82  ? -9.111  12.461  14.072  1.00 0.00 ? 124 ARG A HH22 1 
ATOM 1320 N N    . ASP A 1 83  ? -10.895 6.096   8.878   1.00 0.00 ? 125 ASP A N    1 
ATOM 1321 C CA   . ASP A 1 83  ? -11.177 5.012   7.899   1.00 0.00 ? 125 ASP A CA   1 
ATOM 1322 C C    . ASP A 1 83  ? -10.267 5.234   6.707   1.00 0.00 ? 125 ASP A C    1 
ATOM 1323 O O    . ASP A 1 83  ? -10.499 4.757   5.613   1.00 0.00 ? 125 ASP A O    1 
ATOM 1324 C CB   . ASP A 1 83  ? -12.643 5.069   7.460   1.00 0.00 ? 125 ASP A CB   1 
ATOM 1325 C CG   . ASP A 1 83  ? -12.911 6.396   6.746   1.00 0.00 ? 125 ASP A CG   1 
ATOM 1326 O OD1  . ASP A 1 83  ? -12.003 7.209   6.690   1.00 0.00 ? 125 ASP A OD1  1 
ATOM 1327 O OD2  . ASP A 1 83  ? -14.019 6.575   6.270   1.00 0.00 ? 125 ASP A OD2  1 
ATOM 1328 H H    . ASP A 1 83  ? -10.843 7.017   8.576   1.00 0.00 ? 125 ASP A H    1 
ATOM 1329 H HA   . ASP A 1 83  ? -10.960 4.061   8.341   1.00 0.00 ? 125 ASP A HA   1 
ATOM 1330 H HB2  . ASP A 1 83  ? -12.848 4.249   6.786   1.00 0.00 ? 125 ASP A HB2  1 
ATOM 1331 H HB3  . ASP A 1 83  ? -13.282 4.992   8.327   1.00 0.00 ? 125 ASP A HB3  1 
ATOM 1332 N N    . GLU A 1 84  ? -9.223  5.964   6.946   1.00 0.00 ? 126 GLU A N    1 
ATOM 1333 C CA   . GLU A 1 84  ? -8.221  6.276   5.893   1.00 0.00 ? 126 GLU A CA   1 
ATOM 1334 C C    . GLU A 1 84  ? -7.981  5.037   5.015   1.00 0.00 ? 126 GLU A C    1 
ATOM 1335 O O    . GLU A 1 84  ? -7.887  3.935   5.511   1.00 0.00 ? 126 GLU A O    1 
ATOM 1336 C CB   . GLU A 1 84  ? -6.926  6.715   6.596   1.00 0.00 ? 126 GLU A CB   1 
ATOM 1337 C CG   . GLU A 1 84  ? -6.782  5.993   7.955   1.00 0.00 ? 126 GLU A CG   1 
ATOM 1338 C CD   . GLU A 1 84  ? -7.494  6.786   9.052   1.00 0.00 ? 126 GLU A CD   1 
ATOM 1339 O OE1  . GLU A 1 84  ? -8.257  7.666   8.709   1.00 0.00 ? 126 GLU A OE1  1 
ATOM 1340 O OE2  . GLU A 1 84  ? -7.260  6.497   10.214  1.00 0.00 ? 126 GLU A OE2  1 
ATOM 1341 H H    . GLU A 1 84  ? -9.091  6.313   7.849   1.00 0.00 ? 126 GLU A H    1 
ATOM 1342 H HA   . GLU A 1 84  ? -8.578  7.082   5.275   1.00 0.00 ? 126 GLU A HA   1 
ATOM 1343 H HB2  . GLU A 1 84  ? -6.083  6.478   5.973   1.00 0.00 ? 126 GLU A HB2  1 
ATOM 1344 H HB3  . GLU A 1 84  ? -6.958  7.784   6.762   1.00 0.00 ? 126 GLU A HB3  1 
ATOM 1345 H HG2  . GLU A 1 84  ? -7.218  5.005   7.893   1.00 0.00 ? 126 GLU A HG2  1 
ATOM 1346 H HG3  . GLU A 1 84  ? -5.737  5.906   8.207   1.00 0.00 ? 126 GLU A HG3  1 
ATOM 1347 N N    . ILE A 1 85  ? -7.901  5.236   3.713   1.00 0.00 ? 127 ILE A N    1 
ATOM 1348 C CA   . ILE A 1 85  ? -7.682  4.111   2.735   1.00 0.00 ? 127 ILE A CA   1 
ATOM 1349 C C    . ILE A 1 85  ? -6.853  2.979   3.369   1.00 0.00 ? 127 ILE A C    1 
ATOM 1350 O O    . ILE A 1 85  ? -5.654  2.895   3.215   1.00 0.00 ? 127 ILE A O    1 
ATOM 1351 C CB   . ILE A 1 85  ? -6.980  4.690   1.486   1.00 0.00 ? 127 ILE A CB   1 
ATOM 1352 C CG1  . ILE A 1 85  ? -6.661  3.590   0.458   1.00 0.00 ? 127 ILE A CG1  1 
ATOM 1353 C CG2  . ILE A 1 85  ? -5.685  5.400   1.889   1.00 0.00 ? 127 ILE A CG2  1 
ATOM 1354 C CD1  . ILE A 1 85  ? -5.809  4.182   -0.674  1.00 0.00 ? 127 ILE A CD1  1 
ATOM 1355 H H    . ILE A 1 85  ? -7.996  6.149   3.369   1.00 0.00 ? 127 ILE A H    1 
ATOM 1356 H HA   . ILE A 1 85  ? -8.643  3.716   2.441   1.00 0.00 ? 127 ILE A HA   1 
ATOM 1357 H HB   . ILE A 1 85  ? -7.640  5.416   1.029   1.00 0.00 ? 127 ILE A HB   1 
ATOM 1358 H HG12 . ILE A 1 85  ? -6.115  2.788   0.931   1.00 0.00 ? 127 ILE A HG12 1 
ATOM 1359 H HG13 . ILE A 1 85  ? -7.582  3.205   0.046   1.00 0.00 ? 127 ILE A HG13 1 
ATOM 1360 H HG21 . ILE A 1 85  ? -5.839  5.956   2.801   1.00 0.00 ? 127 ILE A HG21 1 
ATOM 1361 H HG22 . ILE A 1 85  ? -4.906  4.673   2.037   1.00 0.00 ? 127 ILE A HG22 1 
ATOM 1362 H HG23 . ILE A 1 85  ? -5.395  6.079   1.101   1.00 0.00 ? 127 ILE A HG23 1 
ATOM 1363 H HD11 . ILE A 1 85  ? -6.213  5.139   -0.968  1.00 0.00 ? 127 ILE A HD11 1 
ATOM 1364 H HD12 . ILE A 1 85  ? -4.793  4.314   -0.328  1.00 0.00 ? 127 ILE A HD12 1 
ATOM 1365 H HD13 . ILE A 1 85  ? -5.816  3.514   -1.520  1.00 0.00 ? 127 ILE A HD13 1 
ATOM 1366 N N    . GLU A 1 86  ? -7.495  2.106   4.096   1.00 0.00 ? 128 GLU A N    1 
ATOM 1367 C CA   . GLU A 1 86  ? -6.759  0.988   4.760   1.00 0.00 ? 128 GLU A CA   1 
ATOM 1368 C C    . GLU A 1 86  ? -6.694  -0.229  3.839   1.00 0.00 ? 128 GLU A C    1 
ATOM 1369 O O    . GLU A 1 86  ? -7.703  -0.799  3.472   1.00 0.00 ? 128 GLU A O    1 
ATOM 1370 C CB   . GLU A 1 86  ? -7.486  0.606   6.052   1.00 0.00 ? 128 GLU A CB   1 
ATOM 1371 C CG   . GLU A 1 86  ? -6.799  -0.605  6.688   1.00 0.00 ? 128 GLU A CG   1 
ATOM 1372 C CD   . GLU A 1 86  ? -7.278  -0.765  8.132   1.00 0.00 ? 128 GLU A CD   1 
ATOM 1373 O OE1  . GLU A 1 86  ? -8.464  -0.981  8.321   1.00 0.00 ? 128 GLU A OE1  1 
ATOM 1374 O OE2  . GLU A 1 86  ? -6.452  -0.670  9.024   1.00 0.00 ? 128 GLU A OE2  1 
ATOM 1375 H H    . GLU A 1 86  ? -8.462  2.192   4.216   1.00 0.00 ? 128 GLU A H    1 
ATOM 1376 H HA   . GLU A 1 86  ? -5.756  1.308   4.999   1.00 0.00 ? 128 GLU A HA   1 
ATOM 1377 H HB2  . GLU A 1 86  ? -7.458  1.440   6.740   1.00 0.00 ? 128 GLU A HB2  1 
ATOM 1378 H HB3  . GLU A 1 86  ? -8.513  0.360   5.828   1.00 0.00 ? 128 GLU A HB3  1 
ATOM 1379 H HG2  . GLU A 1 86  ? -7.045  -1.493  6.124   1.00 0.00 ? 128 GLU A HG2  1 
ATOM 1380 H HG3  . GLU A 1 86  ? -5.730  -0.456  6.680   1.00 0.00 ? 128 GLU A HG3  1 
ATOM 1381 N N    . PHE A 1 87  ? -5.507  -0.642  3.478   1.00 0.00 ? 129 PHE A N    1 
ATOM 1382 C CA   . PHE A 1 87  ? -5.360  -1.838  2.596   1.00 0.00 ? 129 PHE A CA   1 
ATOM 1383 C C    . PHE A 1 87  ? -5.095  -3.061  3.472   1.00 0.00 ? 129 PHE A C    1 
ATOM 1384 O O    . PHE A 1 87  ? -4.155  -3.086  4.247   1.00 0.00 ? 129 PHE A O    1 
ATOM 1385 C CB   . PHE A 1 87  ? -4.174  -1.634  1.639   1.00 0.00 ? 129 PHE A CB   1 
ATOM 1386 C CG   . PHE A 1 87  ? -4.599  -0.778  0.465   1.00 0.00 ? 129 PHE A CG   1 
ATOM 1387 C CD1  . PHE A 1 87  ? -5.582  -1.248  -0.429  1.00 0.00 ? 129 PHE A CD1  1 
ATOM 1388 C CD2  . PHE A 1 87  ? -4.009  0.484   0.261   1.00 0.00 ? 129 PHE A CD2  1 
ATOM 1389 C CE1  . PHE A 1 87  ? -5.974  -0.455  -1.523  1.00 0.00 ? 129 PHE A CE1  1 
ATOM 1390 C CE2  . PHE A 1 87  ? -4.402  1.275   -0.834  1.00 0.00 ? 129 PHE A CE2  1 
ATOM 1391 C CZ   . PHE A 1 87  ? -5.384  0.807   -1.725  1.00 0.00 ? 129 PHE A CZ   1 
ATOM 1392 H H    . PHE A 1 87  ? -4.710  -0.172  3.797   1.00 0.00 ? 129 PHE A H    1 
ATOM 1393 H HA   . PHE A 1 87  ? -6.267  -1.992  2.028   1.00 0.00 ? 129 PHE A HA   1 
ATOM 1394 H HB2  . PHE A 1 87  ? -3.369  -1.150  2.167   1.00 0.00 ? 129 PHE A HB2  1 
ATOM 1395 H HB3  . PHE A 1 87  ? -3.836  -2.593  1.272   1.00 0.00 ? 129 PHE A HB3  1 
ATOM 1396 H HD1  . PHE A 1 87  ? -6.033  -2.216  -0.277  1.00 0.00 ? 129 PHE A HD1  1 
ATOM 1397 H HD2  . PHE A 1 87  ? -3.254  0.846   0.945   1.00 0.00 ? 129 PHE A HD2  1 
ATOM 1398 H HE1  . PHE A 1 87  ? -6.727  -0.814  -2.208  1.00 0.00 ? 129 PHE A HE1  1 
ATOM 1399 H HE2  . PHE A 1 87  ? -3.946  2.239   -0.992  1.00 0.00 ? 129 PHE A HE2  1 
ATOM 1400 H HZ   . PHE A 1 87  ? -5.684  1.415   -2.564  1.00 0.00 ? 129 PHE A HZ   1 
ATOM 1401 N N    . SER A 1 88  ? -5.916  -4.075  3.350   1.00 0.00 ? 130 SER A N    1 
ATOM 1402 C CA   . SER A 1 88  ? -5.731  -5.318  4.161   1.00 0.00 ? 130 SER A CA   1 
ATOM 1403 C C    . SER A 1 88  ? -5.197  -6.430  3.259   1.00 0.00 ? 130 SER A C    1 
ATOM 1404 O O    . SER A 1 88  ? -5.710  -6.667  2.182   1.00 0.00 ? 130 SER A O    1 
ATOM 1405 C CB   . SER A 1 88  ? -7.075  -5.744  4.750   1.00 0.00 ? 130 SER A CB   1 
ATOM 1406 O OG   . SER A 1 88  ? -6.985  -7.089  5.204   1.00 0.00 ? 130 SER A OG   1 
ATOM 1407 H H    . SER A 1 88  ? -6.659  -4.021  2.714   1.00 0.00 ? 130 SER A H    1 
ATOM 1408 H HA   . SER A 1 88  ? -5.029  -5.139  4.964   1.00 0.00 ? 130 SER A HA   1 
ATOM 1409 H HB2  . SER A 1 88  ? -7.327  -5.105  5.579   1.00 0.00 ? 130 SER A HB2  1 
ATOM 1410 H HB3  . SER A 1 88  ? -7.842  -5.662  3.989   1.00 0.00 ? 130 SER A HB3  1 
ATOM 1411 H HG   . SER A 1 88  ? -6.447  -7.097  6.000   1.00 0.00 ? 130 SER A HG   1 
ATOM 1412 N N    . HIS A 1 89  ? -4.166  -7.110  3.683   1.00 0.00 ? 131 HIS A N    1 
ATOM 1413 C CA   . HIS A 1 89  ? -3.589  -8.205  2.847   1.00 0.00 ? 131 HIS A CA   1 
ATOM 1414 C C    . HIS A 1 89  ? -2.960  -9.269  3.775   1.00 0.00 ? 131 HIS A C    1 
ATOM 1415 O O    . HIS A 1 89  ? -1.852  -9.074  4.234   1.00 0.00 ? 131 HIS A O    1 
ATOM 1416 C CB   . HIS A 1 89  ? -2.496  -7.607  1.948   1.00 0.00 ? 131 HIS A CB   1 
ATOM 1417 C CG   . HIS A 1 89  ? -2.229  -8.525  0.784   1.00 0.00 ? 131 HIS A CG   1 
ATOM 1418 N ND1  . HIS A 1 89  ? -2.936  -9.702  0.590   1.00 0.00 ? 131 HIS A ND1  1 
ATOM 1419 C CD2  . HIS A 1 89  ? -1.339  -8.447  -0.257  1.00 0.00 ? 131 HIS A CD2  1 
ATOM 1420 C CE1  . HIS A 1 89  ? -2.464  -10.277 -0.533  1.00 0.00 ? 131 HIS A CE1  1 
ATOM 1421 N NE2  . HIS A 1 89  ? -1.488  -9.553  -1.087  1.00 0.00 ? 131 HIS A NE2  1 
ATOM 1422 H H    . HIS A 1 89  ? -3.766  -6.898  4.551   1.00 0.00 ? 131 HIS A H    1 
ATOM 1423 H HA   . HIS A 1 89  ? -4.359  -8.634  2.228   1.00 0.00 ? 131 HIS A HA   1 
ATOM 1424 H HB2  . HIS A 1 89  ? -2.826  -6.648  1.576   1.00 0.00 ? 131 HIS A HB2  1 
ATOM 1425 H HB3  . HIS A 1 89  ? -1.589  -7.474  2.518   1.00 0.00 ? 131 HIS A HB3  1 
ATOM 1426 H HD1  . HIS A 1 89  ? -3.651  -10.050 1.162   1.00 0.00 ? 131 HIS A HD1  1 
ATOM 1427 H HD2  . HIS A 1 89  ? -0.632  -7.647  -0.409  1.00 0.00 ? 131 HIS A HD2  1 
ATOM 1428 H HE1  . HIS A 1 89  ? -2.829  -11.212 -0.934  1.00 0.00 ? 131 HIS A HE1  1 
ATOM 1429 N N    . PRO A 1 90  ? -3.659  -10.362 4.048   1.00 0.00 ? 132 PRO A N    1 
ATOM 1430 C CA   . PRO A 1 90  ? -3.117  -11.414 4.938   1.00 0.00 ? 132 PRO A CA   1 
ATOM 1431 C C    . PRO A 1 90  ? -1.865  -12.064 4.320   1.00 0.00 ? 132 PRO A C    1 
ATOM 1432 O O    . PRO A 1 90  ? -1.511  -13.177 4.654   1.00 0.00 ? 132 PRO A O    1 
ATOM 1433 C CB   . PRO A 1 90  ? -4.268  -12.438 5.094   1.00 0.00 ? 132 PRO A CB   1 
ATOM 1434 C CG   . PRO A 1 90  ? -5.474  -11.920 4.258   1.00 0.00 ? 132 PRO A CG   1 
ATOM 1435 C CD   . PRO A 1 90  ? -5.016  -10.638 3.526   1.00 0.00 ? 132 PRO A CD   1 
ATOM 1436 H HA   . PRO A 1 90  ? -2.872  -10.989 5.899   1.00 0.00 ? 132 PRO A HA   1 
ATOM 1437 H HB2  . PRO A 1 90  ? -3.958  -13.413 4.732   1.00 0.00 ? 132 PRO A HB2  1 
ATOM 1438 H HB3  . PRO A 1 90  ? -4.556  -12.517 6.135   1.00 0.00 ? 132 PRO A HB3  1 
ATOM 1439 H HG2  . PRO A 1 90  ? -5.775  -12.673 3.538   1.00 0.00 ? 132 PRO A HG2  1 
ATOM 1440 H HG3  . PRO A 1 90  ? -6.306  -11.690 4.910   1.00 0.00 ? 132 PRO A HG3  1 
ATOM 1441 H HD2  . PRO A 1 90  ? -4.980  -10.814 2.458   1.00 0.00 ? 132 PRO A HD2  1 
ATOM 1442 H HD3  . PRO A 1 90  ? -5.677  -9.814  3.751   1.00 0.00 ? 132 PRO A HD3  1 
ATOM 1443 N N    . PHE A 1 91  ? -1.188  -11.381 3.430   1.00 0.00 ? 133 PHE A N    1 
ATOM 1444 C CA   . PHE A 1 91  ? 0.043   -11.954 2.803   1.00 0.00 ? 133 PHE A CA   1 
ATOM 1445 C C    . PHE A 1 91  ? 1.087   -10.845 2.652   1.00 0.00 ? 133 PHE A C    1 
ATOM 1446 O O    . PHE A 1 91  ? 1.892   -10.853 1.743   1.00 0.00 ? 133 PHE A O    1 
ATOM 1447 C CB   . PHE A 1 91  ? -0.302  -12.527 1.426   1.00 0.00 ? 133 PHE A CB   1 
ATOM 1448 C CG   . PHE A 1 91  ? -1.015  -13.850 1.590   1.00 0.00 ? 133 PHE A CG   1 
ATOM 1449 C CD1  . PHE A 1 91  ? -0.275  -15.047 1.642   1.00 0.00 ? 133 PHE A CD1  1 
ATOM 1450 C CD2  . PHE A 1 91  ? -2.419  -13.885 1.691   1.00 0.00 ? 133 PHE A CD2  1 
ATOM 1451 C CE1  . PHE A 1 91  ? -0.939  -16.278 1.795   1.00 0.00 ? 133 PHE A CE1  1 
ATOM 1452 C CE2  . PHE A 1 91  ? -3.083  -15.117 1.844   1.00 0.00 ? 133 PHE A CE2  1 
ATOM 1453 C CZ   . PHE A 1 91  ? -2.344  -16.314 1.896   1.00 0.00 ? 133 PHE A CZ   1 
ATOM 1454 H H    . PHE A 1 91  ? -1.482  -10.484 3.177   1.00 0.00 ? 133 PHE A H    1 
ATOM 1455 H HA   . PHE A 1 91  ? 0.446   -12.739 3.430   1.00 0.00 ? 133 PHE A HA   1 
ATOM 1456 H HB2  . PHE A 1 91  ? -0.943  -11.836 0.900   1.00 0.00 ? 133 PHE A HB2  1 
ATOM 1457 H HB3  . PHE A 1 91  ? 0.605   -12.678 0.860   1.00 0.00 ? 133 PHE A HB3  1 
ATOM 1458 H HD1  . PHE A 1 91  ? 0.802   -15.019 1.564   1.00 0.00 ? 133 PHE A HD1  1 
ATOM 1459 H HD2  . PHE A 1 91  ? -2.986  -12.967 1.652   1.00 0.00 ? 133 PHE A HD2  1 
ATOM 1460 H HE1  . PHE A 1 91  ? -0.373  -17.197 1.834   1.00 0.00 ? 133 PHE A HE1  1 
ATOM 1461 H HE2  . PHE A 1 91  ? -4.160  -15.144 1.922   1.00 0.00 ? 133 PHE A HE2  1 
ATOM 1462 H HZ   . PHE A 1 91  ? -2.854  -17.259 2.013   1.00 0.00 ? 133 PHE A HZ   1 
ATOM 1463 N N    . PHE A 1 92  ? 1.077   -9.891  3.544   1.00 0.00 ? 134 PHE A N    1 
ATOM 1464 C CA   . PHE A 1 92  ? 2.066   -8.775  3.470   1.00 0.00 ? 134 PHE A CA   1 
ATOM 1465 C C    . PHE A 1 92  ? 2.347   -8.265  4.885   1.00 0.00 ? 134 PHE A C    1 
ATOM 1466 O O    . PHE A 1 92  ? 2.403   -7.077  5.130   1.00 0.00 ? 134 PHE A O    1 
ATOM 1467 C CB   . PHE A 1 92  ? 1.490   -7.637  2.623   1.00 0.00 ? 134 PHE A CB   1 
ATOM 1468 C CG   . PHE A 1 92  ? 2.551   -6.586  2.397   1.00 0.00 ? 134 PHE A CG   1 
ATOM 1469 C CD1  . PHE A 1 92  ? 3.572   -6.810  1.453   1.00 0.00 ? 134 PHE A CD1  1 
ATOM 1470 C CD2  . PHE A 1 92  ? 2.520   -5.382  3.129   1.00 0.00 ? 134 PHE A CD2  1 
ATOM 1471 C CE1  . PHE A 1 92  ? 4.562   -5.831  1.242   1.00 0.00 ? 134 PHE A CE1  1 
ATOM 1472 C CE2  . PHE A 1 92  ? 3.510   -4.405  2.918   1.00 0.00 ? 134 PHE A CE2  1 
ATOM 1473 C CZ   . PHE A 1 92  ? 4.532   -4.630  1.975   1.00 0.00 ? 134 PHE A CZ   1 
ATOM 1474 H H    . PHE A 1 92  ? 0.418   -9.909  4.269   1.00 0.00 ? 134 PHE A H    1 
ATOM 1475 H HA   . PHE A 1 92  ? 2.986   -9.128  3.025   1.00 0.00 ? 134 PHE A HA   1 
ATOM 1476 H HB2  . PHE A 1 92  ? 1.161   -8.029  1.671   1.00 0.00 ? 134 PHE A HB2  1 
ATOM 1477 H HB3  . PHE A 1 92  ? 0.650   -7.195  3.138   1.00 0.00 ? 134 PHE A HB3  1 
ATOM 1478 H HD1  . PHE A 1 92  ? 3.596   -7.731  0.890   1.00 0.00 ? 134 PHE A HD1  1 
ATOM 1479 H HD2  . PHE A 1 92  ? 1.736   -5.211  3.850   1.00 0.00 ? 134 PHE A HD2  1 
ATOM 1480 H HE1  . PHE A 1 92  ? 5.347   -6.003  0.519   1.00 0.00 ? 134 PHE A HE1  1 
ATOM 1481 H HE2  . PHE A 1 92  ? 3.487   -3.483  3.479   1.00 0.00 ? 134 PHE A HE2  1 
ATOM 1482 H HZ   . PHE A 1 92  ? 5.292   -3.879  1.814   1.00 0.00 ? 134 PHE A HZ   1 
ATOM 1483 N N    . LYS A 1 93  ? 2.517   -9.162  5.822   1.00 0.00 ? 135 LYS A N    1 
ATOM 1484 C CA   . LYS A 1 93  ? 2.785   -8.741  7.230   1.00 0.00 ? 135 LYS A CA   1 
ATOM 1485 C C    . LYS A 1 93  ? 4.294   -8.604  7.441   1.00 0.00 ? 135 LYS A C    1 
ATOM 1486 O O    . LYS A 1 93  ? 5.067   -8.614  6.504   1.00 0.00 ? 135 LYS A O    1 
ATOM 1487 C CB   . LYS A 1 93  ? 2.236   -9.797  8.202   1.00 0.00 ? 135 LYS A CB   1 
ATOM 1488 C CG   . LYS A 1 93  ? 0.761   -10.114 7.889   1.00 0.00 ? 135 LYS A CG   1 
ATOM 1489 C CD   . LYS A 1 93  ? -0.155  -9.082  8.547   1.00 0.00 ? 135 LYS A CD   1 
ATOM 1490 C CE   . LYS A 1 93  ? -1.583  -9.261  8.020   1.00 0.00 ? 135 LYS A CE   1 
ATOM 1491 N NZ   . LYS A 1 93  ? -2.539  -8.554  8.915   1.00 0.00 ? 135 LYS A NZ   1 
ATOM 1492 H H    . LYS A 1 93  ? 2.461   -10.115 5.600   1.00 0.00 ? 135 LYS A H    1 
ATOM 1493 H HA   . LYS A 1 93  ? 2.311   -7.791  7.424   1.00 0.00 ? 135 LYS A HA   1 
ATOM 1494 H HB2  . LYS A 1 93  ? 2.821   -10.700 8.107   1.00 0.00 ? 135 LYS A HB2  1 
ATOM 1495 H HB3  . LYS A 1 93  ? 2.318   -9.427  9.214   1.00 0.00 ? 135 LYS A HB3  1 
ATOM 1496 H HG2  . LYS A 1 93  ? 0.600   -10.100 6.824   1.00 0.00 ? 135 LYS A HG2  1 
ATOM 1497 H HG3  . LYS A 1 93  ? 0.519   -11.091 8.275   1.00 0.00 ? 135 LYS A HG3  1 
ATOM 1498 H HD2  . LYS A 1 93  ? -0.144  -9.228  9.618   1.00 0.00 ? 135 LYS A HD2  1 
ATOM 1499 H HD3  . LYS A 1 93  ? 0.191   -8.090  8.312   1.00 0.00 ? 135 LYS A HD3  1 
ATOM 1500 H HE2  . LYS A 1 93  ? -1.652  -8.848  7.024   1.00 0.00 ? 135 LYS A HE2  1 
ATOM 1501 H HE3  . LYS A 1 93  ? -1.829  -10.313 7.991   1.00 0.00 ? 135 LYS A HE3  1 
ATOM 1502 H HZ1  . LYS A 1 93  ? -2.144  -8.503  9.875   1.00 0.00 ? 135 LYS A HZ1  1 
ATOM 1503 H HZ2  . LYS A 1 93  ? -2.704  -7.591  8.554   1.00 0.00 ? 135 LYS A HZ2  1 
ATOM 1504 H HZ3  . LYS A 1 93  ? -3.440  -9.073  8.941   1.00 0.00 ? 135 LYS A HZ3  1 
ATOM 1505 N N    . ARG A 1 94  ? 4.720   -8.476  8.670   1.00 0.00 ? 136 ARG A N    1 
ATOM 1506 C CA   . ARG A 1 94  ? 6.180   -8.338  8.951   1.00 0.00 ? 136 ARG A CA   1 
ATOM 1507 C C    . ARG A 1 94  ? 6.814   -9.729  9.043   1.00 0.00 ? 136 ARG A C    1 
ATOM 1508 O O    . ARG A 1 94  ? 7.565   -10.138 8.179   1.00 0.00 ? 136 ARG A O    1 
ATOM 1509 C CB   . ARG A 1 94  ? 6.372   -7.599  10.282  1.00 0.00 ? 136 ARG A CB   1 
ATOM 1510 C CG   . ARG A 1 94  ? 6.096   -6.093  10.102  1.00 0.00 ? 136 ARG A CG   1 
ATOM 1511 C CD   . ARG A 1 94  ? 7.371   -5.369  9.644   1.00 0.00 ? 136 ARG A CD   1 
ATOM 1512 N NE   . ARG A 1 94  ? 8.245   -5.114  10.823  1.00 0.00 ? 136 ARG A NE   1 
ATOM 1513 C CZ   . ARG A 1 94  ? 9.495   -4.784  10.649  1.00 0.00 ? 136 ARG A CZ   1 
ATOM 1514 N NH1  . ARG A 1 94  ? 9.979   -4.678  9.441   1.00 0.00 ? 136 ARG A NH1  1 
ATOM 1515 N NH2  . ARG A 1 94  ? 10.261  -4.560  11.681  1.00 0.00 ? 136 ARG A NH2  1 
ATOM 1516 H H    . ARG A 1 94  ? 4.078   -8.470  9.411   1.00 0.00 ? 136 ARG A H    1 
ATOM 1517 H HA   . ARG A 1 94  ? 6.650   -7.779  8.156   1.00 0.00 ? 136 ARG A HA   1 
ATOM 1518 H HB2  . ARG A 1 94  ? 5.687   -8.003  11.013  1.00 0.00 ? 136 ARG A HB2  1 
ATOM 1519 H HB3  . ARG A 1 94  ? 7.387   -7.742  10.629  1.00 0.00 ? 136 ARG A HB3  1 
ATOM 1520 H HG2  . ARG A 1 94  ? 5.319   -5.951  9.364   1.00 0.00 ? 136 ARG A HG2  1 
ATOM 1521 H HG3  . ARG A 1 94  ? 5.772   -5.674  11.043  1.00 0.00 ? 136 ARG A HG3  1 
ATOM 1522 H HD2  . ARG A 1 94  ? 7.900   -5.979  8.929   1.00 0.00 ? 136 ARG A HD2  1 
ATOM 1523 H HD3  . ARG A 1 94  ? 7.104   -4.428  9.185   1.00 0.00 ? 136 ARG A HD3  1 
ATOM 1524 H HE   . ARG A 1 94  ? 7.881   -5.194  11.729  1.00 0.00 ? 136 ARG A HE   1 
ATOM 1525 H HH11 . ARG A 1 94  ? 9.391   -4.850  8.650   1.00 0.00 ? 136 ARG A HH11 1 
ATOM 1526 H HH12 . ARG A 1 94  ? 10.937  -4.425  9.307   1.00 0.00 ? 136 ARG A HH12 1 
ATOM 1527 H HH21 . ARG A 1 94  ? 9.891   -4.641  12.605  1.00 0.00 ? 136 ARG A HH21 1 
ATOM 1528 H HH22 . ARG A 1 94  ? 11.220  -4.306  11.545  1.00 0.00 ? 136 ARG A HH22 1 
ATOM 1529 N N    . ASN A 1 95  ? 6.520   -10.457 10.086  1.00 0.00 ? 137 ASN A N    1 
ATOM 1530 C CA   . ASN A 1 95  ? 7.108   -11.819 10.234  1.00 0.00 ? 137 ASN A CA   1 
ATOM 1531 C C    . ASN A 1 95  ? 6.723   -12.678 9.027   1.00 0.00 ? 137 ASN A C    1 
ATOM 1532 O O    . ASN A 1 95  ? 6.364   -12.171 7.983   1.00 0.00 ? 137 ASN A O    1 
ATOM 1533 C CB   . ASN A 1 95  ? 6.572   -12.469 11.512  1.00 0.00 ? 137 ASN A CB   1 
ATOM 1534 C CG   . ASN A 1 95  ? 6.920   -11.592 12.715  1.00 0.00 ? 137 ASN A CG   1 
ATOM 1535 O OD1  . ASN A 1 95  ? 6.325   -11.719 13.766  1.00 0.00 ? 137 ASN A OD1  1 
ATOM 1536 N ND2  . ASN A 1 95  ? 7.867   -10.701 12.606  1.00 0.00 ? 137 ASN A ND2  1 
ATOM 1537 H H    . ASN A 1 95  ? 5.913   -10.109 10.771  1.00 0.00 ? 137 ASN A H    1 
ATOM 1538 H HA   . ASN A 1 95  ? 8.183   -11.743 10.293  1.00 0.00 ? 137 ASN A HA   1 
ATOM 1539 H HB2  . ASN A 1 95  ? 5.499   -12.574 11.440  1.00 0.00 ? 137 ASN A HB2  1 
ATOM 1540 H HB3  . ASN A 1 95  ? 7.021   -13.442 11.637  1.00 0.00 ? 137 ASN A HB3  1 
ATOM 1541 H HD21 . ASN A 1 95  ? 8.347   -10.597 11.759  1.00 0.00 ? 137 ASN A HD21 1 
ATOM 1542 H HD22 . ASN A 1 95  ? 8.096   -10.134 13.371  1.00 0.00 ? 137 ASN A HD22 1 
ATOM 1543 N N    . SER A 1 96  ? 6.793   -13.974 9.162   1.00 0.00 ? 138 SER A N    1 
ATOM 1544 C CA   . SER A 1 96  ? 6.430   -14.862 8.022   1.00 0.00 ? 138 SER A CA   1 
ATOM 1545 C C    . SER A 1 96  ? 7.184   -14.412 6.761   1.00 0.00 ? 138 SER A C    1 
ATOM 1546 O O    . SER A 1 96  ? 6.588   -13.850 5.865   1.00 0.00 ? 138 SER A O    1 
ATOM 1547 C CB   . SER A 1 96  ? 4.924   -14.772 7.775   1.00 0.00 ? 138 SER A CB   1 
ATOM 1548 O OG   . SER A 1 96  ? 4.239   -15.487 8.796   1.00 0.00 ? 138 SER A OG   1 
ATOM 1549 H H    . SER A 1 96  ? 7.084   -14.362 10.013  1.00 0.00 ? 138 SER A H    1 
ATOM 1550 H HA   . SER A 1 96  ? 6.693   -15.882 8.261   1.00 0.00 ? 138 SER A HA   1 
ATOM 1551 H HB2  . SER A 1 96  ? 4.615   -13.741 7.798   1.00 0.00 ? 138 SER A HB2  1 
ATOM 1552 H HB3  . SER A 1 96  ? 4.692   -15.195 6.808   1.00 0.00 ? 138 SER A HB3  1 
ATOM 1553 H HG   . SER A 1 96  ? 4.895   -15.895 9.366   1.00 0.00 ? 138 SER A HG   1 
ATOM 1554 N N    . PRO A 1 97  ? 8.477   -14.662 6.728   1.00 0.00 ? 139 PRO A N    1 
ATOM 1555 C CA   . PRO A 1 97  ? 9.317   -14.273 5.576   1.00 0.00 ? 139 PRO A CA   1 
ATOM 1556 C C    . PRO A 1 97  ? 9.011   -15.176 4.361   1.00 0.00 ? 139 PRO A C    1 
ATOM 1557 O O    . PRO A 1 97  ? 9.904   -15.634 3.676   1.00 0.00 ? 139 PRO A O    1 
ATOM 1558 C CB   . PRO A 1 97  ? 10.772  -14.469 6.076   1.00 0.00 ? 139 PRO A CB   1 
ATOM 1559 C CG   . PRO A 1 97  ? 10.698  -15.192 7.454   1.00 0.00 ? 139 PRO A CG   1 
ATOM 1560 C CD   . PRO A 1 97  ? 9.206   -15.327 7.829   1.00 0.00 ? 139 PRO A CD   1 
ATOM 1561 H HA   . PRO A 1 97  ? 9.149   -13.239 5.323   1.00 0.00 ? 139 PRO A HA   1 
ATOM 1562 H HB2  . PRO A 1 97  ? 11.343  -15.064 5.375   1.00 0.00 ? 139 PRO A HB2  1 
ATOM 1563 H HB3  . PRO A 1 97  ? 11.249  -13.506 6.202   1.00 0.00 ? 139 PRO A HB3  1 
ATOM 1564 H HG2  . PRO A 1 97  ? 11.154  -16.173 7.380   1.00 0.00 ? 139 PRO A HG2  1 
ATOM 1565 H HG3  . PRO A 1 97  ? 11.212  -14.610 8.207   1.00 0.00 ? 139 PRO A HG3  1 
ATOM 1566 H HD2  . PRO A 1 97  ? 8.926   -16.372 7.887   1.00 0.00 ? 139 PRO A HD2  1 
ATOM 1567 H HD3  . PRO A 1 97  ? 8.999   -14.831 8.764   1.00 0.00 ? 139 PRO A HD3  1 
ATOM 1568 N N    . PHE A 1 98  ? 7.755   -15.428 4.081   1.00 0.00 ? 140 PHE A N    1 
ATOM 1569 C CA   . PHE A 1 98  ? 7.406   -16.293 2.909   1.00 0.00 ? 140 PHE A CA   1 
ATOM 1570 C C    . PHE A 1 98  ? 6.131   -15.766 2.237   1.00 0.00 ? 140 PHE A C    1 
ATOM 1571 O O    . PHE A 1 98  ? 5.606   -16.371 1.323   1.00 0.00 ? 140 PHE A O    1 
ATOM 1572 C CB   . PHE A 1 98  ? 7.191   -17.739 3.385   1.00 0.00 ? 140 PHE A CB   1 
ATOM 1573 C CG   . PHE A 1 98  ? 5.871   -17.864 4.113   1.00 0.00 ? 140 PHE A CG   1 
ATOM 1574 C CD1  . PHE A 1 98  ? 5.799   -17.603 5.495   1.00 0.00 ? 140 PHE A CD1  1 
ATOM 1575 C CD2  . PHE A 1 98  ? 4.713   -18.244 3.407   1.00 0.00 ? 140 PHE A CD2  1 
ATOM 1576 C CE1  . PHE A 1 98  ? 4.568   -17.720 6.170   1.00 0.00 ? 140 PHE A CE1  1 
ATOM 1577 C CE2  . PHE A 1 98  ? 3.484   -18.361 4.082   1.00 0.00 ? 140 PHE A CE2  1 
ATOM 1578 C CZ   . PHE A 1 98  ? 3.409   -18.100 5.462   1.00 0.00 ? 140 PHE A CZ   1 
ATOM 1579 H H    . PHE A 1 98  ? 7.044   -15.050 4.637   1.00 0.00 ? 140 PHE A H    1 
ATOM 1580 H HA   . PHE A 1 98  ? 8.211   -16.273 2.187   1.00 0.00 ? 140 PHE A HA   1 
ATOM 1581 H HB2  . PHE A 1 98  ? 7.190   -18.399 2.531   1.00 0.00 ? 140 PHE A HB2  1 
ATOM 1582 H HB3  . PHE A 1 98  ? 7.994   -18.018 4.051   1.00 0.00 ? 140 PHE A HB3  1 
ATOM 1583 H HD1  . PHE A 1 98  ? 6.686   -17.312 6.037   1.00 0.00 ? 140 PHE A HD1  1 
ATOM 1584 H HD2  . PHE A 1 98  ? 4.769   -18.444 2.348   1.00 0.00 ? 140 PHE A HD2  1 
ATOM 1585 H HE1  . PHE A 1 98  ? 4.511   -17.520 7.230   1.00 0.00 ? 140 PHE A HE1  1 
ATOM 1586 H HE2  . PHE A 1 98  ? 2.595   -18.652 3.539   1.00 0.00 ? 140 PHE A HE2  1 
ATOM 1587 H HZ   . PHE A 1 98  ? 2.465   -18.190 5.980   1.00 0.00 ? 140 PHE A HZ   1 
ATOM 1588 N N    . LEU A 1 99  ? 5.631   -14.643 2.678   1.00 0.00 ? 141 LEU A N    1 
ATOM 1589 C CA   . LEU A 1 99  ? 4.395   -14.084 2.058   1.00 0.00 ? 141 LEU A CA   1 
ATOM 1590 C C    . LEU A 1 99  ? 4.765   -13.339 0.772   1.00 0.00 ? 141 LEU A C    1 
ATOM 1591 O O    . LEU A 1 99  ? 4.113   -13.471 -0.242  1.00 0.00 ? 141 LEU A O    1 
ATOM 1592 C CB   . LEU A 1 99  ? 3.719   -13.111 3.028   1.00 0.00 ? 141 LEU A CB   1 
ATOM 1593 C CG   . LEU A 1 99  ? 3.572   -13.759 4.409   1.00 0.00 ? 141 LEU A CG   1 
ATOM 1594 C CD1  . LEU A 1 99  ? 3.034   -12.723 5.399   1.00 0.00 ? 141 LEU A CD1  1 
ATOM 1595 C CD2  . LEU A 1 99  ? 2.601   -14.943 4.327   1.00 0.00 ? 141 LEU A CD2  1 
ATOM 1596 H H    . LEU A 1 99  ? 6.069   -14.167 3.414   1.00 0.00 ? 141 LEU A H    1 
ATOM 1597 H HA   . LEU A 1 99  ? 3.713   -14.888 1.820   1.00 0.00 ? 141 LEU A HA   1 
ATOM 1598 H HB2  . LEU A 1 99  ? 4.320   -12.217 3.114   1.00 0.00 ? 141 LEU A HB2  1 
ATOM 1599 H HB3  . LEU A 1 99  ? 2.743   -12.852 2.651   1.00 0.00 ? 141 LEU A HB3  1 
ATOM 1600 H HG   . LEU A 1 99  ? 4.539   -14.105 4.745   1.00 0.00 ? 141 LEU A HG   1 
ATOM 1601 H HD11 . LEU A 1 99  ? 2.110   -12.309 5.022   1.00 0.00 ? 141 LEU A HD11 1 
ATOM 1602 H HD12 . LEU A 1 99  ? 2.853   -13.195 6.354   1.00 0.00 ? 141 LEU A HD12 1 
ATOM 1603 H HD13 . LEU A 1 99  ? 3.758   -11.931 5.522   1.00 0.00 ? 141 LEU A HD13 1 
ATOM 1604 H HD21 . LEU A 1 99  ? 1.747   -14.671 3.725   1.00 0.00 ? 141 LEU A HD21 1 
ATOM 1605 H HD22 . LEU A 1 99  ? 3.101   -15.788 3.878   1.00 0.00 ? 141 LEU A HD22 1 
ATOM 1606 H HD23 . LEU A 1 99  ? 2.271   -15.210 5.320   1.00 0.00 ? 141 LEU A HD23 1 
ATOM 1607 N N    . LEU A 1 100 ? 5.806   -12.556 0.810   1.00 0.00 ? 142 LEU A N    1 
ATOM 1608 C CA   . LEU A 1 100 ? 6.218   -11.804 -0.406  1.00 0.00 ? 142 LEU A CA   1 
ATOM 1609 C C    . LEU A 1 100 ? 6.284   -12.758 -1.601  1.00 0.00 ? 142 LEU A C    1 
ATOM 1610 O O    . LEU A 1 100 ? 5.731   -12.494 -2.649  1.00 0.00 ? 142 LEU A O    1 
ATOM 1611 C CB   . LEU A 1 100 ? 7.598   -11.186 -0.175  1.00 0.00 ? 142 LEU A CB   1 
ATOM 1612 C CG   . LEU A 1 100 ? 7.619   -10.441 1.164   1.00 0.00 ? 142 LEU A CG   1 
ATOM 1613 C CD1  . LEU A 1 100 ? 8.945   -9.688  1.302   1.00 0.00 ? 142 LEU A CD1  1 
ATOM 1614 C CD2  . LEU A 1 100 ? 6.454   -9.444  1.225   1.00 0.00 ? 142 LEU A CD2  1 
ATOM 1615 H H    . LEU A 1 100 ? 6.320   -12.461 1.638   1.00 0.00 ? 142 LEU A H    1 
ATOM 1616 H HA   . LEU A 1 100 ? 5.502   -11.023 -0.611  1.00 0.00 ? 142 LEU A HA   1 
ATOM 1617 H HB2  . LEU A 1 100 ? 8.342   -11.971 -0.161  1.00 0.00 ? 142 LEU A HB2  1 
ATOM 1618 H HB3  . LEU A 1 100 ? 7.819   -10.498 -0.971  1.00 0.00 ? 142 LEU A HB3  1 
ATOM 1619 H HG   . LEU A 1 100 ? 7.529   -11.154 1.972   1.00 0.00 ? 142 LEU A HG   1 
ATOM 1620 H HD11 . LEU A 1 100 ? 9.054   -8.999  0.476   1.00 0.00 ? 142 LEU A HD11 1 
ATOM 1621 H HD12 . LEU A 1 100 ? 8.953   -9.139  2.232   1.00 0.00 ? 142 LEU A HD12 1 
ATOM 1622 H HD13 . LEU A 1 100 ? 9.762   -10.393 1.292   1.00 0.00 ? 142 LEU A HD13 1 
ATOM 1623 H HD21 . LEU A 1 100 ? 6.345   -8.953  0.269   1.00 0.00 ? 142 LEU A HD21 1 
ATOM 1624 H HD22 . LEU A 1 100 ? 5.542   -9.970  1.465   1.00 0.00 ? 142 LEU A HD22 1 
ATOM 1625 H HD23 . LEU A 1 100 ? 6.649   -8.704  1.989   1.00 0.00 ? 142 LEU A HD23 1 
ATOM 1626 N N    . ASP A 1 101 ? 6.964   -13.859 -1.450  1.00 0.00 ? 143 ASP A N    1 
ATOM 1627 C CA   . ASP A 1 101 ? 7.077   -14.830 -2.574  1.00 0.00 ? 143 ASP A CA   1 
ATOM 1628 C C    . ASP A 1 101 ? 5.761   -15.603 -2.727  1.00 0.00 ? 143 ASP A C    1 
ATOM 1629 O O    . ASP A 1 101 ? 5.730   -16.816 -2.652  1.00 0.00 ? 143 ASP A O    1 
ATOM 1630 C CB   . ASP A 1 101 ? 8.212   -15.812 -2.286  1.00 0.00 ? 143 ASP A CB   1 
ATOM 1631 C CG   . ASP A 1 101 ? 8.568   -16.573 -3.565  1.00 0.00 ? 143 ASP A CG   1 
ATOM 1632 O OD1  . ASP A 1 101 ? 7.911   -17.562 -3.845  1.00 0.00 ? 143 ASP A OD1  1 
ATOM 1633 O OD2  . ASP A 1 101 ? 9.490   -16.153 -4.243  1.00 0.00 ? 143 ASP A OD2  1 
ATOM 1634 H H    . ASP A 1 101 ? 7.408   -14.045 -0.599  1.00 0.00 ? 143 ASP A H    1 
ATOM 1635 H HA   . ASP A 1 101 ? 7.287   -14.296 -3.487  1.00 0.00 ? 143 ASP A HA   1 
ATOM 1636 H HB2  . ASP A 1 101 ? 9.078   -15.268 -1.937  1.00 0.00 ? 143 ASP A HB2  1 
ATOM 1637 H HB3  . ASP A 1 101 ? 7.898   -16.514 -1.529  1.00 0.00 ? 143 ASP A HB3  1 
ATOM 1638 N N    . GLN A 1 102 ? 4.674   -14.912 -2.948  1.00 0.00 ? 144 GLN A N    1 
ATOM 1639 C CA   . GLN A 1 102 ? 3.367   -15.606 -3.112  1.00 0.00 ? 144 GLN A CA   1 
ATOM 1640 C C    . GLN A 1 102 ? 2.390   -14.674 -3.830  1.00 0.00 ? 144 GLN A C    1 
ATOM 1641 O O    . GLN A 1 102 ? 1.590   -15.100 -4.639  1.00 0.00 ? 144 GLN A O    1 
ATOM 1642 C CB   . GLN A 1 102 ? 2.806   -15.973 -1.737  1.00 0.00 ? 144 GLN A CB   1 
ATOM 1643 C CG   . GLN A 1 102 ? 1.466   -16.689 -1.911  1.00 0.00 ? 144 GLN A CG   1 
ATOM 1644 C CD   . GLN A 1 102 ? 1.069   -17.359 -0.595  1.00 0.00 ? 144 GLN A CD   1 
ATOM 1645 O OE1  . GLN A 1 102 ? 0.079   -18.062 -0.532  1.00 0.00 ? 144 GLN A OE1  1 
ATOM 1646 N NE2  . GLN A 1 102 ? 1.804   -17.171 0.466   1.00 0.00 ? 144 GLN A NE2  1 
ATOM 1647 H H    . GLN A 1 102 ? 4.719   -13.938 -3.009  1.00 0.00 ? 144 GLN A H    1 
ATOM 1648 H HA   . GLN A 1 102 ? 3.506   -16.502 -3.697  1.00 0.00 ? 144 GLN A HA   1 
ATOM 1649 H HB2  . GLN A 1 102 ? 3.500   -16.627 -1.227  1.00 0.00 ? 144 GLN A HB2  1 
ATOM 1650 H HB3  . GLN A 1 102 ? 2.660   -15.078 -1.155  1.00 0.00 ? 144 GLN A HB3  1 
ATOM 1651 H HG2  . GLN A 1 102 ? 0.711   -15.968 -2.193  1.00 0.00 ? 144 GLN A HG2  1 
ATOM 1652 H HG3  . GLN A 1 102 ? 1.556   -17.437 -2.684  1.00 0.00 ? 144 GLN A HG3  1 
ATOM 1653 H HE21 . GLN A 1 102 ? 2.602   -16.604 0.416   1.00 0.00 ? 144 GLN A HE21 1 
ATOM 1654 H HE22 . GLN A 1 102 ? 1.557   -17.596 1.314   1.00 0.00 ? 144 GLN A HE22 1 
ATOM 1655 N N    . ILE A 1 103 ? 2.452   -13.404 -3.541  1.00 0.00 ? 145 ILE A N    1 
ATOM 1656 C CA   . ILE A 1 103 ? 1.532   -12.440 -4.206  1.00 0.00 ? 145 ILE A CA   1 
ATOM 1657 C C    . ILE A 1 103 ? 2.056   -12.128 -5.609  1.00 0.00 ? 145 ILE A C    1 
ATOM 1658 O O    . ILE A 1 103 ? 3.193   -11.739 -5.785  1.00 0.00 ? 145 ILE A O    1 
ATOM 1659 C CB   . ILE A 1 103 ? 1.467   -11.146 -3.383  1.00 0.00 ? 145 ILE A CB   1 
ATOM 1660 C CG1  . ILE A 1 103 ? 0.813   -11.434 -2.013  1.00 0.00 ? 145 ILE A CG1  1 
ATOM 1661 C CG2  . ILE A 1 103 ? 0.643   -10.102 -4.150  1.00 0.00 ? 145 ILE A CG2  1 
ATOM 1662 C CD1  . ILE A 1 103 ? 1.299   -10.416 -0.968  1.00 0.00 ? 145 ILE A CD1  1 
ATOM 1663 H H    . ILE A 1 103 ? 3.106   -13.083 -2.886  1.00 0.00 ? 145 ILE A H    1 
ATOM 1664 H HA   . ILE A 1 103 ? 0.544   -12.872 -4.276  1.00 0.00 ? 145 ILE A HA   1 
ATOM 1665 H HB   . ILE A 1 103 ? 2.470   -10.770 -3.238  1.00 0.00 ? 145 ILE A HB   1 
ATOM 1666 H HG12 . ILE A 1 103 ? -0.263  -11.367 -2.101  1.00 0.00 ? 145 ILE A HG12 1 
ATOM 1667 H HG13 . ILE A 1 103 ? 1.080   -12.429 -1.684  1.00 0.00 ? 145 ILE A HG13 1 
ATOM 1668 H HG21 . ILE A 1 103 ? -0.245  -10.566 -4.551  1.00 0.00 ? 145 ILE A HG21 1 
ATOM 1669 H HG22 . ILE A 1 103 ? 0.359   -9.302  -3.483  1.00 0.00 ? 145 ILE A HG22 1 
ATOM 1670 H HG23 . ILE A 1 103 ? 1.236   -9.699  -4.958  1.00 0.00 ? 145 ILE A HG23 1 
ATOM 1671 H HD11 . ILE A 1 103 ? 1.394   -9.442  -1.421  1.00 0.00 ? 145 ILE A HD11 1 
ATOM 1672 H HD12 . ILE A 1 103 ? 0.586   -10.367 -0.157  1.00 0.00 ? 145 ILE A HD12 1 
ATOM 1673 H HD13 . ILE A 1 103 ? 2.259   -10.728 -0.583  1.00 0.00 ? 145 ILE A HD13 1 
ATOM 1674 N N    . LYS A 1 104 ? 1.238   -12.298 -6.615  1.00 0.00 ? 146 LYS A N    1 
ATOM 1675 C CA   . LYS A 1 104 ? 1.691   -12.011 -8.009  1.00 0.00 ? 146 LYS A CA   1 
ATOM 1676 C C    . LYS A 1 104 ? 0.496   -11.565 -8.857  1.00 0.00 ? 146 LYS A C    1 
ATOM 1677 O O    . LYS A 1 104 ? -0.622  -11.499 -8.387  1.00 0.00 ? 146 LYS A O    1 
ATOM 1678 C CB   . LYS A 1 104 ? 2.331   -13.273 -8.614  1.00 0.00 ? 146 LYS A CB   1 
ATOM 1679 C CG   . LYS A 1 104 ? 1.260   -14.313 -8.983  1.00 0.00 ? 146 LYS A CG   1 
ATOM 1680 C CD   . LYS A 1 104 ? 0.332   -14.562 -7.790  1.00 0.00 ? 146 LYS A CD   1 
ATOM 1681 C CE   . LYS A 1 104 ? -0.461  -15.850 -8.018  1.00 0.00 ? 146 LYS A CE   1 
ATOM 1682 N NZ   . LYS A 1 104 ? -1.306  -16.133 -6.824  1.00 0.00 ? 146 LYS A NZ   1 
ATOM 1683 H H    . LYS A 1 104 ? 0.325   -12.613 -6.453  1.00 0.00 ? 146 LYS A H    1 
ATOM 1684 H HA   . LYS A 1 104 ? 2.424   -11.216 -7.992  1.00 0.00 ? 146 LYS A HA   1 
ATOM 1685 H HB2  . LYS A 1 104 ? 2.881   -13.001 -9.502  1.00 0.00 ? 146 LYS A HB2  1 
ATOM 1686 H HB3  . LYS A 1 104 ? 3.010   -13.705 -7.894  1.00 0.00 ? 146 LYS A HB3  1 
ATOM 1687 H HG2  . LYS A 1 104 ? 0.681   -13.955 -9.823  1.00 0.00 ? 146 LYS A HG2  1 
ATOM 1688 H HG3  . LYS A 1 104 ? 1.744   -15.239 -9.255  1.00 0.00 ? 146 LYS A HG3  1 
ATOM 1689 H HD2  . LYS A 1 104 ? 0.921   -14.657 -6.889  1.00 0.00 ? 146 LYS A HD2  1 
ATOM 1690 H HD3  . LYS A 1 104 ? -0.355  -13.736 -7.688  1.00 0.00 ? 146 LYS A HD3  1 
ATOM 1691 H HE2  . LYS A 1 104 ? -1.092  -15.737 -8.888  1.00 0.00 ? 146 LYS A HE2  1 
ATOM 1692 H HE3  . LYS A 1 104 ? 0.224   -16.671 -8.176  1.00 0.00 ? 146 LYS A HE3  1 
ATOM 1693 H HZ1  . LYS A 1 104 ? -1.853  -15.283 -6.578  1.00 0.00 ? 146 LYS A HZ1  1 
ATOM 1694 H HZ2  . LYS A 1 104 ? -1.960  -16.912 -7.037  1.00 0.00 ? 146 LYS A HZ2  1 
ATOM 1695 H HZ3  . LYS A 1 104 ? -0.698  -16.399 -6.023  1.00 0.00 ? 146 LYS A HZ3  1 
ATOM 1696 N N    . ARG A 1 105 ? 0.726   -11.257 -10.104 1.00 0.00 ? 147 ARG A N    1 
ATOM 1697 C CA   . ARG A 1 105 ? -0.394  -10.814 -10.981 1.00 0.00 ? 147 ARG A CA   1 
ATOM 1698 C C    . ARG A 1 105 ? -1.318  -11.999 -11.267 1.00 0.00 ? 147 ARG A C    1 
ATOM 1699 O O    . ARG A 1 105 ? -1.167  -12.691 -12.254 1.00 0.00 ? 147 ARG A O    1 
ATOM 1700 C CB   . ARG A 1 105 ? 0.171   -10.279 -12.300 1.00 0.00 ? 147 ARG A CB   1 
ATOM 1701 C CG   . ARG A 1 105 ? -0.924  -9.523  -13.055 1.00 0.00 ? 147 ARG A CG   1 
ATOM 1702 C CD   . ARG A 1 105 ? -0.326  -8.862  -14.298 1.00 0.00 ? 147 ARG A CD   1 
ATOM 1703 N NE   . ARG A 1 105 ? -0.046  -9.900  -15.329 1.00 0.00 ? 147 ARG A NE   1 
ATOM 1704 C CZ   . ARG A 1 105 ? 0.183   -9.548  -16.564 1.00 0.00 ? 147 ARG A CZ   1 
ATOM 1705 N NH1  . ARG A 1 105 ? 0.166   -8.285  -16.897 1.00 0.00 ? 147 ARG A NH1  1 
ATOM 1706 N NH2  . ARG A 1 105 ? 0.428   -10.457 -17.468 1.00 0.00 ? 147 ARG A NH2  1 
ATOM 1707 H H    . ARG A 1 105 ? 1.634   -11.315 -10.464 1.00 0.00 ? 147 ARG A H    1 
ATOM 1708 H HA   . ARG A 1 105 ? -0.952  -10.033 -10.486 1.00 0.00 ? 147 ARG A HA   1 
ATOM 1709 H HB2  . ARG A 1 105 ? 0.994   -9.610  -12.091 1.00 0.00 ? 147 ARG A HB2  1 
ATOM 1710 H HB3  . ARG A 1 105 ? 0.518   -11.104 -12.903 1.00 0.00 ? 147 ARG A HB3  1 
ATOM 1711 H HG2  . ARG A 1 105 ? -1.700  -10.215 -13.353 1.00 0.00 ? 147 ARG A HG2  1 
ATOM 1712 H HG3  . ARG A 1 105 ? -1.346  -8.764  -12.416 1.00 0.00 ? 147 ARG A HG3  1 
ATOM 1713 H HD2  . ARG A 1 105 ? -1.026  -8.141  -14.694 1.00 0.00 ? 147 ARG A HD2  1 
ATOM 1714 H HD3  . ARG A 1 105 ? 0.593   -8.361  -14.032 1.00 0.00 ? 147 ARG A HD3  1 
ATOM 1715 H HE   . ARG A 1 105 ? -0.035  -10.847 -15.079 1.00 0.00 ? 147 ARG A HE   1 
ATOM 1716 H HH11 . ARG A 1 105 ? -0.022  -7.588  -16.204 1.00 0.00 ? 147 ARG A HH11 1 
ATOM 1717 H HH12 . ARG A 1 105 ? 0.343   -8.015  -17.843 1.00 0.00 ? 147 ARG A HH12 1 
ATOM 1718 H HH21 . ARG A 1 105 ? 0.440   -11.423 -17.213 1.00 0.00 ? 147 ARG A HH21 1 
ATOM 1719 H HH22 . ARG A 1 105 ? 0.604   -10.186 -18.414 1.00 0.00 ? 147 ARG A HH22 1 
ATOM 1720 N N    . LYS A 1 106 ? -2.277  -12.236 -10.411 1.00 0.00 ? 148 LYS A N    1 
ATOM 1721 C CA   . LYS A 1 106 ? -3.215  -13.369 -10.627 1.00 0.00 ? 148 LYS A CA   1 
ATOM 1722 C C    . LYS A 1 106 ? -2.433  -14.625 -11.030 1.00 0.00 ? 148 LYS A C    1 
ATOM 1723 O O    . LYS A 1 106 ? -2.151  -14.848 -12.190 1.00 0.00 ? 148 LYS A O    1 
ATOM 1724 C CB   . LYS A 1 106 ? -4.214  -12.988 -11.732 1.00 0.00 ? 148 LYS A CB   1 
ATOM 1725 C CG   . LYS A 1 106 ? -5.526  -13.777 -11.560 1.00 0.00 ? 148 LYS A CG   1 
ATOM 1726 C CD   . LYS A 1 106 ? -6.467  -13.034 -10.602 1.00 0.00 ? 148 LYS A CD   1 
ATOM 1727 C CE   . LYS A 1 106 ? -7.587  -13.976 -10.154 1.00 0.00 ? 148 LYS A CE   1 
ATOM 1728 N NZ   . LYS A 1 106 ? -8.150  -14.678 -11.342 1.00 0.00 ? 148 LYS A NZ   1 
ATOM 1729 H H    . LYS A 1 106 ? -2.384  -11.663 -9.628  1.00 0.00 ? 148 LYS A H    1 
ATOM 1730 H HA   . LYS A 1 106 ? -3.750  -13.564 -9.707  1.00 0.00 ? 148 LYS A HA   1 
ATOM 1731 H HB2  . LYS A 1 106 ? -4.417  -11.928 -11.677 1.00 0.00 ? 148 LYS A HB2  1 
ATOM 1732 H HB3  . LYS A 1 106 ? -3.786  -13.215 -12.700 1.00 0.00 ? 148 LYS A HB3  1 
ATOM 1733 H HG2  . LYS A 1 106 ? -6.006  -13.880 -12.520 1.00 0.00 ? 148 LYS A HG2  1 
ATOM 1734 H HG3  . LYS A 1 106 ? -5.308  -14.756 -11.160 1.00 0.00 ? 148 LYS A HG3  1 
ATOM 1735 H HD2  . LYS A 1 106 ? -5.912  -12.698 -9.738  1.00 0.00 ? 148 LYS A HD2  1 
ATOM 1736 H HD3  . LYS A 1 106 ? -6.896  -12.183 -11.106 1.00 0.00 ? 148 LYS A HD3  1 
ATOM 1737 H HE2  . LYS A 1 106 ? -7.190  -14.703 -9.461  1.00 0.00 ? 148 LYS A HE2  1 
ATOM 1738 H HE3  . LYS A 1 106 ? -8.365  -13.405 -9.670  1.00 0.00 ? 148 LYS A HE3  1 
ATOM 1739 H HZ1  . LYS A 1 106 ? -8.137  -14.038 -12.161 1.00 0.00 ? 148 LYS A HZ1  1 
ATOM 1740 H HZ2  . LYS A 1 106 ? -7.575  -15.518 -11.552 1.00 0.00 ? 148 LYS A HZ2  1 
ATOM 1741 H HZ3  . LYS A 1 106 ? -9.129  -14.967 -11.140 1.00 0.00 ? 148 LYS A HZ3  1 
# 
